data_9MDT
#
_entry.id   9MDT
#
_cell.length_a   87.109
_cell.length_b   87.109
_cell.length_c   478.237
_cell.angle_alpha   90.00
_cell.angle_beta   90.00
_cell.angle_gamma   90.00
#
_symmetry.space_group_name_H-M   'P 43 21 2'
#
loop_
_entity.id
_entity.type
_entity.pdbx_description
1 polymer 'Pyrophosphate--fructose 6-phosphate 1-phosphotransferase 1'
2 non-polymer "ADENOSINE-5'-TRIPHOSPHATE"
3 non-polymer PYROPHOSPHATE
4 non-polymer 'ADENOSINE MONOPHOSPHATE'
5 non-polymer 'PHOSPHATE ION'
6 non-polymer 'CHLORIDE ION'
7 water water
#
_entity_poly.entity_id   1
_entity_poly.type   'polypeptide(L)'
_entity_poly.pdbx_seq_one_letter_code
;MAHHHHHHMSTEAPVLGILCGGGPAPGLNGVIAGATLYALRLGWKVIGFMEGFKYLCTGDVDVVKAHTIDLTYDIVSRIH
FQGGTIIQTSRANPRKSPELQENVRKCLRALKVRYFLTIGGDDTASSAVSVASGMNGNEISVISCPKTIDNDLPLPADQS
TFGFHTARSLGMEIIRNLMVDSKSAPRWFLVEAMGRSAGHLALGMAEASGAHLCLIPEEFKQDEIEFEDVVELVEATILK
RLAYGKNYGVCVLAEGLVSKMSKKALYKLFGNREPPTDPHGHILLDDAELARSLSEELLKRLGNLGIRITPKKIGYELRC
ADPVAFDAVYTRELGYGAIDAFLNGHSAALIVRENGQVKPVQFKDLLDPATGRVRTRLVDVTSQSFKVARVYMWRMSKKD
YENKDLVARVAAAGKMTPEAFTEKFAHLTDVVVE
;
_entity_poly.pdbx_strand_id   A,B,C,D
#
# COMPACT_ATOMS: atom_id res chain seq x y z
N ALA A 13 17.37 19.96 35.32
CA ALA A 13 17.41 18.68 34.62
C ALA A 13 18.36 18.76 33.42
N PRO A 14 19.03 17.65 33.10
CA PRO A 14 19.96 17.66 31.96
C PRO A 14 19.23 17.90 30.65
N VAL A 15 19.92 18.55 29.72
CA VAL A 15 19.36 18.96 28.45
C VAL A 15 19.92 18.05 27.36
N LEU A 16 19.02 17.38 26.63
CA LEU A 16 19.39 16.61 25.46
C LEU A 16 18.95 17.39 24.23
N GLY A 17 19.90 17.66 23.34
CA GLY A 17 19.63 18.34 22.07
C GLY A 17 19.80 17.35 20.92
N ILE A 18 18.86 17.38 19.98
CA ILE A 18 18.83 16.41 18.89
C ILE A 18 18.76 17.17 17.57
N LEU A 19 19.48 16.67 16.58
CA LEU A 19 19.39 17.23 15.23
C LEU A 19 19.56 16.11 14.21
N CYS A 20 19.13 16.41 12.98
CA CYS A 20 19.25 15.49 11.86
C CYS A 20 20.14 16.15 10.80
N GLY A 21 21.01 15.35 10.19
CA GLY A 21 21.87 15.85 9.13
C GLY A 21 21.84 14.93 7.93
N GLY A 22 22.11 15.52 6.77
CA GLY A 22 22.09 14.78 5.53
C GLY A 22 20.69 14.65 4.96
N GLY A 23 20.58 13.86 3.91
CA GLY A 23 19.31 13.64 3.25
C GLY A 23 18.43 12.71 4.07
N PRO A 24 17.13 12.98 4.11
CA PRO A 24 16.28 12.20 5.00
C PRO A 24 16.28 10.71 4.63
N ALA A 25 15.94 9.89 5.61
CA ALA A 25 15.72 8.46 5.42
C ALA A 25 14.55 8.05 6.31
N PRO A 26 13.76 7.07 5.87
CA PRO A 26 12.64 6.61 6.71
C PRO A 26 13.12 6.08 8.04
N GLY A 27 12.52 6.57 9.11
CA GLY A 27 12.86 6.16 10.45
C GLY A 27 13.53 7.23 11.29
N LEU A 28 13.87 8.38 10.70
CA LEU A 28 14.42 9.48 11.47
C LEU A 28 13.52 9.80 12.67
N ASN A 29 12.21 9.91 12.44
CA ASN A 29 11.29 10.17 13.53
C ASN A 29 11.29 9.06 14.56
N GLY A 30 11.56 7.82 14.12
CA GLY A 30 11.66 6.72 15.06
C GLY A 30 12.80 6.88 16.04
N VAL A 31 13.94 7.39 15.54
CA VAL A 31 15.07 7.65 16.43
C VAL A 31 14.74 8.80 17.39
N ILE A 32 14.14 9.87 16.87
CA ILE A 32 13.81 11.00 17.72
C ILE A 32 12.85 10.58 18.83
N ALA A 33 11.86 9.76 18.49
CA ALA A 33 10.86 9.37 19.49
C ALA A 33 11.41 8.35 20.48
N GLY A 34 12.24 7.42 20.02
CA GLY A 34 12.85 6.49 20.94
C GLY A 34 13.73 7.17 21.96
N ALA A 35 14.54 8.12 21.51
CA ALA A 35 15.41 8.86 22.42
C ALA A 35 14.62 9.81 23.30
N THR A 36 13.63 10.50 22.73
CA THR A 36 12.89 11.52 23.47
C THR A 36 11.99 10.89 24.53
N LEU A 37 11.19 9.90 24.15
CA LEU A 37 10.27 9.29 25.10
C LEU A 37 11.02 8.71 26.30
N TYR A 38 12.11 7.98 26.03
CA TYR A 38 12.88 7.41 27.13
C TYR A 38 13.51 8.50 27.98
N ALA A 39 14.01 9.56 27.33
CA ALA A 39 14.62 10.65 28.09
C ALA A 39 13.61 11.36 28.97
N LEU A 40 12.36 11.46 28.50
CA LEU A 40 11.34 12.11 29.31
C LEU A 40 10.97 11.26 30.53
N ARG A 41 11.05 9.93 30.41
CA ARG A 41 10.83 9.07 31.56
C ARG A 41 11.96 9.20 32.58
N LEU A 42 13.15 9.62 32.13
CA LEU A 42 14.26 9.90 33.03
C LEU A 42 14.19 11.30 33.63
N GLY A 43 13.24 12.12 33.21
CA GLY A 43 13.13 13.47 33.71
C GLY A 43 13.92 14.50 32.94
N TRP A 44 14.54 14.12 31.84
CA TRP A 44 15.35 15.03 31.06
C TRP A 44 14.49 16.04 30.30
N LYS A 45 15.11 17.16 29.95
CA LYS A 45 14.54 18.14 29.03
C LYS A 45 15.13 17.87 27.64
N VAL A 46 14.27 17.84 26.63
CA VAL A 46 14.68 17.50 25.26
C VAL A 46 14.33 18.65 24.34
N ILE A 47 15.30 19.06 23.51
CA ILE A 47 15.11 20.10 22.50
C ILE A 47 15.61 19.56 21.17
N GLY A 48 15.03 20.09 20.08
CA GLY A 48 15.43 19.70 18.75
C GLY A 48 15.84 20.88 17.88
N PHE A 49 17.04 20.81 17.31
CA PHE A 49 17.53 21.85 16.42
C PHE A 49 16.97 21.63 15.02
N MET A 50 16.35 22.68 14.45
CA MET A 50 15.78 22.59 13.12
C MET A 50 16.86 22.72 12.07
N GLU A 51 16.77 21.87 11.05
CA GLU A 51 17.67 21.94 9.88
C GLU A 51 19.12 21.67 10.26
N GLY A 52 19.32 20.63 11.06
CA GLY A 52 20.67 20.15 11.31
C GLY A 52 21.58 21.21 11.91
N PHE A 53 22.80 21.29 11.37
CA PHE A 53 23.81 22.23 11.83
C PHE A 53 23.70 23.61 11.19
N LYS A 54 22.69 23.85 10.35
CA LYS A 54 22.66 25.08 9.56
C LYS A 54 22.77 26.31 10.45
N TYR A 55 21.97 26.38 11.51
CA TYR A 55 21.96 27.55 12.37
C TYR A 55 23.02 27.50 13.45
N LEU A 56 23.40 26.30 13.90
CA LEU A 56 24.50 26.20 14.85
C LEU A 56 25.82 26.64 14.23
N CYS A 57 25.94 26.54 12.91
CA CYS A 57 27.16 26.95 12.21
C CYS A 57 27.32 28.46 12.16
N THR A 58 26.23 29.22 12.29
CA THR A 58 26.33 30.66 12.20
C THR A 58 27.11 31.24 13.37
N GLY A 59 27.01 30.61 14.55
CA GLY A 59 27.56 31.17 15.76
C GLY A 59 26.68 32.19 16.42
N ASP A 60 25.63 32.65 15.75
CA ASP A 60 24.69 33.60 16.33
C ASP A 60 23.70 32.81 17.18
N VAL A 61 23.79 32.96 18.50
CA VAL A 61 22.93 32.18 19.38
C VAL A 61 21.48 32.60 19.25
N ASP A 62 21.23 33.86 18.87
CA ASP A 62 19.86 34.31 18.71
C ASP A 62 19.16 33.59 17.57
N VAL A 63 19.85 33.40 16.45
CA VAL A 63 19.25 32.70 15.32
C VAL A 63 18.99 31.25 15.66
N VAL A 64 19.92 30.60 16.35
CA VAL A 64 19.74 29.20 16.74
C VAL A 64 18.49 29.05 17.60
N LYS A 65 18.30 29.95 18.57
CA LYS A 65 17.17 29.86 19.47
C LYS A 65 15.84 29.95 18.72
N ALA A 66 15.81 30.76 17.66
CA ALA A 66 14.59 30.88 16.85
C ALA A 66 14.26 29.62 16.08
N HIS A 67 15.22 28.70 15.95
CA HIS A 67 15.04 27.46 15.22
C HIS A 67 15.33 26.25 16.10
N THR A 68 14.86 26.30 17.34
CA THR A 68 14.82 25.14 18.22
C THR A 68 13.43 25.01 18.80
N ILE A 69 13.00 23.77 19.02
CA ILE A 69 11.68 23.50 19.56
C ILE A 69 11.81 22.55 20.73
N ASP A 70 10.82 22.56 21.61
CA ASP A 70 10.78 21.65 22.75
C ASP A 70 10.15 20.33 22.31
N LEU A 71 10.91 19.25 22.41
CA LEU A 71 10.45 17.91 22.04
C LEU A 71 9.72 17.31 23.23
N THR A 72 8.40 17.44 23.24
CA THR A 72 7.56 16.97 24.32
C THR A 72 6.95 15.61 24.01
N TYR A 73 6.31 15.02 25.01
CA TYR A 73 5.63 13.74 24.80
C TYR A 73 4.61 13.84 23.68
N ASP A 74 3.75 14.86 23.73
CA ASP A 74 2.69 14.97 22.74
C ASP A 74 3.25 15.09 21.33
N ILE A 75 4.42 15.74 21.19
CA ILE A 75 4.98 15.94 19.87
C ILE A 75 5.43 14.61 19.27
N VAL A 76 6.02 13.73 20.09
CA VAL A 76 6.72 12.55 19.58
C VAL A 76 5.97 11.25 19.81
N SER A 77 4.84 11.26 20.52
CA SER A 77 4.24 10.01 20.96
C SER A 77 3.84 9.10 19.80
N ARG A 78 3.60 9.67 18.61
CA ARG A 78 3.13 8.86 17.49
C ARG A 78 3.84 9.18 16.17
N ILE A 79 5.01 9.83 16.22
CA ILE A 79 5.74 10.11 14.99
C ILE A 79 6.51 8.91 14.48
N HIS A 80 6.53 7.80 15.22
CA HIS A 80 7.19 6.59 14.72
C HIS A 80 6.46 5.99 13.51
N PHE A 81 5.23 6.42 13.24
CA PHE A 81 4.53 6.00 12.04
C PHE A 81 4.91 6.83 10.82
N GLN A 82 5.62 7.95 11.00
CA GLN A 82 5.73 8.97 9.98
C GLN A 82 7.13 8.97 9.37
N GLY A 83 7.19 9.03 8.04
CA GLY A 83 8.42 9.34 7.35
C GLY A 83 8.79 10.81 7.49
N GLY A 84 10.00 11.13 7.03
CA GLY A 84 10.50 12.48 7.18
C GLY A 84 11.10 12.70 8.56
N THR A 85 11.27 13.98 8.90
CA THR A 85 11.78 14.37 10.21
C THR A 85 11.08 15.66 10.64
N ILE A 86 10.50 15.63 11.84
CA ILE A 86 9.76 16.80 12.31
C ILE A 86 10.67 17.98 12.60
N ILE A 87 11.96 17.74 12.83
CA ILE A 87 12.92 18.83 13.05
C ILE A 87 13.73 19.11 11.80
N GLN A 88 13.31 18.60 10.65
CA GLN A 88 13.97 18.88 9.37
C GLN A 88 15.43 18.46 9.39
N THR A 89 16.15 18.73 8.31
CA THR A 89 17.54 18.31 8.19
C THR A 89 18.25 19.24 7.22
N SER A 90 19.59 19.17 7.26
CA SER A 90 20.42 19.96 6.36
C SER A 90 21.77 19.30 6.22
N ARG A 91 22.48 19.65 5.14
CA ARG A 91 23.84 19.20 4.93
C ARG A 91 24.87 20.24 5.39
N ALA A 92 24.44 21.27 6.11
CA ALA A 92 25.36 22.24 6.70
C ALA A 92 26.43 21.50 7.49
N ASN A 93 27.68 21.86 7.25
CA ASN A 93 28.83 21.07 7.68
C ASN A 93 29.85 21.93 8.40
N PRO A 94 29.99 21.81 9.72
CA PRO A 94 30.97 22.65 10.43
C PRO A 94 32.40 22.13 10.39
N ARG A 95 32.64 20.88 9.96
CA ARG A 95 33.98 20.33 10.00
C ARG A 95 34.93 21.02 9.03
N LYS A 96 34.42 21.68 7.99
CA LYS A 96 35.29 22.23 6.96
C LYS A 96 36.13 23.39 7.46
N SER A 97 35.62 24.17 8.42
CA SER A 97 36.31 25.35 8.89
C SER A 97 36.43 25.26 10.42
N PRO A 98 37.61 25.56 10.98
CA PRO A 98 37.70 25.58 12.45
C PRO A 98 36.93 26.72 13.08
N GLU A 99 36.70 27.82 12.34
CA GLU A 99 35.87 28.89 12.86
C GLU A 99 34.43 28.43 13.04
N LEU A 100 33.93 27.62 12.09
CA LEU A 100 32.57 27.09 12.20
C LEU A 100 32.45 26.09 13.34
N GLN A 101 33.48 25.26 13.54
CA GLN A 101 33.46 24.30 14.63
C GLN A 101 33.33 25.01 15.98
N GLU A 102 33.98 26.17 16.12
CA GLU A 102 33.88 26.91 17.37
C GLU A 102 32.52 27.61 17.49
N ASN A 103 31.90 27.94 16.36
CA ASN A 103 30.55 28.48 16.41
C ASN A 103 29.55 27.44 16.91
N VAL A 104 29.70 26.19 16.49
CA VAL A 104 28.79 25.15 16.94
C VAL A 104 28.96 24.90 18.44
N ARG A 105 30.21 24.81 18.90
CA ARG A 105 30.46 24.62 20.33
C ARG A 105 29.95 25.80 21.13
N LYS A 106 30.05 27.01 20.58
CA LYS A 106 29.59 28.19 21.31
C LYS A 106 28.09 28.16 21.53
N CYS A 107 27.32 27.74 20.52
CA CYS A 107 25.87 27.72 20.66
C CYS A 107 25.43 26.60 21.59
N LEU A 108 26.10 25.44 21.52
CA LEU A 108 25.77 24.33 22.40
C LEU A 108 26.03 24.69 23.86
N ARG A 109 27.17 25.36 24.13
CA ARG A 109 27.44 25.81 25.49
C ARG A 109 26.42 26.84 25.95
N ALA A 110 26.02 27.75 25.07
CA ALA A 110 25.05 28.76 25.44
C ALA A 110 23.73 28.15 25.87
N LEU A 111 23.30 27.09 25.19
CA LEU A 111 22.05 26.42 25.51
C LEU A 111 22.19 25.37 26.61
N LYS A 112 23.40 25.11 27.09
CA LYS A 112 23.59 24.17 28.21
C LYS A 112 23.16 22.75 27.84
N VAL A 113 23.45 22.37 26.59
CA VAL A 113 23.16 21.02 26.14
C VAL A 113 24.17 20.08 26.80
N ARG A 114 23.68 19.17 27.65
CA ARG A 114 24.56 18.18 28.26
C ARG A 114 24.79 16.98 27.35
N TYR A 115 23.75 16.56 26.63
CA TYR A 115 23.83 15.43 25.72
C TYR A 115 23.43 15.90 24.33
N PHE A 116 24.23 15.53 23.33
CA PHE A 116 24.09 16.03 21.98
C PHE A 116 24.03 14.84 21.04
N LEU A 117 22.86 14.59 20.46
CA LEU A 117 22.61 13.45 19.58
C LEU A 117 22.42 13.94 18.17
N THR A 118 23.25 13.45 17.25
CA THR A 118 23.13 13.73 15.84
C THR A 118 22.64 12.46 15.14
N ILE A 119 21.74 12.62 14.18
CA ILE A 119 21.18 11.49 13.45
C ILE A 119 21.49 11.71 11.98
N GLY A 120 22.41 10.91 11.46
CA GLY A 120 22.79 11.07 10.06
C GLY A 120 23.76 10.01 9.61
N GLY A 121 24.24 10.18 8.39
CA GLY A 121 25.18 9.27 7.75
C GLY A 121 26.62 9.59 8.07
N ASP A 122 27.51 9.20 7.13
CA ASP A 122 28.94 9.41 7.35
C ASP A 122 29.28 10.89 7.46
N ASP A 123 28.73 11.72 6.58
CA ASP A 123 29.06 13.14 6.60
C ASP A 123 28.62 13.78 7.91
N THR A 124 27.47 13.35 8.43
CA THR A 124 26.98 13.92 9.69
C THR A 124 27.82 13.47 10.87
N ALA A 125 28.20 12.18 10.91
CA ALA A 125 28.99 11.67 12.02
C ALA A 125 30.37 12.32 12.06
N SER A 126 31.00 12.48 10.89
CA SER A 126 32.32 13.13 10.86
C SER A 126 32.22 14.58 11.33
N SER A 127 31.10 15.24 11.04
CA SER A 127 30.90 16.60 11.52
C SER A 127 30.75 16.63 13.03
N ALA A 128 30.09 15.63 13.60
CA ALA A 128 29.83 15.61 15.04
C ALA A 128 31.12 15.45 15.83
N VAL A 129 32.08 14.68 15.32
CA VAL A 129 33.30 14.42 16.06
C VAL A 129 34.18 15.67 16.11
N SER A 130 34.19 16.45 15.02
CA SER A 130 35.00 17.67 15.02
C SER A 130 34.52 18.62 16.12
N VAL A 131 33.21 18.65 16.37
CA VAL A 131 32.68 19.42 17.49
C VAL A 131 33.05 18.77 18.81
N ALA A 132 33.21 17.45 18.82
CA ALA A 132 33.38 16.70 20.06
C ALA A 132 34.79 16.73 20.61
N SER A 133 35.81 16.88 19.76
CA SER A 133 37.19 16.72 20.23
C SER A 133 37.55 17.70 21.34
N GLY A 134 36.85 18.82 21.47
CA GLY A 134 37.09 19.78 22.53
C GLY A 134 35.95 19.90 23.50
N ILE A 140 29.77 18.20 27.71
CA ILE A 140 28.99 17.76 26.55
C ILE A 140 29.43 16.37 26.13
N SER A 141 28.46 15.56 25.70
CA SER A 141 28.71 14.23 25.14
C SER A 141 28.03 14.14 23.78
N VAL A 142 28.72 13.56 22.81
CA VAL A 142 28.29 13.52 21.43
C VAL A 142 28.08 12.07 21.02
N ILE A 143 26.89 11.77 20.48
CA ILE A 143 26.55 10.44 20.00
C ILE A 143 25.85 10.59 18.66
N SER A 144 26.13 9.67 17.73
CA SER A 144 25.49 9.68 16.43
C SER A 144 24.80 8.34 16.17
N CYS A 145 23.67 8.40 15.44
CA CYS A 145 22.86 7.25 15.04
C CYS A 145 22.95 7.04 13.54
N PRO A 146 23.24 5.83 13.07
CA PRO A 146 23.51 5.63 11.63
C PRO A 146 22.26 5.78 10.78
N LYS A 147 22.29 6.73 9.86
CA LYS A 147 21.16 6.99 8.96
C LYS A 147 21.69 6.94 7.54
N THR A 148 21.01 6.20 6.66
CA THR A 148 21.29 6.27 5.23
C THR A 148 20.42 5.28 4.45
N ILE A 149 19.71 5.74 3.42
CA ILE A 149 19.04 4.78 2.56
C ILE A 149 20.04 4.05 1.68
N ASP A 150 21.28 4.53 1.60
CA ASP A 150 22.30 3.95 0.73
C ASP A 150 23.03 2.78 1.38
N ASN A 151 22.86 2.57 2.68
CA ASN A 151 23.40 1.40 3.36
C ASN A 151 24.92 1.36 3.35
N ASP A 152 25.56 2.54 3.29
CA ASP A 152 27.00 2.62 3.10
C ASP A 152 27.73 3.01 4.38
N LEU A 153 27.09 2.85 5.54
CA LEU A 153 27.83 3.03 6.78
C LEU A 153 28.62 1.77 7.10
N PRO A 154 29.77 1.89 7.79
CA PRO A 154 30.62 0.74 8.09
C PRO A 154 30.14 -0.09 9.27
N LEU A 155 28.85 -0.45 9.25
CA LEU A 155 28.31 -1.34 10.25
C LEU A 155 28.83 -2.76 10.04
N PRO A 156 28.73 -3.62 11.06
CA PRO A 156 29.10 -5.03 10.87
C PRO A 156 28.40 -5.65 9.68
N ALA A 157 29.10 -6.54 8.98
CA ALA A 157 28.61 -7.07 7.71
C ALA A 157 27.24 -7.70 7.88
N ASP A 158 26.39 -7.49 6.88
CA ASP A 158 25.03 -8.01 6.76
C ASP A 158 24.04 -7.16 7.55
N GLN A 159 24.51 -6.22 8.37
CA GLN A 159 23.64 -5.34 9.14
C GLN A 159 23.33 -4.08 8.34
N SER A 160 22.05 -3.77 8.22
CA SER A 160 21.63 -2.66 7.39
C SER A 160 21.62 -1.39 8.24
N THR A 161 21.76 -0.26 7.58
CA THR A 161 21.45 1.01 8.20
C THR A 161 19.93 1.23 8.14
N PHE A 162 19.42 2.03 9.07
CA PHE A 162 17.97 2.24 9.12
C PHE A 162 17.55 3.13 7.95
N GLY A 163 16.38 2.83 7.40
CA GLY A 163 15.88 3.45 6.21
C GLY A 163 16.13 2.64 4.95
N PHE A 164 17.15 1.78 4.94
CA PHE A 164 17.47 1.02 3.74
C PHE A 164 16.34 0.03 3.41
N HIS A 165 15.79 -0.64 4.41
CA HIS A 165 14.71 -1.59 4.14
C HIS A 165 13.51 -0.88 3.52
N THR A 166 13.15 0.30 4.07
CA THR A 166 11.99 1.01 3.54
C THR A 166 12.21 1.45 2.10
N ALA A 167 13.39 2.04 1.83
CA ALA A 167 13.67 2.52 0.48
C ALA A 167 13.72 1.37 -0.51
N ARG A 168 14.32 0.25 -0.12
CA ARG A 168 14.42 -0.90 -1.03
C ARG A 168 13.04 -1.48 -1.32
N SER A 169 12.17 -1.51 -0.31
CA SER A 169 10.86 -2.13 -0.50
C SER A 169 9.95 -1.27 -1.38
N LEU A 170 10.00 0.06 -1.20
CA LEU A 170 9.21 0.93 -2.07
C LEU A 170 9.78 0.94 -3.48
N GLY A 171 11.11 0.95 -3.61
CA GLY A 171 11.70 0.83 -4.92
C GLY A 171 11.29 -0.44 -5.64
N MET A 172 11.17 -1.54 -4.88
CA MET A 172 10.71 -2.79 -5.48
C MET A 172 9.30 -2.64 -6.03
N GLU A 173 8.43 -1.94 -5.30
CA GLU A 173 7.05 -1.80 -5.72
C GLU A 173 6.92 -0.90 -6.94
N ILE A 174 7.72 0.17 -7.00
CA ILE A 174 7.72 1.02 -8.18
C ILE A 174 8.20 0.25 -9.40
N ILE A 175 9.30 -0.52 -9.22
CA ILE A 175 9.83 -1.29 -10.34
C ILE A 175 8.84 -2.37 -10.77
N ARG A 176 8.06 -2.91 -9.82
CA ARG A 176 7.03 -3.87 -10.19
C ARG A 176 6.06 -3.28 -11.21
N ASN A 177 5.55 -2.07 -10.93
CA ASN A 177 4.67 -1.42 -11.89
C ASN A 177 5.37 -1.25 -13.24
N LEU A 178 6.67 -0.97 -13.23
CA LEU A 178 7.39 -0.79 -14.48
C LEU A 178 7.65 -2.12 -15.16
N MET A 179 7.73 -3.19 -14.39
CA MET A 179 7.89 -4.51 -14.98
C MET A 179 6.62 -4.96 -15.68
N VAL A 180 5.47 -4.71 -15.07
CA VAL A 180 4.20 -5.04 -15.70
C VAL A 180 3.99 -4.17 -16.93
N ASP A 181 4.41 -2.90 -16.87
CA ASP A 181 4.19 -2.00 -18.00
C ASP A 181 5.12 -2.32 -19.16
N SER A 182 6.37 -2.70 -18.86
CA SER A 182 7.30 -3.02 -19.94
C SER A 182 6.89 -4.28 -20.68
N LYS A 183 6.28 -5.24 -19.98
CA LYS A 183 5.82 -6.45 -20.65
C LYS A 183 4.48 -6.25 -21.34
N SER A 184 3.57 -5.48 -20.71
CA SER A 184 2.27 -5.25 -21.33
C SER A 184 2.40 -4.46 -22.63
N ALA A 185 3.29 -3.46 -22.66
CA ALA A 185 3.54 -2.62 -23.84
C ALA A 185 5.04 -2.69 -24.09
N PRO A 186 5.51 -3.70 -24.83
CA PRO A 186 6.96 -3.98 -24.89
C PRO A 186 7.85 -2.76 -24.97
N ARG A 187 8.71 -2.61 -23.96
CA ARG A 187 9.72 -1.56 -23.92
C ARG A 187 10.72 -1.91 -22.84
N TRP A 188 11.88 -1.26 -22.90
CA TRP A 188 12.89 -1.34 -21.85
C TRP A 188 12.88 -0.05 -21.03
N PHE A 189 12.87 -0.18 -19.72
CA PHE A 189 13.07 0.94 -18.81
C PHE A 189 14.48 0.90 -18.29
N LEU A 190 15.18 2.03 -18.35
CA LEU A 190 16.49 2.20 -17.69
C LEU A 190 16.25 2.99 -16.41
N VAL A 191 16.10 2.28 -15.31
CA VAL A 191 15.85 2.91 -14.00
C VAL A 191 17.17 3.37 -13.43
N GLU A 192 17.22 4.62 -12.99
CA GLU A 192 18.41 5.20 -12.37
C GLU A 192 18.13 5.35 -10.88
N ALA A 193 18.80 4.52 -10.06
CA ALA A 193 18.67 4.60 -8.61
C ALA A 193 19.57 5.69 -8.06
N MET A 194 18.97 6.72 -7.48
CA MET A 194 19.74 7.85 -6.96
C MET A 194 20.66 7.39 -5.84
N GLY A 195 21.80 8.07 -5.73
CA GLY A 195 22.83 7.72 -4.76
C GLY A 195 24.14 7.31 -5.43
N ARG A 196 25.19 8.11 -5.23
CA ARG A 196 26.46 7.85 -5.90
C ARG A 196 27.49 7.15 -5.02
N SER A 197 27.15 6.89 -3.76
CA SER A 197 28.15 6.37 -2.83
C SER A 197 28.41 4.88 -3.04
N ALA A 198 27.36 4.09 -3.19
CA ALA A 198 27.49 2.64 -3.28
C ALA A 198 26.32 2.06 -4.05
N GLY A 199 26.37 0.76 -4.29
CA GLY A 199 25.37 0.05 -5.06
C GLY A 199 24.40 -0.79 -4.26
N HIS A 200 24.34 -0.62 -2.95
CA HIS A 200 23.42 -1.43 -2.15
C HIS A 200 21.98 -1.19 -2.57
N LEU A 201 21.59 0.07 -2.76
CA LEU A 201 20.19 0.36 -3.04
C LEU A 201 19.79 -0.12 -4.43
N ALA A 202 20.63 0.11 -5.43
CA ALA A 202 20.32 -0.34 -6.79
C ALA A 202 20.24 -1.86 -6.85
N LEU A 203 21.21 -2.54 -6.24
CA LEU A 203 21.20 -4.00 -6.27
C LEU A 203 20.04 -4.57 -5.46
N GLY A 204 19.68 -3.91 -4.37
CA GLY A 204 18.57 -4.42 -3.56
C GLY A 204 17.23 -4.32 -4.27
N MET A 205 16.95 -3.16 -4.87
CA MET A 205 15.72 -3.01 -5.63
C MET A 205 15.67 -3.98 -6.80
N ALA A 206 16.81 -4.14 -7.49
CA ALA A 206 16.83 -4.96 -8.70
C ALA A 206 16.61 -6.43 -8.37
N GLU A 207 17.30 -6.93 -7.34
CA GLU A 207 17.18 -8.34 -6.99
C GLU A 207 15.79 -8.67 -6.47
N ALA A 208 15.23 -7.80 -5.61
CA ALA A 208 13.90 -8.06 -5.07
C ALA A 208 12.84 -8.05 -6.18
N SER A 209 12.97 -7.16 -7.14
CA SER A 209 12.00 -7.01 -8.22
C SER A 209 12.26 -7.93 -9.39
N GLY A 210 13.36 -8.68 -9.37
CA GLY A 210 13.69 -9.52 -10.50
C GLY A 210 14.07 -8.76 -11.76
N ALA A 211 14.60 -7.56 -11.62
CA ALA A 211 15.04 -6.79 -12.78
C ALA A 211 16.05 -7.60 -13.59
N HIS A 212 16.03 -7.40 -14.91
CA HIS A 212 16.84 -8.20 -15.83
C HIS A 212 18.30 -7.80 -15.85
N LEU A 213 18.67 -6.65 -15.29
CA LEU A 213 20.08 -6.30 -15.19
C LEU A 213 20.23 -5.26 -14.10
N CYS A 214 21.38 -5.29 -13.44
CA CYS A 214 21.77 -4.24 -12.52
C CYS A 214 23.25 -3.95 -12.71
N LEU A 215 23.59 -2.67 -12.79
CA LEU A 215 24.97 -2.22 -12.93
C LEU A 215 25.29 -1.32 -11.75
N ILE A 216 26.31 -1.68 -10.98
CA ILE A 216 26.76 -0.89 -9.83
C ILE A 216 28.24 -0.59 -10.01
N PRO A 217 28.74 0.51 -9.47
CA PRO A 217 30.17 0.83 -9.66
C PRO A 217 31.10 -0.23 -9.12
N GLU A 218 30.66 -1.00 -8.12
CA GLU A 218 31.57 -1.93 -7.45
C GLU A 218 32.03 -3.06 -8.38
N GLU A 219 31.23 -3.40 -9.40
CA GLU A 219 31.55 -4.55 -10.23
C GLU A 219 32.52 -4.22 -11.36
N PHE A 220 32.94 -2.97 -11.52
CA PHE A 220 33.89 -2.61 -12.57
C PHE A 220 35.31 -2.78 -12.05
N LYS A 221 36.12 -3.51 -12.82
CA LYS A 221 37.47 -3.86 -12.37
C LYS A 221 38.40 -2.64 -12.40
N GLN A 222 38.35 -1.87 -13.47
CA GLN A 222 39.24 -0.73 -13.62
C GLN A 222 38.75 0.43 -12.77
N ASP A 223 39.68 1.35 -12.48
CA ASP A 223 39.37 2.50 -11.65
C ASP A 223 38.50 3.53 -12.35
N GLU A 224 38.51 3.57 -13.68
CA GLU A 224 37.74 4.54 -14.44
C GLU A 224 36.90 3.82 -15.48
N ILE A 225 35.62 4.13 -15.49
CA ILE A 225 34.65 3.54 -16.41
C ILE A 225 34.63 4.35 -17.70
N GLU A 226 34.42 3.68 -18.82
CA GLU A 226 34.27 4.32 -20.12
C GLU A 226 32.81 4.29 -20.52
N PHE A 227 32.35 5.41 -21.09
CA PHE A 227 30.95 5.52 -21.48
C PHE A 227 30.55 4.40 -22.43
N GLU A 228 31.43 4.06 -23.37
CA GLU A 228 31.08 3.01 -24.34
C GLU A 228 30.82 1.69 -23.66
N ASP A 229 31.60 1.35 -22.64
CA ASP A 229 31.43 0.06 -21.98
C ASP A 229 30.07 -0.03 -21.31
N VAL A 230 29.62 1.04 -20.67
CA VAL A 230 28.32 1.02 -20.02
C VAL A 230 27.22 0.82 -21.05
N VAL A 231 27.31 1.53 -22.18
CA VAL A 231 26.33 1.35 -23.24
C VAL A 231 26.32 -0.09 -23.72
N GLU A 232 27.49 -0.69 -23.89
CA GLU A 232 27.56 -2.04 -24.44
C GLU A 232 27.10 -3.10 -23.44
N LEU A 233 27.26 -2.85 -22.14
CA LEU A 233 26.78 -3.80 -21.15
C LEU A 233 25.25 -3.90 -21.18
N VAL A 234 24.58 -2.76 -21.32
CA VAL A 234 23.13 -2.77 -21.46
C VAL A 234 22.74 -3.34 -22.82
N GLU A 235 23.50 -3.01 -23.86
CA GLU A 235 23.19 -3.50 -25.20
C GLU A 235 23.25 -5.02 -25.25
N ALA A 236 24.25 -5.63 -24.62
CA ALA A 236 24.37 -7.08 -24.65
C ALA A 236 23.20 -7.76 -23.94
N THR A 237 22.74 -7.19 -22.84
CA THR A 237 21.59 -7.76 -22.14
C THR A 237 20.33 -7.67 -23.00
N ILE A 238 20.13 -6.52 -23.68
CA ILE A 238 18.96 -6.36 -24.53
C ILE A 238 18.98 -7.35 -25.68
N LEU A 239 20.15 -7.58 -26.26
CA LEU A 239 20.24 -8.50 -27.40
C LEU A 239 20.05 -9.94 -26.95
N LYS A 240 20.57 -10.31 -25.79
CA LYS A 240 20.39 -11.68 -25.32
C LYS A 240 18.92 -11.96 -25.05
N ARG A 241 18.23 -11.01 -24.42
CA ARG A 241 16.80 -11.14 -24.22
C ARG A 241 16.07 -11.26 -25.54
N LEU A 242 16.49 -10.47 -26.53
CA LEU A 242 15.85 -10.51 -27.85
C LEU A 242 16.05 -11.87 -28.53
N ALA A 243 17.20 -12.50 -28.29
CA ALA A 243 17.43 -13.82 -28.86
C ALA A 243 16.52 -14.88 -28.26
N TYR A 244 15.98 -14.63 -27.07
CA TYR A 244 15.05 -15.54 -26.41
C TYR A 244 13.61 -15.05 -26.52
N GLY A 245 13.33 -14.18 -27.49
CA GLY A 245 11.97 -13.77 -27.75
C GLY A 245 11.41 -12.66 -26.90
N LYS A 246 12.27 -11.91 -26.20
CA LYS A 246 11.82 -10.88 -25.28
C LYS A 246 12.41 -9.53 -25.71
N ASN A 247 11.56 -8.66 -26.27
CA ASN A 247 11.98 -7.32 -26.67
C ASN A 247 11.60 -6.28 -25.62
N TYR A 248 11.78 -6.60 -24.34
CA TYR A 248 11.41 -5.70 -23.24
C TYR A 248 12.15 -6.13 -22.00
N GLY A 249 12.17 -5.25 -21.00
CA GLY A 249 12.81 -5.56 -19.75
C GLY A 249 13.00 -4.31 -18.91
N VAL A 250 13.68 -4.49 -17.79
CA VAL A 250 14.03 -3.40 -16.88
C VAL A 250 15.48 -3.57 -16.46
N CYS A 251 16.25 -2.49 -16.57
CA CYS A 251 17.64 -2.44 -16.13
C CYS A 251 17.78 -1.36 -15.08
N VAL A 252 18.37 -1.72 -13.94
CA VAL A 252 18.59 -0.78 -12.84
C VAL A 252 20.04 -0.33 -12.86
N LEU A 253 20.27 0.97 -12.72
CA LEU A 253 21.60 1.55 -12.80
C LEU A 253 21.83 2.40 -11.57
N ALA A 254 22.88 2.08 -10.80
CA ALA A 254 23.28 2.96 -9.72
C ALA A 254 23.87 4.23 -10.33
N GLU A 255 23.39 5.40 -9.91
CA GLU A 255 23.94 6.63 -10.47
C GLU A 255 25.41 6.79 -10.12
N GLY A 256 25.92 6.04 -9.16
CA GLY A 256 27.33 6.06 -8.82
C GLY A 256 28.23 5.66 -9.97
N LEU A 257 27.68 5.04 -11.02
CA LEU A 257 28.49 4.78 -12.20
C LEU A 257 29.08 6.08 -12.74
N VAL A 258 28.36 7.19 -12.60
CA VAL A 258 28.82 8.48 -13.10
C VAL A 258 30.08 8.92 -12.39
N SER A 259 30.15 8.68 -11.08
CA SER A 259 31.30 9.13 -10.30
C SER A 259 32.55 8.29 -10.54
N LYS A 260 32.43 7.16 -11.24
CA LYS A 260 33.60 6.38 -11.61
C LYS A 260 34.05 6.63 -13.05
N MET A 261 33.29 7.42 -13.82
CA MET A 261 33.61 7.62 -15.22
C MET A 261 34.85 8.49 -15.39
N SER A 262 35.60 8.21 -16.46
CA SER A 262 36.79 8.97 -16.78
C SER A 262 36.42 10.35 -17.31
N LYS A 263 37.43 11.18 -17.53
CA LYS A 263 37.20 12.51 -18.09
C LYS A 263 36.55 12.42 -19.46
N LYS A 264 37.01 11.49 -20.30
CA LYS A 264 36.39 11.29 -21.60
C LYS A 264 34.95 10.82 -21.48
N ALA A 265 34.68 9.88 -20.57
CA ALA A 265 33.33 9.37 -20.42
C ALA A 265 32.37 10.48 -20.01
N LEU A 266 32.80 11.36 -19.11
CA LEU A 266 31.95 12.46 -18.67
C LEU A 266 31.68 13.44 -19.79
N TYR A 267 32.65 13.63 -20.68
CA TYR A 267 32.47 14.51 -21.83
C TYR A 267 31.33 14.02 -22.72
N LYS A 268 31.35 12.73 -23.06
CA LYS A 268 30.24 12.17 -23.83
C LYS A 268 28.94 12.17 -23.05
N LEU A 269 29.01 11.98 -21.72
CA LEU A 269 27.79 11.90 -20.92
C LEU A 269 27.00 13.20 -20.98
N PHE A 270 27.69 14.34 -20.92
CA PHE A 270 27.05 15.65 -20.97
C PHE A 270 26.81 16.14 -22.39
N GLY A 271 26.71 15.23 -23.35
CA GLY A 271 26.41 15.61 -24.72
C GLY A 271 27.61 16.05 -25.51
N ASN A 272 28.77 15.43 -25.28
CA ASN A 272 30.03 15.86 -25.89
C ASN A 272 30.30 17.33 -25.62
N ARG A 273 29.92 17.80 -24.44
CA ARG A 273 30.23 19.14 -23.99
C ARG A 273 31.22 19.06 -22.82
N GLU A 274 31.79 20.19 -22.46
CA GLU A 274 32.61 20.25 -21.25
C GLU A 274 31.70 20.07 -20.04
N PRO A 275 32.00 19.15 -19.14
CA PRO A 275 31.12 18.93 -17.97
C PRO A 275 30.93 20.23 -17.19
N PRO A 276 29.72 20.49 -16.72
CA PRO A 276 29.50 21.69 -15.89
C PRO A 276 30.35 21.62 -14.64
N THR A 277 30.61 22.79 -14.06
CA THR A 277 31.50 22.87 -12.91
C THR A 277 31.03 23.96 -11.96
N ASP A 278 31.33 23.77 -10.68
CA ASP A 278 31.03 24.74 -9.64
C ASP A 278 32.15 25.78 -9.62
N PRO A 279 32.04 26.81 -8.78
CA PRO A 279 33.12 27.81 -8.73
C PRO A 279 34.49 27.23 -8.42
N HIS A 280 34.56 26.17 -7.63
CA HIS A 280 35.85 25.60 -7.24
C HIS A 280 36.47 24.73 -8.33
N GLY A 281 35.73 24.38 -9.37
CA GLY A 281 36.24 23.55 -10.42
C GLY A 281 35.80 22.10 -10.38
N HIS A 282 35.04 21.70 -9.37
CA HIS A 282 34.54 20.33 -9.28
C HIS A 282 33.38 20.13 -10.24
N ILE A 283 33.30 18.93 -10.82
CA ILE A 283 32.24 18.64 -11.77
C ILE A 283 30.89 18.59 -11.05
N LEU A 284 29.84 19.02 -11.75
CA LEU A 284 28.48 19.03 -11.21
C LEU A 284 27.78 17.75 -11.68
N LEU A 285 28.03 16.67 -10.95
CA LEU A 285 27.48 15.37 -11.35
C LEU A 285 25.96 15.31 -11.20
N ASP A 286 25.37 16.19 -10.40
CA ASP A 286 23.92 16.21 -10.27
C ASP A 286 23.25 16.55 -11.60
N ASP A 287 23.88 17.39 -12.42
CA ASP A 287 23.30 17.77 -13.71
C ASP A 287 23.38 16.66 -14.75
N ALA A 288 24.14 15.60 -14.50
CA ALA A 288 24.21 14.49 -15.43
C ALA A 288 22.91 13.70 -15.45
N GLU A 289 22.59 13.16 -16.62
CA GLU A 289 21.40 12.33 -16.83
C GLU A 289 21.84 10.99 -17.39
N LEU A 290 22.32 10.10 -16.51
CA LEU A 290 22.87 8.84 -16.98
C LEU A 290 21.85 8.03 -17.76
N ALA A 291 20.68 7.81 -17.17
CA ALA A 291 19.68 6.95 -17.80
C ALA A 291 19.20 7.53 -19.13
N ARG A 292 19.00 8.85 -19.20
CA ARG A 292 18.53 9.45 -20.45
C ARG A 292 19.60 9.36 -21.53
N SER A 293 20.85 9.63 -21.18
CA SER A 293 21.92 9.60 -22.17
C SER A 293 22.08 8.19 -22.75
N LEU A 294 22.03 7.17 -21.88
CA LEU A 294 22.14 5.79 -22.36
C LEU A 294 20.93 5.41 -23.21
N SER A 295 19.74 5.89 -22.84
CA SER A 295 18.54 5.57 -23.61
C SER A 295 18.62 6.13 -25.02
N GLU A 296 19.13 7.36 -25.16
CA GLU A 296 19.25 7.96 -26.49
C GLU A 296 20.21 7.15 -27.36
N GLU A 297 21.40 6.85 -26.83
CA GLU A 297 22.38 6.09 -27.60
C GLU A 297 21.84 4.72 -27.99
N LEU A 298 21.20 4.02 -27.05
CA LEU A 298 20.74 2.67 -27.32
C LEU A 298 19.58 2.65 -28.30
N LEU A 299 18.74 3.69 -28.33
CA LEU A 299 17.67 3.72 -29.32
C LEU A 299 18.21 3.93 -30.73
N LYS A 300 19.32 4.67 -30.85
CA LYS A 300 19.97 4.83 -32.15
C LYS A 300 20.45 3.48 -32.66
N ARG A 301 20.95 2.61 -31.76
CA ARG A 301 21.56 1.35 -32.17
C ARG A 301 20.55 0.23 -32.32
N LEU A 302 19.46 0.26 -31.54
CA LEU A 302 18.56 -0.88 -31.44
C LEU A 302 17.12 -0.58 -31.84
N GLY A 303 16.80 0.67 -32.16
CA GLY A 303 15.41 1.00 -32.46
C GLY A 303 14.87 0.23 -33.65
N ASN A 304 15.72 -0.04 -34.65
CA ASN A 304 15.29 -0.79 -35.80
C ASN A 304 14.86 -2.21 -35.45
N LEU A 305 15.36 -2.76 -34.35
CA LEU A 305 15.02 -4.12 -33.95
C LEU A 305 13.66 -4.20 -33.27
N GLY A 306 12.92 -3.10 -33.16
CA GLY A 306 11.70 -3.08 -32.40
C GLY A 306 11.89 -2.78 -30.92
N ILE A 307 12.99 -2.17 -30.54
CA ILE A 307 13.29 -1.87 -29.15
C ILE A 307 12.93 -0.42 -28.88
N ARG A 308 12.15 -0.19 -27.82
CA ARG A 308 11.89 1.13 -27.27
C ARG A 308 12.56 1.22 -25.91
N ILE A 309 13.10 2.39 -25.57
CA ILE A 309 13.85 2.56 -24.34
C ILE A 309 13.44 3.88 -23.70
N THR A 310 13.21 3.85 -22.39
CA THR A 310 12.72 5.01 -21.66
C THR A 310 13.46 5.10 -20.33
N PRO A 311 14.02 6.25 -19.98
CA PRO A 311 14.64 6.39 -18.66
C PRO A 311 13.62 6.70 -17.59
N LYS A 312 14.00 6.40 -16.35
CA LYS A 312 13.11 6.62 -15.20
C LYS A 312 13.95 6.69 -13.94
N LYS A 313 13.82 7.78 -13.20
CA LYS A 313 14.59 7.99 -11.99
C LYS A 313 13.76 7.59 -10.77
N ILE A 314 14.42 6.93 -9.82
CA ILE A 314 13.82 6.55 -8.54
C ILE A 314 14.77 7.05 -7.45
N GLY A 315 14.28 7.97 -6.63
CA GLY A 315 15.13 8.54 -5.60
C GLY A 315 14.38 9.33 -4.54
N TYR A 316 13.94 10.53 -4.88
CA TYR A 316 13.43 11.43 -3.86
C TYR A 316 12.15 10.92 -3.24
N GLU A 317 11.35 10.14 -3.99
CA GLU A 317 10.12 9.58 -3.43
C GLU A 317 10.35 8.47 -2.42
N LEU A 318 11.60 8.01 -2.26
CA LEU A 318 11.89 6.96 -1.29
C LEU A 318 12.30 7.50 0.08
N ARG A 319 12.82 8.73 0.13
CA ARG A 319 13.55 9.19 1.30
C ARG A 319 12.64 9.44 2.49
N CYS A 320 11.37 9.76 2.24
CA CYS A 320 10.44 10.09 3.31
C CYS A 320 9.19 9.22 3.29
N ALA A 321 9.26 8.05 2.68
CA ALA A 321 8.20 7.07 2.86
C ALA A 321 8.08 6.71 4.33
N ASP A 322 6.86 6.37 4.74
CA ASP A 322 6.66 5.90 6.12
C ASP A 322 7.50 4.64 6.35
N PRO A 323 8.11 4.50 7.52
CA PRO A 323 9.02 3.36 7.73
C PRO A 323 8.27 2.03 7.79
N VAL A 324 8.88 1.00 7.20
CA VAL A 324 8.36 -0.36 7.33
C VAL A 324 8.69 -0.86 8.73
N ALA A 325 8.07 -1.98 9.11
CA ALA A 325 8.18 -2.47 10.48
C ALA A 325 9.62 -2.72 10.87
N PHE A 326 10.45 -3.22 9.96
CA PHE A 326 11.84 -3.46 10.31
C PHE A 326 12.52 -2.17 10.75
N ASP A 327 12.27 -1.08 10.03
CA ASP A 327 12.89 0.20 10.40
C ASP A 327 12.24 0.83 11.62
N ALA A 328 10.96 0.56 11.88
CA ALA A 328 10.32 1.07 13.10
C ALA A 328 10.93 0.41 14.33
N VAL A 329 11.09 -0.91 14.30
CA VAL A 329 11.74 -1.60 15.42
C VAL A 329 13.20 -1.18 15.52
N TYR A 330 13.89 -1.07 14.38
CA TYR A 330 15.30 -0.71 14.38
C TYR A 330 15.51 0.64 15.05
N THR A 331 14.78 1.66 14.60
CA THR A 331 15.04 3.02 15.09
C THR A 331 14.55 3.21 16.52
N ARG A 332 13.55 2.45 16.95
CA ARG A 332 13.18 2.47 18.36
C ARG A 332 14.34 1.99 19.22
N GLU A 333 14.97 0.88 18.81
CA GLU A 333 16.11 0.34 19.57
C GLU A 333 17.31 1.26 19.48
N LEU A 334 17.50 1.96 18.36
CA LEU A 334 18.63 2.89 18.25
C LEU A 334 18.44 4.10 19.16
N GLY A 335 17.24 4.68 19.17
CA GLY A 335 16.98 5.79 20.07
C GLY A 335 17.18 5.43 21.53
N TYR A 336 16.67 4.27 21.93
CA TYR A 336 16.91 3.79 23.28
C TYR A 336 18.40 3.65 23.55
N GLY A 337 19.12 3.03 22.61
CA GLY A 337 20.54 2.81 22.80
C GLY A 337 21.34 4.09 22.91
N ALA A 338 20.87 5.17 22.30
CA ALA A 338 21.54 6.46 22.44
C ALA A 338 21.45 6.99 23.87
N ILE A 339 20.26 6.89 24.47
CA ILE A 339 20.09 7.34 25.84
C ILE A 339 20.88 6.45 26.78
N ASP A 340 20.89 5.14 26.54
CA ASP A 340 21.67 4.23 27.38
C ASP A 340 23.16 4.56 27.31
N ALA A 341 23.64 4.95 26.14
CA ALA A 341 25.04 5.33 26.01
C ALA A 341 25.34 6.61 26.78
N PHE A 342 24.42 7.58 26.74
CA PHE A 342 24.60 8.78 27.54
C PHE A 342 24.66 8.45 29.03
N LEU A 343 23.76 7.59 29.50
CA LEU A 343 23.73 7.25 30.93
C LEU A 343 25.02 6.57 31.37
N ASN A 344 25.65 5.79 30.49
CA ASN A 344 26.85 5.03 30.84
C ASN A 344 28.13 5.77 30.51
N GLY A 345 28.07 7.07 30.27
CA GLY A 345 29.26 7.88 30.13
C GLY A 345 29.96 7.83 28.80
N HIS A 346 29.35 7.24 27.77
CA HIS A 346 29.99 7.15 26.46
C HIS A 346 29.94 8.49 25.75
N SER A 347 30.93 8.73 24.90
CA SER A 347 30.97 9.94 24.10
C SER A 347 31.82 9.69 22.86
N ALA A 348 31.58 10.49 21.82
CA ALA A 348 32.23 10.34 20.52
C ALA A 348 32.06 8.92 19.99
N ALA A 349 30.84 8.39 20.12
CA ALA A 349 30.53 7.04 19.70
C ALA A 349 29.30 7.02 18.81
N LEU A 350 29.19 5.96 18.02
CA LEU A 350 28.06 5.73 17.13
C LEU A 350 27.28 4.51 17.61
N ILE A 351 25.97 4.64 17.65
CA ILE A 351 25.08 3.59 18.14
C ILE A 351 24.82 2.61 17.01
N VAL A 352 25.33 1.39 17.14
CA VAL A 352 25.14 0.34 16.14
C VAL A 352 24.47 -0.84 16.82
N ARG A 353 23.85 -1.69 16.01
CA ARG A 353 23.19 -2.89 16.50
C ARG A 353 23.83 -4.12 15.87
N GLU A 354 24.31 -5.04 16.71
CA GLU A 354 24.98 -6.25 16.28
C GLU A 354 24.46 -7.45 17.06
N ASN A 355 23.98 -8.46 16.34
CA ASN A 355 23.45 -9.68 16.95
C ASN A 355 22.35 -9.35 17.96
N GLY A 356 21.46 -8.45 17.56
CA GLY A 356 20.34 -8.09 18.40
C GLY A 356 20.69 -7.25 19.60
N GLN A 357 21.90 -6.71 19.65
CA GLN A 357 22.37 -5.93 20.78
C GLN A 357 22.82 -4.55 20.29
N VAL A 358 22.17 -3.51 20.79
CA VAL A 358 22.59 -2.15 20.50
C VAL A 358 23.74 -1.78 21.43
N LYS A 359 24.81 -1.21 20.87
CA LYS A 359 26.03 -0.92 21.60
C LYS A 359 26.68 0.30 21.01
N PRO A 360 27.38 1.10 21.81
CA PRO A 360 28.20 2.18 21.24
C PRO A 360 29.55 1.68 20.75
N VAL A 361 30.01 2.29 19.68
CA VAL A 361 31.28 1.93 19.04
C VAL A 361 32.05 3.23 18.79
N GLN A 362 33.25 3.32 19.35
CA GLN A 362 34.01 4.56 19.28
C GLN A 362 34.22 4.99 17.83
N PHE A 363 34.11 6.30 17.60
CA PHE A 363 34.23 6.84 16.25
C PHE A 363 35.54 6.46 15.60
N LYS A 364 36.65 6.52 16.34
CA LYS A 364 37.96 6.31 15.74
C LYS A 364 38.11 4.88 15.21
N ASP A 365 37.41 3.92 15.82
CA ASP A 365 37.48 2.55 15.34
C ASP A 365 36.88 2.41 13.94
N LEU A 366 36.04 3.36 13.54
CA LEU A 366 35.36 3.31 12.25
C LEU A 366 36.05 4.11 11.16
N LEU A 367 37.09 4.86 11.50
CA LEU A 367 37.77 5.71 10.53
C LEU A 367 38.68 4.87 9.64
N ASP A 368 38.72 5.22 8.36
CA ASP A 368 39.69 4.64 7.44
C ASP A 368 41.01 5.41 7.57
N PRO A 369 42.11 4.74 7.93
CA PRO A 369 43.34 5.50 8.23
C PRO A 369 43.80 6.41 7.11
N ALA A 370 43.60 6.01 5.86
CA ALA A 370 44.09 6.83 4.76
C ALA A 370 43.29 8.12 4.60
N THR A 371 42.04 8.11 5.06
CA THR A 371 41.11 9.21 4.81
C THR A 371 40.88 10.12 6.01
N GLY A 372 40.88 9.58 7.23
CA GLY A 372 40.50 10.40 8.35
C GLY A 372 39.01 10.63 8.49
N ARG A 373 38.23 10.16 7.52
CA ARG A 373 36.78 10.28 7.49
C ARG A 373 36.18 8.90 7.75
N VAL A 374 34.88 8.86 8.01
CA VAL A 374 34.24 7.58 8.28
C VAL A 374 34.39 6.69 7.06
N ARG A 375 34.65 5.40 7.30
CA ARG A 375 34.83 4.45 6.21
C ARG A 375 33.50 4.13 5.54
N THR A 376 33.54 3.98 4.22
CA THR A 376 32.35 3.72 3.42
C THR A 376 32.30 2.23 3.07
N ARG A 377 31.20 1.58 3.46
CA ARG A 377 31.00 0.16 3.15
C ARG A 377 30.29 0.03 1.80
N LEU A 378 30.96 -0.60 0.84
CA LEU A 378 30.44 -0.84 -0.48
C LEU A 378 29.90 -2.26 -0.61
N VAL A 379 29.26 -2.52 -1.75
CA VAL A 379 28.81 -3.87 -2.07
C VAL A 379 30.02 -4.78 -2.27
N ASP A 380 30.01 -5.93 -1.61
CA ASP A 380 31.07 -6.92 -1.74
C ASP A 380 30.73 -7.80 -2.93
N VAL A 381 31.35 -7.53 -4.08
CA VAL A 381 31.03 -8.28 -5.31
C VAL A 381 31.68 -9.66 -5.35
N THR A 382 32.45 -10.00 -4.33
CA THR A 382 32.96 -11.37 -4.20
C THR A 382 32.06 -12.25 -3.35
N SER A 383 31.07 -11.66 -2.67
CA SER A 383 30.21 -12.44 -1.78
C SER A 383 29.31 -13.38 -2.57
N GLN A 384 28.78 -14.38 -1.86
CA GLN A 384 27.84 -15.32 -2.45
C GLN A 384 26.52 -14.63 -2.79
N SER A 385 26.11 -13.64 -2.00
CA SER A 385 24.85 -12.94 -2.26
C SER A 385 24.89 -12.24 -3.61
N PHE A 386 26.00 -11.57 -3.93
CA PHE A 386 26.11 -10.90 -5.22
C PHE A 386 26.11 -11.90 -6.36
N LYS A 387 26.77 -13.04 -6.18
CA LYS A 387 26.82 -14.05 -7.23
C LYS A 387 25.44 -14.63 -7.49
N VAL A 388 24.62 -14.78 -6.44
CA VAL A 388 23.27 -15.28 -6.63
C VAL A 388 22.42 -14.25 -7.39
N ALA A 389 22.49 -12.98 -6.99
CA ALA A 389 21.75 -11.96 -7.71
C ALA A 389 22.15 -11.93 -9.18
N ARG A 390 23.44 -12.10 -9.46
CA ARG A 390 23.93 -12.10 -10.84
C ARG A 390 23.36 -13.26 -11.63
N VAL A 391 23.11 -14.40 -10.98
CA VAL A 391 22.59 -15.57 -11.67
C VAL A 391 21.24 -15.29 -12.30
N TYR A 392 20.40 -14.52 -11.62
CA TYR A 392 19.06 -14.24 -12.11
C TYR A 392 18.99 -13.02 -13.02
N MET A 393 20.14 -12.44 -13.38
CA MET A 393 20.18 -11.38 -14.37
C MET A 393 20.38 -11.98 -15.77
N TRP A 394 20.00 -11.22 -16.78
CA TRP A 394 20.29 -11.54 -18.16
C TRP A 394 21.57 -10.82 -18.57
N ARG A 395 22.58 -11.58 -18.99
CA ARG A 395 23.88 -11.02 -19.32
C ARG A 395 24.71 -12.09 -19.99
N MET A 396 25.81 -11.65 -20.63
CA MET A 396 26.75 -12.54 -21.29
C MET A 396 27.99 -12.68 -20.40
N SER A 397 28.15 -13.87 -19.80
CA SER A 397 29.34 -14.16 -19.01
C SER A 397 30.49 -14.57 -19.93
N LYS A 398 31.66 -14.82 -19.36
CA LYS A 398 32.78 -15.33 -20.15
C LYS A 398 32.39 -16.61 -20.88
N LYS A 399 31.84 -17.58 -20.16
CA LYS A 399 31.47 -18.85 -20.77
C LYS A 399 30.44 -18.63 -21.87
N ASP A 400 29.56 -17.64 -21.71
CA ASP A 400 28.58 -17.36 -22.76
C ASP A 400 29.26 -16.87 -24.03
N TYR A 401 30.28 -16.02 -23.90
CA TYR A 401 30.99 -15.53 -25.08
C TYR A 401 31.76 -16.65 -25.76
N GLU A 402 32.14 -17.69 -25.02
CA GLU A 402 32.81 -18.84 -25.59
C GLU A 402 31.87 -19.88 -26.15
N ASN A 403 30.56 -19.72 -25.91
CA ASN A 403 29.55 -20.64 -26.43
C ASN A 403 29.20 -20.21 -27.86
N LYS A 404 29.66 -21.00 -28.84
CA LYS A 404 29.53 -20.58 -30.23
C LYS A 404 28.07 -20.53 -30.66
N ASP A 405 27.25 -21.50 -30.21
CA ASP A 405 25.85 -21.50 -30.59
C ASP A 405 25.11 -20.29 -30.02
N LEU A 406 25.38 -19.96 -28.76
CA LEU A 406 24.74 -18.80 -28.15
C LEU A 406 25.17 -17.51 -28.83
N VAL A 407 26.46 -17.36 -29.12
CA VAL A 407 26.94 -16.15 -29.75
C VAL A 407 26.28 -15.95 -31.11
N ALA A 408 26.04 -17.04 -31.84
CA ALA A 408 25.41 -16.93 -33.15
C ALA A 408 23.95 -16.52 -33.01
N ARG A 409 23.28 -17.03 -31.98
CA ARG A 409 21.88 -16.67 -31.77
C ARG A 409 21.73 -15.21 -31.37
N VAL A 410 22.60 -14.72 -30.48
CA VAL A 410 22.50 -13.34 -30.02
C VAL A 410 22.92 -12.38 -31.12
N ALA A 411 23.98 -12.71 -31.85
CA ALA A 411 24.43 -11.86 -32.95
C ALA A 411 23.34 -11.74 -34.00
N ALA A 412 22.73 -12.86 -34.38
CA ALA A 412 21.62 -12.81 -35.33
C ALA A 412 20.48 -11.96 -34.79
N ALA A 413 20.25 -11.98 -33.48
CA ALA A 413 19.23 -11.12 -32.89
C ALA A 413 19.58 -9.66 -33.07
N GLY A 414 20.87 -9.32 -33.02
CA GLY A 414 21.35 -7.97 -33.25
C GLY A 414 21.65 -7.64 -34.69
N LYS A 415 21.33 -8.53 -35.61
CA LYS A 415 21.53 -8.31 -37.04
C LYS A 415 23.00 -7.99 -37.33
N MET A 416 23.88 -8.87 -36.85
CA MET A 416 25.30 -8.75 -37.11
C MET A 416 25.91 -10.14 -37.17
N THR A 417 27.10 -10.24 -37.74
CA THR A 417 27.78 -11.51 -37.83
C THR A 417 28.33 -11.91 -36.47
N PRO A 418 28.53 -13.22 -36.23
CA PRO A 418 29.16 -13.62 -34.96
C PRO A 418 30.51 -12.96 -34.75
N GLU A 419 31.27 -12.74 -35.82
CA GLU A 419 32.58 -12.10 -35.70
C GLU A 419 32.45 -10.64 -35.28
N ALA A 420 31.44 -9.94 -35.81
CA ALA A 420 31.22 -8.56 -35.40
C ALA A 420 30.77 -8.47 -33.95
N PHE A 421 29.94 -9.42 -33.52
CA PHE A 421 29.45 -9.42 -32.14
C PHE A 421 30.59 -9.67 -31.16
N THR A 422 31.44 -10.66 -31.44
CA THR A 422 32.57 -10.95 -30.58
C THR A 422 33.54 -9.79 -30.52
N GLU A 423 33.78 -9.14 -31.66
CA GLU A 423 34.71 -8.03 -31.69
C GLU A 423 34.23 -6.87 -30.85
N LYS A 424 32.92 -6.65 -30.78
CA LYS A 424 32.39 -5.49 -30.06
C LYS A 424 32.21 -5.75 -28.58
N PHE A 425 31.71 -6.93 -28.18
CA PHE A 425 31.27 -7.16 -26.82
C PHE A 425 32.18 -8.06 -25.98
N ALA A 426 33.03 -8.87 -26.61
CA ALA A 426 33.76 -9.89 -25.84
C ALA A 426 34.69 -9.27 -24.82
N HIS A 427 35.25 -8.09 -25.10
CA HIS A 427 36.17 -7.46 -24.18
C HIS A 427 35.50 -7.08 -22.86
N LEU A 428 34.17 -7.08 -22.78
CA LEU A 428 33.50 -6.67 -21.57
C LEU A 428 33.76 -7.61 -20.40
N THR A 429 34.26 -8.82 -20.66
CA THR A 429 34.59 -9.73 -19.56
C THR A 429 35.76 -9.21 -18.73
N ASP A 430 36.58 -8.32 -19.28
CA ASP A 430 37.64 -7.67 -18.53
C ASP A 430 37.20 -6.33 -17.95
N VAL A 431 35.97 -5.90 -18.22
CA VAL A 431 35.47 -4.63 -17.72
C VAL A 431 34.75 -4.79 -16.38
N VAL A 432 34.01 -5.88 -16.21
CA VAL A 432 33.26 -6.14 -14.98
C VAL A 432 33.65 -7.51 -14.44
N VAL A 433 33.59 -7.64 -13.11
CA VAL A 433 33.87 -8.91 -12.46
C VAL A 433 32.88 -9.96 -12.96
N GLU A 434 33.31 -11.22 -12.94
CA GLU A 434 32.49 -12.33 -13.41
C GLU A 434 32.09 -13.25 -12.28
N GLU B 12 -13.17 42.41 16.43
CA GLU B 12 -12.72 41.03 16.60
C GLU B 12 -13.22 40.13 15.49
N ALA B 13 -12.38 39.19 15.06
CA ALA B 13 -12.72 38.34 13.93
C ALA B 13 -13.77 37.30 14.34
N PRO B 14 -14.67 36.94 13.41
CA PRO B 14 -15.69 35.94 13.74
C PRO B 14 -15.08 34.58 14.04
N VAL B 15 -15.75 33.84 14.92
CA VAL B 15 -15.24 32.57 15.42
C VAL B 15 -16.02 31.43 14.77
N LEU B 16 -15.30 30.52 14.13
CA LEU B 16 -15.85 29.28 13.60
C LEU B 16 -15.46 28.15 14.56
N GLY B 17 -16.45 27.42 15.05
CA GLY B 17 -16.23 26.27 15.91
C GLY B 17 -16.61 24.99 15.20
N ILE B 18 -15.76 23.96 15.33
CA ILE B 18 -15.92 22.70 14.61
C ILE B 18 -15.93 21.56 15.60
N LEU B 19 -16.78 20.56 15.36
CA LEU B 19 -16.75 19.34 16.15
C LEU B 19 -17.11 18.17 15.26
N CYS B 20 -16.75 16.97 15.72
CA CYS B 20 -17.09 15.73 15.04
C CYS B 20 -17.98 14.89 15.93
N GLY B 21 -19.00 14.27 15.35
CA GLY B 21 -19.85 13.35 16.06
C GLY B 21 -20.02 12.06 15.31
N GLY B 22 -20.30 11.00 16.06
CA GLY B 22 -20.47 9.69 15.47
C GLY B 22 -19.14 8.99 15.26
N GLY B 23 -19.21 7.84 14.59
CA GLY B 23 -18.04 7.03 14.33
C GLY B 23 -17.19 7.60 13.22
N PRO B 24 -15.86 7.51 13.35
CA PRO B 24 -15.00 8.12 12.35
C PRO B 24 -15.19 7.49 10.98
N ALA B 25 -14.84 8.26 9.94
CA ALA B 25 -14.78 7.81 8.56
C ALA B 25 -13.59 8.50 7.90
N PRO B 26 -12.94 7.84 6.95
CA PRO B 26 -11.78 8.47 6.29
C PRO B 26 -12.19 9.76 5.61
N GLY B 27 -11.45 10.84 5.91
CA GLY B 27 -11.71 12.13 5.33
C GLY B 27 -12.23 13.17 6.29
N LEU B 28 -12.53 12.80 7.54
CA LEU B 28 -12.94 13.79 8.53
C LEU B 28 -11.92 14.93 8.61
N ASN B 29 -10.63 14.59 8.67
CA ASN B 29 -9.60 15.62 8.70
C ASN B 29 -9.61 16.46 7.43
N GLY B 30 -10.00 15.86 6.30
CA GLY B 30 -10.10 16.64 5.07
C GLY B 30 -11.17 17.72 5.16
N VAL B 31 -12.31 17.39 5.79
CA VAL B 31 -13.35 18.40 5.97
C VAL B 31 -12.88 19.47 6.95
N ILE B 32 -12.22 19.06 8.03
CA ILE B 32 -11.73 20.02 9.02
C ILE B 32 -10.74 20.97 8.38
N ALA B 33 -9.84 20.44 7.53
CA ALA B 33 -8.79 21.27 6.95
C ALA B 33 -9.33 22.17 5.85
N GLY B 34 -10.27 21.68 5.05
CA GLY B 34 -10.87 22.52 4.03
C GLY B 34 -11.58 23.72 4.62
N ALA B 35 -12.35 23.51 5.69
CA ALA B 35 -13.06 24.60 6.33
C ALA B 35 -12.09 25.54 7.05
N THR B 36 -11.09 24.99 7.73
CA THR B 36 -10.20 25.81 8.53
C THR B 36 -9.30 26.67 7.65
N LEU B 37 -8.66 26.06 6.65
CA LEU B 37 -7.74 26.81 5.80
C LEU B 37 -8.44 27.97 5.10
N TYR B 38 -9.62 27.70 4.52
CA TYR B 38 -10.35 28.76 3.83
C TYR B 38 -10.80 29.83 4.82
N ALA B 39 -11.25 29.43 6.01
CA ALA B 39 -11.69 30.39 7.00
C ALA B 39 -10.53 31.27 7.47
N LEU B 40 -9.33 30.69 7.57
CA LEU B 40 -8.18 31.46 8.02
C LEU B 40 -7.78 32.51 6.99
N ARG B 41 -7.97 32.22 5.69
CA ARG B 41 -7.70 33.22 4.66
C ARG B 41 -8.69 34.37 4.74
N LEU B 42 -9.88 34.12 5.27
CA LEU B 42 -10.87 35.17 5.49
C LEU B 42 -10.61 35.95 6.78
N GLY B 43 -9.62 35.56 7.57
CA GLY B 43 -9.32 36.23 8.82
C GLY B 43 -10.08 35.71 10.01
N TRP B 44 -10.83 34.63 9.86
CA TRP B 44 -11.60 34.10 10.96
C TRP B 44 -10.69 33.41 11.98
N LYS B 45 -11.17 33.34 13.21
CA LYS B 45 -10.55 32.53 14.26
C LYS B 45 -11.27 31.20 14.29
N VAL B 46 -10.53 30.10 14.33
CA VAL B 46 -11.10 28.77 14.26
C VAL B 46 -10.72 27.99 15.51
N ILE B 47 -11.72 27.37 16.14
CA ILE B 47 -11.52 26.54 17.31
C ILE B 47 -12.19 25.20 17.05
N GLY B 48 -11.67 24.16 17.70
CA GLY B 48 -12.22 22.84 17.57
C GLY B 48 -12.58 22.22 18.89
N PHE B 49 -13.83 21.79 19.02
CA PHE B 49 -14.29 21.12 20.24
C PHE B 49 -13.85 19.67 20.19
N MET B 50 -13.19 19.22 21.24
CA MET B 50 -12.74 17.84 21.33
C MET B 50 -13.91 16.94 21.73
N GLU B 51 -14.02 15.79 21.06
CA GLU B 51 -14.99 14.76 21.42
C GLU B 51 -16.43 15.24 21.25
N GLY B 52 -16.68 15.87 20.11
CA GLY B 52 -18.06 16.19 19.75
C GLY B 52 -18.75 17.06 20.78
N PHE B 53 -19.99 16.67 21.10
CA PHE B 53 -20.80 17.41 22.07
C PHE B 53 -20.52 17.02 23.51
N LYS B 54 -19.53 16.14 23.75
CA LYS B 54 -19.35 15.56 25.07
C LYS B 54 -19.27 16.63 26.16
N TYR B 55 -18.39 17.61 25.98
CA TYR B 55 -18.16 18.62 26.99
C TYR B 55 -19.09 19.81 26.87
N LEU B 56 -19.57 20.10 25.66
CA LEU B 56 -20.57 21.16 25.50
C LEU B 56 -21.85 20.82 26.22
N CYS B 57 -22.14 19.53 26.41
CA CYS B 57 -23.35 19.12 27.10
C CYS B 57 -23.30 19.39 28.60
N THR B 58 -22.10 19.50 29.17
CA THR B 58 -22.00 19.73 30.61
C THR B 58 -22.51 21.12 30.99
N GLY B 59 -22.32 22.11 30.11
CA GLY B 59 -22.63 23.47 30.43
C GLY B 59 -21.55 24.21 31.20
N ASP B 60 -20.54 23.52 31.70
CA ASP B 60 -19.45 24.15 32.42
C ASP B 60 -18.46 24.72 31.42
N VAL B 61 -18.36 26.05 31.36
CA VAL B 61 -17.51 26.69 30.37
C VAL B 61 -16.04 26.39 30.64
N ASP B 62 -15.68 26.19 31.91
CA ASP B 62 -14.30 25.85 32.22
C ASP B 62 -13.94 24.48 31.67
N VAL B 63 -14.85 23.51 31.78
CA VAL B 63 -14.58 22.18 31.26
C VAL B 63 -14.50 22.22 29.74
N VAL B 64 -15.38 22.99 29.09
CA VAL B 64 -15.36 23.07 27.64
C VAL B 64 -14.03 23.64 27.15
N LYS B 65 -13.60 24.75 27.74
CA LYS B 65 -12.33 25.35 27.32
C LYS B 65 -11.16 24.40 27.57
N ALA B 66 -11.22 23.58 28.62
CA ALA B 66 -10.16 22.61 28.85
C ALA B 66 -10.12 21.56 27.74
N HIS B 67 -11.19 21.44 26.96
CA HIS B 67 -11.27 20.47 25.87
C HIS B 67 -11.63 21.17 24.56
N THR B 68 -11.10 22.38 24.34
CA THR B 68 -11.15 23.04 23.04
C THR B 68 -9.75 23.53 22.71
N ILE B 69 -9.42 23.48 21.41
CA ILE B 69 -8.09 23.85 20.93
C ILE B 69 -8.23 24.85 19.79
N ASP B 70 -7.16 25.60 19.57
CA ASP B 70 -7.09 26.56 18.48
C ASP B 70 -6.63 25.84 17.22
N LEU B 71 -7.47 25.83 16.19
CA LEU B 71 -7.15 25.20 14.90
C LEU B 71 -6.40 26.22 14.05
N THR B 72 -5.08 26.16 14.09
CA THR B 72 -4.21 27.10 13.38
C THR B 72 -3.77 26.49 12.05
N TYR B 73 -3.11 27.31 11.24
CA TYR B 73 -2.62 26.85 9.95
C TYR B 73 -1.73 25.64 10.11
N ASP B 74 -0.76 25.71 11.03
CA ASP B 74 0.20 24.63 11.18
C ASP B 74 -0.46 23.33 11.59
N ILE B 75 -1.53 23.41 12.38
CA ILE B 75 -2.18 22.19 12.88
C ILE B 75 -2.85 21.44 11.73
N VAL B 76 -3.48 22.17 10.81
CA VAL B 76 -4.34 21.56 9.80
C VAL B 76 -3.70 21.53 8.42
N SER B 77 -2.52 22.12 8.26
CA SER B 77 -1.96 22.31 6.93
C SER B 77 -1.74 21.01 6.19
N ARG B 78 -1.56 19.90 6.91
CA ARG B 78 -1.26 18.64 6.24
C ARG B 78 -2.04 17.46 6.79
N ILE B 79 -3.14 17.71 7.50
CA ILE B 79 -3.96 16.61 8.01
C ILE B 79 -4.86 16.00 6.94
N HIS B 80 -4.89 16.57 5.73
CA HIS B 80 -5.66 15.98 4.64
C HIS B 80 -5.09 14.65 4.20
N PHE B 81 -3.86 14.31 4.60
CA PHE B 81 -3.30 13.00 4.33
C PHE B 81 -3.71 11.94 5.36
N GLN B 82 -4.29 12.35 6.49
CA GLN B 82 -4.40 11.49 7.67
C GLN B 82 -5.85 11.05 7.89
N GLY B 83 -6.01 9.77 8.16
CA GLY B 83 -7.29 9.27 8.63
C GLY B 83 -7.55 9.67 10.07
N GLY B 84 -8.77 9.41 10.53
CA GLY B 84 -9.17 9.81 11.86
C GLY B 84 -9.64 11.24 11.91
N THR B 85 -9.67 11.79 13.14
CA THR B 85 -10.00 13.19 13.35
C THR B 85 -9.14 13.75 14.47
N ILE B 86 -8.45 14.87 14.21
CA ILE B 86 -7.54 15.43 15.19
C ILE B 86 -8.28 16.00 16.40
N ILE B 87 -9.56 16.33 16.25
CA ILE B 87 -10.35 16.81 17.38
C ILE B 87 -11.25 15.71 17.95
N GLN B 88 -10.98 14.46 17.60
CA GLN B 88 -11.72 13.32 18.14
C GLN B 88 -13.20 13.44 17.85
N THR B 89 -14.00 12.53 18.40
CA THR B 89 -15.42 12.50 18.14
C THR B 89 -16.11 11.79 19.32
N SER B 90 -17.43 11.94 19.37
CA SER B 90 -18.23 11.33 20.40
C SER B 90 -19.66 11.18 19.90
N ARG B 91 -20.40 10.27 20.53
CA ARG B 91 -21.82 10.12 20.27
C ARG B 91 -22.70 10.84 21.28
N ALA B 92 -22.10 11.66 22.15
CA ALA B 92 -22.88 12.49 23.07
C ALA B 92 -23.94 13.29 22.32
N ASN B 93 -25.17 13.24 22.81
CA ASN B 93 -26.33 13.72 22.05
C ASN B 93 -27.16 14.64 22.93
N PRO B 94 -27.14 15.95 22.70
CA PRO B 94 -27.97 16.86 23.52
C PRO B 94 -29.43 16.94 23.11
N ARG B 95 -29.80 16.36 21.96
CA ARG B 95 -31.15 16.54 21.46
C ARG B 95 -32.20 15.90 22.37
N LYS B 96 -31.83 14.93 23.17
CA LYS B 96 -32.81 14.24 24.00
C LYS B 96 -33.33 15.11 25.13
N SER B 97 -32.51 16.03 25.63
CA SER B 97 -32.85 16.82 26.80
C SER B 97 -32.76 18.30 26.48
N PRO B 98 -33.77 19.11 26.86
CA PRO B 98 -33.63 20.56 26.69
C PRO B 98 -32.62 21.18 27.64
N GLU B 99 -32.34 20.55 28.78
CA GLU B 99 -31.27 21.02 29.66
C GLU B 99 -29.92 20.90 28.97
N LEU B 100 -29.67 19.79 28.27
CA LEU B 100 -28.41 19.64 27.55
C LEU B 100 -28.35 20.58 26.35
N GLN B 101 -29.47 20.73 25.65
CA GLN B 101 -29.51 21.65 24.51
C GLN B 101 -29.18 23.07 24.95
N GLU B 102 -29.66 23.47 26.13
CA GLU B 102 -29.39 24.82 26.63
C GLU B 102 -27.97 24.94 27.18
N ASN B 103 -27.40 23.84 27.66
CA ASN B 103 -26.00 23.85 28.06
C ASN B 103 -25.08 24.08 26.87
N VAL B 104 -25.39 23.48 25.72
CA VAL B 104 -24.58 23.70 24.53
C VAL B 104 -24.71 25.15 24.07
N ARG B 105 -25.93 25.68 24.07
CA ARG B 105 -26.12 27.07 23.69
C ARG B 105 -25.37 28.00 24.65
N LYS B 106 -25.34 27.64 25.94
CA LYS B 106 -24.68 28.49 26.92
C LYS B 106 -23.18 28.57 26.67
N CYS B 107 -22.55 27.44 26.35
CA CYS B 107 -21.11 27.43 26.12
C CYS B 107 -20.75 28.06 24.78
N LEU B 108 -21.58 27.86 23.75
CA LEU B 108 -21.31 28.46 22.45
C LEU B 108 -21.36 29.97 22.53
N ARG B 109 -22.34 30.51 23.25
CA ARG B 109 -22.41 31.95 23.44
C ARG B 109 -21.20 32.45 24.23
N ALA B 110 -20.78 31.69 25.25
CA ALA B 110 -19.63 32.10 26.04
C ALA B 110 -18.36 32.17 25.18
N LEU B 111 -18.19 31.23 24.25
CA LEU B 111 -17.03 31.22 23.37
C LEU B 111 -17.22 32.13 22.15
N LYS B 112 -18.38 32.76 22.01
CA LYS B 112 -18.62 33.76 20.97
C LYS B 112 -18.55 33.14 19.59
N VAL B 113 -19.06 31.91 19.46
CA VAL B 113 -19.07 31.21 18.18
C VAL B 113 -20.10 31.86 17.26
N ARG B 114 -19.64 32.43 16.17
CA ARG B 114 -20.54 32.98 15.15
C ARG B 114 -20.97 31.90 14.15
N TYR B 115 -20.05 30.99 13.79
CA TYR B 115 -20.32 29.92 12.84
C TYR B 115 -20.02 28.58 13.51
N PHE B 116 -20.93 27.62 13.36
CA PHE B 116 -20.87 26.35 14.07
C PHE B 116 -21.01 25.23 13.05
N LEU B 117 -19.92 24.50 12.83
CA LEU B 117 -19.86 23.41 11.85
C LEU B 117 -19.72 22.08 12.58
N THR B 118 -20.68 21.18 12.36
CA THR B 118 -20.61 19.83 12.89
C THR B 118 -20.38 18.86 11.74
N ILE B 119 -19.53 17.86 11.98
CA ILE B 119 -19.20 16.84 11.00
C ILE B 119 -19.57 15.50 11.62
N GLY B 120 -20.64 14.89 11.13
CA GLY B 120 -21.10 13.65 11.73
C GLY B 120 -22.26 13.07 10.94
N GLY B 121 -22.89 12.06 11.54
CA GLY B 121 -24.02 11.39 10.94
C GLY B 121 -25.33 12.09 11.23
N ASP B 122 -26.42 11.32 11.17
CA ASP B 122 -27.75 11.89 11.31
C ASP B 122 -27.98 12.48 12.70
N ASP B 123 -27.57 11.76 13.74
CA ASP B 123 -27.80 12.24 15.10
C ASP B 123 -27.05 13.53 15.36
N THR B 124 -25.85 13.68 14.80
CA THR B 124 -25.09 14.90 15.02
C THR B 124 -25.75 16.09 14.34
N ALA B 125 -26.25 15.90 13.11
CA ALA B 125 -26.94 16.98 12.42
C ALA B 125 -28.22 17.37 13.16
N SER B 126 -28.98 16.37 13.63
CA SER B 126 -30.20 16.67 14.37
C SER B 126 -29.91 17.43 15.66
N SER B 127 -28.79 17.12 16.30
CA SER B 127 -28.41 17.88 17.49
C SER B 127 -28.06 19.31 17.14
N ALA B 128 -27.40 19.52 16.00
CA ALA B 128 -26.99 20.86 15.63
C ALA B 128 -28.20 21.74 15.31
N VAL B 129 -29.23 21.17 14.67
CA VAL B 129 -30.40 21.95 14.31
C VAL B 129 -31.21 22.27 15.56
N SER B 130 -31.30 21.32 16.49
CA SER B 130 -32.02 21.57 17.74
C SER B 130 -31.36 22.66 18.57
N VAL B 131 -30.02 22.72 18.52
CA VAL B 131 -29.32 23.80 19.21
C VAL B 131 -29.59 25.14 18.54
N ALA B 132 -29.82 25.15 17.23
CA ALA B 132 -29.99 26.41 16.52
C ALA B 132 -31.40 26.97 16.67
N SER B 133 -32.42 26.11 16.78
CA SER B 133 -33.80 26.61 16.82
C SER B 133 -34.08 27.48 18.03
N GLY B 134 -33.25 27.39 19.06
CA GLY B 134 -33.41 28.22 20.24
C GLY B 134 -32.27 29.22 20.33
N MET B 135 -31.84 29.70 19.17
CA MET B 135 -30.68 30.57 19.03
C MET B 135 -30.96 31.56 17.91
N ASN B 136 -30.56 32.81 18.12
CA ASN B 136 -30.84 33.86 17.15
C ASN B 136 -30.04 33.63 15.87
N GLY B 137 -30.73 33.63 14.73
CA GLY B 137 -30.05 33.44 13.45
C GLY B 137 -29.01 34.48 13.14
N ASN B 138 -29.02 35.61 13.85
CA ASN B 138 -28.04 36.65 13.63
C ASN B 138 -26.78 36.47 14.47
N GLU B 139 -26.89 35.81 15.63
CA GLU B 139 -25.72 35.60 16.47
C GLU B 139 -24.95 34.34 16.10
N ILE B 140 -25.63 33.30 15.61
CA ILE B 140 -25.00 32.03 15.27
C ILE B 140 -25.65 31.46 14.03
N SER B 141 -24.83 30.83 13.18
CA SER B 141 -25.29 30.09 12.02
C SER B 141 -24.71 28.69 12.10
N VAL B 142 -25.55 27.68 11.84
CA VAL B 142 -25.20 26.28 12.05
C VAL B 142 -25.24 25.54 10.72
N ILE B 143 -24.17 24.81 10.42
CA ILE B 143 -24.05 23.99 9.22
C ILE B 143 -23.52 22.63 9.64
N SER B 144 -24.05 21.57 9.04
CA SER B 144 -23.60 20.22 9.31
C SER B 144 -23.16 19.56 8.02
N CYS B 145 -22.11 18.73 8.10
CA CYS B 145 -21.63 17.98 6.94
C CYS B 145 -21.90 16.50 7.16
N PRO B 146 -22.75 15.87 6.33
CA PRO B 146 -23.12 14.47 6.60
C PRO B 146 -21.98 13.50 6.30
N LYS B 147 -21.74 12.61 7.26
CA LYS B 147 -20.65 11.64 7.23
C LYS B 147 -21.23 10.23 7.32
N THR B 148 -20.69 9.33 6.51
CA THR B 148 -21.02 7.91 6.62
C THR B 148 -20.21 7.05 5.67
N ILE B 149 -19.53 6.02 6.21
CA ILE B 149 -18.85 5.05 5.35
C ILE B 149 -19.83 4.08 4.70
N ASP B 150 -21.08 4.02 5.18
CA ASP B 150 -22.05 3.04 4.71
C ASP B 150 -22.72 3.45 3.40
N ASN B 151 -22.52 4.68 2.94
CA ASN B 151 -23.03 5.12 1.65
C ASN B 151 -24.55 5.18 1.62
N ASP B 152 -25.18 5.38 2.78
CA ASP B 152 -26.62 5.29 2.90
C ASP B 152 -27.29 6.66 3.02
N LEU B 153 -26.61 7.72 2.58
CA LEU B 153 -27.26 9.02 2.47
C LEU B 153 -28.07 9.08 1.17
N PRO B 154 -29.17 9.87 1.16
CA PRO B 154 -30.04 9.95 -0.03
C PRO B 154 -29.50 10.87 -1.13
N LEU B 155 -28.25 10.69 -1.49
CA LEU B 155 -27.69 11.39 -2.64
C LEU B 155 -28.27 10.78 -3.92
N PRO B 156 -28.16 11.48 -5.05
CA PRO B 156 -28.57 10.86 -6.33
C PRO B 156 -27.90 9.49 -6.48
N ALA B 157 -28.65 8.55 -7.04
CA ALA B 157 -28.22 7.16 -7.03
C ALA B 157 -26.83 7.00 -7.65
N ASP B 158 -26.03 6.15 -7.01
CA ASP B 158 -24.68 5.74 -7.40
C ASP B 158 -23.61 6.76 -7.02
N GLN B 159 -23.99 7.95 -6.54
CA GLN B 159 -23.00 8.93 -6.09
C GLN B 159 -22.71 8.67 -4.63
N SER B 160 -21.43 8.57 -4.28
CA SER B 160 -21.02 8.09 -2.98
C SER B 160 -20.92 9.20 -1.95
N THR B 161 -21.07 8.81 -0.68
CA THR B 161 -20.72 9.62 0.47
C THR B 161 -19.22 9.54 0.75
N PHE B 162 -18.69 10.55 1.42
CA PHE B 162 -17.25 10.59 1.65
C PHE B 162 -16.84 9.54 2.68
N GLY B 163 -15.67 8.94 2.47
CA GLY B 163 -15.20 7.84 3.28
C GLY B 163 -15.54 6.47 2.72
N PHE B 164 -16.59 6.38 1.91
CA PHE B 164 -17.00 5.08 1.37
C PHE B 164 -15.95 4.52 0.42
N HIS B 165 -15.39 5.36 -0.45
CA HIS B 165 -14.39 4.89 -1.40
C HIS B 165 -13.17 4.32 -0.68
N THR B 166 -12.71 4.98 0.37
CA THR B 166 -11.55 4.48 1.11
C THR B 166 -11.87 3.14 1.77
N ALA B 167 -13.04 3.05 2.44
CA ALA B 167 -13.39 1.81 3.13
C ALA B 167 -13.55 0.65 2.15
N ARG B 168 -14.18 0.91 1.00
CA ARG B 168 -14.37 -0.14 0.01
C ARG B 168 -13.04 -0.61 -0.57
N SER B 169 -12.12 0.32 -0.81
CA SER B 169 -10.86 -0.04 -1.46
C SER B 169 -9.96 -0.84 -0.52
N LEU B 170 -9.90 -0.45 0.74
CA LEU B 170 -9.14 -1.24 1.71
C LEU B 170 -9.81 -2.59 1.94
N GLY B 171 -11.15 -2.63 1.98
CA GLY B 171 -11.83 -3.90 2.09
C GLY B 171 -11.52 -4.83 0.93
N MET B 172 -11.42 -4.28 -0.27
CA MET B 172 -11.04 -5.09 -1.43
C MET B 172 -9.64 -5.68 -1.26
N GLU B 173 -8.70 -4.91 -0.72
CA GLU B 173 -7.33 -5.38 -0.59
C GLU B 173 -7.20 -6.45 0.48
N ILE B 174 -7.92 -6.31 1.60
CA ILE B 174 -7.92 -7.36 2.60
C ILE B 174 -8.53 -8.64 2.04
N ILE B 175 -9.66 -8.51 1.34
CA ILE B 175 -10.31 -9.69 0.78
C ILE B 175 -9.44 -10.31 -0.31
N ARG B 176 -8.66 -9.49 -1.01
CA ARG B 176 -7.72 -10.05 -1.98
C ARG B 176 -6.76 -11.03 -1.32
N ASN B 177 -6.17 -10.64 -0.20
CA ASN B 177 -5.31 -11.56 0.54
C ASN B 177 -6.06 -12.82 0.94
N LEU B 178 -7.34 -12.68 1.31
CA LEU B 178 -8.13 -13.85 1.71
C LEU B 178 -8.51 -14.71 0.51
N MET B 179 -8.65 -14.10 -0.67
CA MET B 179 -8.90 -14.88 -1.88
C MET B 179 -7.67 -15.71 -2.26
N VAL B 180 -6.49 -15.10 -2.16
CA VAL B 180 -5.26 -15.84 -2.45
C VAL B 180 -5.06 -16.94 -1.42
N ASP B 181 -5.39 -16.69 -0.16
CA ASP B 181 -5.18 -17.69 0.87
C ASP B 181 -6.20 -18.83 0.75
N SER B 182 -7.44 -18.51 0.38
CA SER B 182 -8.46 -19.54 0.23
C SER B 182 -8.14 -20.46 -0.94
N LYS B 183 -7.52 -19.94 -2.00
CA LYS B 183 -7.16 -20.79 -3.12
C LYS B 183 -5.84 -21.53 -2.87
N SER B 184 -4.87 -20.86 -2.23
CA SER B 184 -3.59 -21.52 -1.98
C SER B 184 -3.74 -22.71 -1.03
N ALA B 185 -4.56 -22.55 0.00
CA ALA B 185 -4.84 -23.61 0.99
C ALA B 185 -6.35 -23.78 1.02
N PRO B 186 -6.92 -24.58 0.12
CA PRO B 186 -8.38 -24.59 -0.08
C PRO B 186 -9.21 -24.47 1.18
N ARG B 187 -10.00 -23.40 1.26
CA ARG B 187 -10.91 -23.16 2.37
C ARG B 187 -11.89 -22.07 1.94
N TRP B 188 -13.00 -21.99 2.67
CA TRP B 188 -13.97 -20.92 2.51
C TRP B 188 -13.84 -19.94 3.67
N PHE B 189 -13.76 -18.65 3.34
CA PHE B 189 -13.84 -17.59 4.33
C PHE B 189 -15.24 -16.99 4.28
N LEU B 190 -15.87 -16.84 5.44
CA LEU B 190 -17.12 -16.10 5.57
C LEU B 190 -16.76 -14.72 6.13
N VAL B 191 -16.58 -13.76 5.23
CA VAL B 191 -16.21 -12.40 5.62
C VAL B 191 -17.47 -11.66 6.04
N GLU B 192 -17.44 -11.03 7.20
CA GLU B 192 -18.54 -10.21 7.70
C GLU B 192 -18.15 -8.74 7.62
N ALA B 193 -18.80 -7.99 6.73
CA ALA B 193 -18.57 -6.57 6.62
C ALA B 193 -19.37 -5.82 7.69
N MET B 194 -18.66 -5.18 8.62
CA MET B 194 -19.31 -4.46 9.71
C MET B 194 -20.21 -3.36 9.16
N GLY B 195 -21.29 -3.07 9.89
CA GLY B 195 -22.26 -2.08 9.44
C GLY B 195 -23.62 -2.69 9.19
N ARG B 196 -24.61 -2.29 9.99
CA ARG B 196 -25.95 -2.85 9.92
C ARG B 196 -26.93 -1.99 9.14
N SER B 197 -26.51 -0.83 8.65
CA SER B 197 -27.45 0.10 8.05
C SER B 197 -27.85 -0.32 6.64
N ALA B 198 -26.89 -0.70 5.81
CA ALA B 198 -27.16 -1.01 4.41
C ALA B 198 -26.10 -1.96 3.88
N GLY B 199 -26.28 -2.40 2.65
CA GLY B 199 -25.39 -3.35 2.01
C GLY B 199 -24.46 -2.76 0.99
N HIS B 200 -24.35 -1.44 0.91
CA HIS B 200 -23.45 -0.83 -0.07
C HIS B 200 -22.02 -1.27 0.15
N LEU B 201 -21.56 -1.29 1.40
CA LEU B 201 -20.16 -1.60 1.68
C LEU B 201 -19.84 -3.06 1.41
N ALA B 202 -20.72 -3.97 1.84
CA ALA B 202 -20.48 -5.38 1.59
C ALA B 202 -20.47 -5.69 0.10
N LEU B 203 -21.45 -5.16 -0.63
CA LEU B 203 -21.54 -5.44 -2.06
C LEU B 203 -20.39 -4.79 -2.83
N GLY B 204 -19.95 -3.61 -2.39
CA GLY B 204 -18.83 -2.97 -3.07
C GLY B 204 -17.53 -3.75 -2.92
N MET B 205 -17.23 -4.18 -1.69
CA MET B 205 -16.03 -4.99 -1.47
C MET B 205 -16.11 -6.30 -2.25
N ALA B 206 -17.29 -6.92 -2.25
CA ALA B 206 -17.44 -8.23 -2.87
C ALA B 206 -17.28 -8.14 -4.38
N GLU B 207 -17.91 -7.15 -5.00
CA GLU B 207 -17.83 -7.03 -6.45
C GLU B 207 -16.42 -6.66 -6.89
N ALA B 208 -15.78 -5.73 -6.17
CA ALA B 208 -14.43 -5.31 -6.54
C ALA B 208 -13.44 -6.46 -6.41
N SER B 209 -13.58 -7.28 -5.37
CA SER B 209 -12.65 -8.37 -5.12
C SER B 209 -13.03 -9.64 -5.86
N GLY B 210 -14.17 -9.67 -6.55
CA GLY B 210 -14.60 -10.89 -7.22
C GLY B 210 -15.02 -11.99 -6.29
N ALA B 211 -15.48 -11.66 -5.08
CA ALA B 211 -15.94 -12.67 -4.15
C ALA B 211 -17.03 -13.51 -4.78
N HIS B 212 -17.06 -14.78 -4.40
CA HIS B 212 -17.97 -15.75 -5.02
C HIS B 212 -19.40 -15.61 -4.55
N LEU B 213 -19.66 -14.86 -3.49
CA LEU B 213 -21.02 -14.62 -3.06
C LEU B 213 -21.06 -13.37 -2.18
N CYS B 214 -22.17 -12.65 -2.25
CA CYS B 214 -22.44 -11.56 -1.33
C CYS B 214 -23.92 -11.64 -0.94
N LEU B 215 -24.19 -11.52 0.36
CA LEU B 215 -25.55 -11.56 0.89
C LEU B 215 -25.80 -10.27 1.63
N ILE B 216 -26.81 -9.52 1.21
CA ILE B 216 -27.17 -8.25 1.83
C ILE B 216 -28.64 -8.31 2.23
N PRO B 217 -29.06 -7.58 3.26
CA PRO B 217 -30.48 -7.64 3.65
C PRO B 217 -31.42 -7.18 2.54
N GLU B 218 -30.94 -6.34 1.62
CA GLU B 218 -31.83 -5.76 0.61
C GLU B 218 -32.36 -6.80 -0.37
N GLU B 219 -31.63 -7.88 -0.59
CA GLU B 219 -32.02 -8.83 -1.62
C GLU B 219 -33.03 -9.86 -1.13
N PHE B 220 -33.41 -9.83 0.14
CA PHE B 220 -34.41 -10.75 0.67
C PHE B 220 -35.80 -10.17 0.48
N LYS B 221 -36.69 -10.96 -0.12
CA LYS B 221 -38.03 -10.47 -0.42
C LYS B 221 -38.87 -10.32 0.85
N GLN B 222 -38.79 -11.29 1.74
CA GLN B 222 -39.61 -11.25 2.95
C GLN B 222 -39.08 -10.19 3.92
N ASP B 223 -39.95 -9.74 4.81
CA ASP B 223 -39.59 -8.70 5.76
C ASP B 223 -38.66 -9.20 6.86
N GLU B 224 -38.68 -10.50 7.16
CA GLU B 224 -37.85 -11.07 8.21
C GLU B 224 -37.07 -12.25 7.64
N ILE B 225 -35.77 -12.27 7.86
CA ILE B 225 -34.91 -13.34 7.35
C ILE B 225 -34.88 -14.46 8.39
N GLU B 226 -34.78 -15.69 7.90
CA GLU B 226 -34.66 -16.86 8.76
C GLU B 226 -33.22 -17.36 8.74
N PHE B 227 -32.72 -17.75 9.91
CA PHE B 227 -31.35 -18.23 10.01
C PHE B 227 -31.10 -19.39 9.04
N GLU B 228 -32.08 -20.28 8.91
CA GLU B 228 -31.92 -21.43 8.01
C GLU B 228 -31.72 -20.98 6.58
N ASP B 229 -32.44 -19.93 6.15
CA ASP B 229 -32.34 -19.48 4.77
C ASP B 229 -30.95 -18.95 4.46
N VAL B 230 -30.35 -18.22 5.40
CA VAL B 230 -29.00 -17.71 5.20
C VAL B 230 -28.01 -18.86 5.09
N VAL B 231 -28.13 -19.85 5.97
CA VAL B 231 -27.22 -20.99 5.92
C VAL B 231 -27.32 -21.71 4.58
N GLU B 232 -28.55 -21.89 4.08
CA GLU B 232 -28.73 -22.67 2.86
C GLU B 232 -28.27 -21.90 1.63
N LEU B 233 -28.33 -20.56 1.66
CA LEU B 233 -27.84 -19.79 0.53
C LEU B 233 -26.34 -19.94 0.38
N VAL B 234 -25.61 -19.94 1.51
CA VAL B 234 -24.17 -20.17 1.45
C VAL B 234 -23.87 -21.62 1.10
N GLU B 235 -24.67 -22.55 1.63
CA GLU B 235 -24.46 -23.97 1.36
C GLU B 235 -24.59 -24.27 -0.12
N ALA B 236 -25.59 -23.69 -0.78
CA ALA B 236 -25.79 -23.95 -2.21
C ALA B 236 -24.60 -23.44 -3.02
N THR B 237 -24.06 -22.28 -2.64
CA THR B 237 -22.89 -21.75 -3.33
C THR B 237 -21.68 -22.65 -3.15
N ILE B 238 -21.47 -23.17 -1.95
CA ILE B 238 -20.33 -24.05 -1.70
C ILE B 238 -20.47 -25.33 -2.51
N LEU B 239 -21.69 -25.87 -2.61
CA LEU B 239 -21.89 -27.12 -3.34
C LEU B 239 -21.72 -26.92 -4.84
N LYS B 240 -22.19 -25.79 -5.37
CA LYS B 240 -22.03 -25.55 -6.80
C LYS B 240 -20.55 -25.40 -7.17
N ARG B 241 -19.80 -24.67 -6.35
CA ARG B 241 -18.37 -24.57 -6.57
C ARG B 241 -17.71 -25.93 -6.48
N LEU B 242 -18.14 -26.76 -5.53
CA LEU B 242 -17.56 -28.09 -5.38
C LEU B 242 -17.87 -28.95 -6.60
N ALA B 243 -19.02 -28.75 -7.23
CA ALA B 243 -19.36 -29.50 -8.43
C ALA B 243 -18.46 -29.16 -9.60
N TYR B 244 -17.80 -28.00 -9.57
CA TYR B 244 -16.85 -27.62 -10.59
C TYR B 244 -15.41 -27.78 -10.14
N GLY B 245 -15.18 -28.59 -9.11
CA GLY B 245 -13.83 -28.94 -8.70
C GLY B 245 -13.16 -27.95 -7.78
N LYS B 246 -13.92 -27.03 -7.18
CA LYS B 246 -13.36 -25.98 -6.34
C LYS B 246 -13.98 -26.06 -4.95
N ASN B 247 -13.18 -26.52 -3.99
CA ASN B 247 -13.57 -26.64 -2.59
C ASN B 247 -13.10 -25.46 -1.76
N TYR B 248 -13.22 -24.26 -2.30
CA TYR B 248 -12.74 -23.06 -1.63
C TYR B 248 -13.45 -21.85 -2.21
N GLY B 249 -13.38 -20.74 -1.48
CA GLY B 249 -13.97 -19.51 -1.95
C GLY B 249 -14.04 -18.47 -0.86
N VAL B 250 -14.69 -17.36 -1.17
CA VAL B 250 -14.92 -16.29 -0.22
C VAL B 250 -16.36 -15.82 -0.37
N CYS B 251 -17.07 -15.72 0.74
CA CYS B 251 -18.44 -15.20 0.77
C CYS B 251 -18.47 -13.99 1.70
N VAL B 252 -19.01 -12.87 1.20
CA VAL B 252 -19.12 -11.64 1.97
C VAL B 252 -20.54 -11.50 2.49
N LEU B 253 -20.67 -11.12 3.75
CA LEU B 253 -21.96 -11.03 4.42
C LEU B 253 -22.09 -9.64 5.01
N ALA B 254 -23.15 -8.92 4.64
CA ALA B 254 -23.46 -7.66 5.30
C ALA B 254 -23.97 -7.95 6.71
N GLU B 255 -23.40 -7.25 7.70
CA GLU B 255 -23.86 -7.45 9.06
C GLU B 255 -25.33 -7.06 9.22
N GLY B 256 -25.88 -6.26 8.30
CA GLY B 256 -27.28 -5.90 8.34
C GLY B 256 -28.23 -7.07 8.25
N LEU B 257 -27.74 -8.23 7.81
CA LEU B 257 -28.57 -9.44 7.83
C LEU B 257 -29.11 -9.71 9.23
N VAL B 258 -28.31 -9.40 10.25
CA VAL B 258 -28.72 -9.70 11.62
C VAL B 258 -29.93 -8.84 12.02
N SER B 259 -29.94 -7.58 11.64
CA SER B 259 -31.01 -6.68 12.03
C SER B 259 -32.29 -6.91 11.24
N LYS B 260 -32.26 -7.75 10.21
CA LYS B 260 -33.46 -8.14 9.48
C LYS B 260 -34.00 -9.50 9.91
N MET B 261 -33.30 -10.21 10.79
CA MET B 261 -33.69 -11.55 11.17
C MET B 261 -34.90 -11.55 12.11
N SER B 262 -35.71 -12.62 12.00
CA SER B 262 -36.87 -12.78 12.86
C SER B 262 -36.44 -13.12 14.29
N LYS B 263 -37.43 -13.15 15.19
CA LYS B 263 -37.14 -13.51 16.58
C LYS B 263 -36.59 -14.92 16.68
N LYS B 264 -37.17 -15.87 15.95
CA LYS B 264 -36.70 -17.24 15.99
C LYS B 264 -35.27 -17.32 15.45
N ALA B 265 -34.98 -16.61 14.36
CA ALA B 265 -33.65 -16.62 13.79
C ALA B 265 -32.62 -16.08 14.77
N LEU B 266 -32.95 -15.02 15.49
CA LEU B 266 -32.01 -14.47 16.47
C LEU B 266 -31.75 -15.43 17.61
N TYR B 267 -32.75 -16.22 18.00
CA TYR B 267 -32.55 -17.23 19.03
C TYR B 267 -31.49 -18.24 18.61
N LYS B 268 -31.60 -18.75 17.38
CA LYS B 268 -30.58 -19.66 16.86
C LYS B 268 -29.24 -18.96 16.68
N LEU B 269 -29.25 -17.66 16.33
CA LEU B 269 -27.99 -16.96 16.07
C LEU B 269 -27.14 -16.90 17.33
N PHE B 270 -27.74 -16.62 18.47
CA PHE B 270 -27.02 -16.50 19.74
C PHE B 270 -26.80 -17.85 20.43
N GLY B 271 -26.78 -18.95 19.67
CA GLY B 271 -26.48 -20.24 20.24
C GLY B 271 -27.65 -20.96 20.88
N ASN B 272 -28.85 -20.79 20.33
CA ASN B 272 -30.06 -21.36 20.92
C ASN B 272 -30.20 -20.92 22.38
N ARG B 273 -29.73 -19.72 22.69
CA ARG B 273 -29.89 -19.08 23.99
C ARG B 273 -30.79 -17.86 23.85
N GLU B 274 -31.17 -17.31 24.99
CA GLU B 274 -31.93 -16.07 24.99
C GLU B 274 -31.03 -14.94 24.49
N PRO B 275 -31.45 -14.19 23.47
CA PRO B 275 -30.62 -13.08 22.98
C PRO B 275 -30.32 -12.09 24.09
N PRO B 276 -29.08 -11.62 24.18
CA PRO B 276 -28.77 -10.61 25.21
C PRO B 276 -29.55 -9.33 24.99
N THR B 277 -29.70 -8.57 26.06
CA THR B 277 -30.44 -7.32 26.02
C THR B 277 -29.76 -6.35 26.98
N ASP B 278 -29.87 -5.06 26.68
CA ASP B 278 -29.29 -4.04 27.54
C ASP B 278 -30.23 -3.76 28.71
N PRO B 279 -29.78 -2.96 29.68
CA PRO B 279 -30.65 -2.68 30.84
C PRO B 279 -32.04 -2.18 30.46
N HIS B 280 -32.14 -1.36 29.41
CA HIS B 280 -33.43 -0.81 29.00
C HIS B 280 -34.26 -1.78 28.17
N GLY B 281 -33.69 -2.90 27.73
CA GLY B 281 -34.43 -3.89 26.99
C GLY B 281 -34.25 -3.82 25.48
N HIS B 282 -33.01 -3.63 25.02
CA HIS B 282 -32.70 -3.59 23.60
C HIS B 282 -31.75 -4.72 23.28
N ILE B 283 -32.12 -5.56 22.30
CA ILE B 283 -31.26 -6.67 21.91
C ILE B 283 -29.88 -6.15 21.57
N LEU B 284 -28.85 -6.81 22.10
CA LEU B 284 -27.47 -6.38 21.90
C LEU B 284 -26.91 -7.10 20.67
N LEU B 285 -27.20 -6.54 19.50
CA LEU B 285 -26.78 -7.16 18.24
C LEU B 285 -25.27 -7.11 18.05
N ASP B 286 -24.56 -6.21 18.75
CA ASP B 286 -23.11 -6.18 18.63
C ASP B 286 -22.50 -7.48 19.13
N ASP B 287 -23.12 -8.11 20.13
CA ASP B 287 -22.61 -9.36 20.66
C ASP B 287 -22.86 -10.54 19.71
N ALA B 288 -23.69 -10.35 18.69
CA ALA B 288 -23.89 -11.40 17.70
C ALA B 288 -22.64 -11.56 16.86
N GLU B 289 -22.37 -12.82 16.46
CA GLU B 289 -21.25 -13.16 15.59
C GLU B 289 -21.80 -13.96 14.41
N LEU B 290 -22.32 -13.24 13.42
CA LEU B 290 -23.01 -13.88 12.29
C LEU B 290 -22.08 -14.85 11.56
N ALA B 291 -20.90 -14.38 11.16
CA ALA B 291 -20.00 -15.22 10.39
C ALA B 291 -19.59 -16.46 11.18
N ARG B 292 -19.38 -16.31 12.49
CA ARG B 292 -18.97 -17.44 13.31
C ARG B 292 -20.08 -18.48 13.40
N SER B 293 -21.32 -18.03 13.62
CA SER B 293 -22.42 -18.98 13.74
C SER B 293 -22.67 -19.72 12.44
N LEU B 294 -22.62 -19.00 11.31
CA LEU B 294 -22.84 -19.66 10.02
C LEU B 294 -21.72 -20.65 9.73
N SER B 295 -20.49 -20.33 10.12
CA SER B 295 -19.37 -21.23 9.89
C SER B 295 -19.54 -22.53 10.66
N GLU B 296 -19.98 -22.42 11.92
CA GLU B 296 -20.18 -23.62 12.73
C GLU B 296 -21.24 -24.52 12.10
N GLU B 297 -22.39 -23.95 11.76
CA GLU B 297 -23.48 -24.75 11.18
C GLU B 297 -23.04 -25.39 9.86
N LEU B 298 -22.34 -24.63 9.01
CA LEU B 298 -21.95 -25.16 7.72
C LEU B 298 -20.89 -26.25 7.84
N LEU B 299 -20.06 -26.17 8.88
CA LEU B 299 -19.07 -27.24 9.09
C LEU B 299 -19.74 -28.54 9.53
N LYS B 300 -20.85 -28.46 10.27
CA LYS B 300 -21.60 -29.66 10.60
C LYS B 300 -22.10 -30.36 9.36
N ARG B 301 -22.54 -29.57 8.36
CA ARG B 301 -23.19 -30.15 7.20
C ARG B 301 -22.20 -30.55 6.11
N LEU B 302 -21.08 -29.83 6.00
CA LEU B 302 -20.20 -29.94 4.84
C LEU B 302 -18.78 -30.39 5.18
N GLY B 303 -18.44 -30.54 6.46
CA GLY B 303 -17.08 -30.92 6.81
C GLY B 303 -16.68 -32.27 6.25
N ASN B 304 -17.63 -33.21 6.19
CA ASN B 304 -17.34 -34.54 5.66
C ASN B 304 -16.96 -34.50 4.19
N LEU B 305 -17.37 -33.47 3.45
CA LEU B 305 -17.04 -33.35 2.04
C LEU B 305 -15.64 -32.81 1.81
N GLY B 306 -14.88 -32.55 2.86
CA GLY B 306 -13.59 -31.92 2.73
C GLY B 306 -13.62 -30.40 2.72
N ILE B 307 -14.69 -29.80 3.23
CA ILE B 307 -14.86 -28.36 3.26
C ILE B 307 -14.51 -27.86 4.66
N ARG B 308 -13.61 -26.89 4.74
CA ARG B 308 -13.35 -26.15 5.98
C ARG B 308 -13.78 -24.70 5.78
N ILE B 309 -14.33 -24.11 6.84
CA ILE B 309 -14.91 -22.77 6.78
C ILE B 309 -14.43 -21.97 7.98
N THR B 310 -14.07 -20.70 7.73
CA THR B 310 -13.51 -19.83 8.76
C THR B 310 -14.13 -18.44 8.66
N PRO B 311 -14.58 -17.87 9.77
CA PRO B 311 -15.11 -16.48 9.74
C PRO B 311 -13.99 -15.46 9.85
N LYS B 312 -14.31 -14.25 9.39
CA LYS B 312 -13.35 -13.14 9.41
C LYS B 312 -14.11 -11.83 9.34
N LYS B 313 -13.88 -10.95 10.30
CA LYS B 313 -14.57 -9.67 10.38
C LYS B 313 -13.71 -8.58 9.76
N ILE B 314 -14.35 -7.69 9.01
CA ILE B 314 -13.72 -6.50 8.45
C ILE B 314 -14.55 -5.31 8.88
N GLY B 315 -13.98 -4.44 9.71
CA GLY B 315 -14.74 -3.31 10.22
C GLY B 315 -13.90 -2.16 10.74
N TYR B 316 -13.38 -2.29 11.96
CA TYR B 316 -12.77 -1.14 12.62
C TYR B 316 -11.49 -0.69 11.93
N GLU B 317 -10.81 -1.60 11.22
CA GLU B 317 -9.58 -1.20 10.54
C GLU B 317 -9.83 -0.31 9.33
N LEU B 318 -11.08 -0.13 8.92
CA LEU B 318 -11.40 0.72 7.78
C LEU B 318 -11.69 2.16 8.17
N ARG B 319 -12.10 2.41 9.40
CA ARG B 319 -12.72 3.68 9.75
C ARG B 319 -11.74 4.83 9.74
N CYS B 320 -10.47 4.56 10.01
CA CYS B 320 -9.46 5.62 10.09
C CYS B 320 -8.28 5.35 9.16
N ALA B 321 -8.49 4.56 8.12
CA ALA B 321 -7.49 4.47 7.05
C ALA B 321 -7.30 5.85 6.42
N ASP B 322 -6.09 6.10 5.93
CA ASP B 322 -5.82 7.36 5.23
C ASP B 322 -6.72 7.45 4.00
N PRO B 323 -7.26 8.64 3.70
CA PRO B 323 -8.21 8.73 2.58
C PRO B 323 -7.52 8.51 1.24
N VAL B 324 -8.24 7.83 0.33
CA VAL B 324 -7.79 7.71 -1.05
C VAL B 324 -8.05 9.04 -1.74
N ALA B 325 -7.48 9.23 -2.93
CA ALA B 325 -7.54 10.53 -3.59
C ALA B 325 -8.97 11.00 -3.79
N PHE B 326 -9.89 10.10 -4.15
CA PHE B 326 -11.26 10.50 -4.37
C PHE B 326 -11.85 11.15 -3.11
N ASP B 327 -11.58 10.57 -1.93
CA ASP B 327 -12.11 11.13 -0.69
C ASP B 327 -11.36 12.38 -0.26
N ALA B 328 -10.08 12.51 -0.63
CA ALA B 328 -9.35 13.74 -0.31
C ALA B 328 -9.94 14.92 -1.08
N VAL B 329 -10.21 14.74 -2.37
CA VAL B 329 -10.86 15.78 -3.16
C VAL B 329 -12.27 16.03 -2.65
N TYR B 330 -13.00 14.95 -2.33
CA TYR B 330 -14.37 15.08 -1.86
C TYR B 330 -14.44 15.95 -0.61
N THR B 331 -13.62 15.65 0.41
CA THR B 331 -13.72 16.35 1.67
C THR B 331 -13.12 17.76 1.61
N ARG B 332 -12.16 18.00 0.71
CA ARG B 332 -11.71 19.37 0.50
C ARG B 332 -12.85 20.24 -0.02
N GLU B 333 -13.60 19.72 -0.99
CA GLU B 333 -14.71 20.49 -1.54
C GLU B 333 -15.82 20.66 -0.53
N LEU B 334 -16.01 19.69 0.37
CA LEU B 334 -17.05 19.83 1.37
C LEU B 334 -16.68 20.88 2.41
N GLY B 335 -15.43 20.87 2.88
CA GLY B 335 -14.99 21.89 3.81
C GLY B 335 -15.11 23.29 3.24
N TYR B 336 -14.69 23.46 1.99
CA TYR B 336 -14.89 24.74 1.31
C TYR B 336 -16.37 25.10 1.25
N GLY B 337 -17.22 24.13 0.87
CA GLY B 337 -18.64 24.42 0.74
C GLY B 337 -19.29 24.82 2.05
N ALA B 338 -18.77 24.35 3.17
CA ALA B 338 -19.28 24.77 4.48
C ALA B 338 -18.99 26.25 4.72
N ILE B 339 -17.77 26.68 4.41
CA ILE B 339 -17.41 28.09 4.59
C ILE B 339 -18.23 28.95 3.63
N ASP B 340 -18.41 28.49 2.40
CA ASP B 340 -19.21 29.23 1.43
C ASP B 340 -20.66 29.35 1.90
N ALA B 341 -21.18 28.30 2.53
CA ALA B 341 -22.56 28.36 3.04
C ALA B 341 -22.68 29.36 4.18
N PHE B 342 -21.67 29.42 5.06
CA PHE B 342 -21.68 30.43 6.11
C PHE B 342 -21.68 31.83 5.51
N LEU B 343 -20.82 32.05 4.51
CA LEU B 343 -20.73 33.37 3.88
C LEU B 343 -22.03 33.75 3.21
N ASN B 344 -22.78 32.77 2.69
CA ASN B 344 -23.99 33.03 1.94
C ASN B 344 -25.24 33.02 2.82
N GLY B 345 -25.07 33.08 4.15
CA GLY B 345 -26.18 33.26 5.05
C GLY B 345 -27.00 32.04 5.35
N HIS B 346 -26.53 30.85 4.94
CA HIS B 346 -27.29 29.63 5.17
C HIS B 346 -27.14 29.17 6.61
N SER B 347 -28.19 28.50 7.10
CA SER B 347 -28.17 27.93 8.44
C SER B 347 -29.16 26.79 8.48
N ALA B 348 -28.95 25.87 9.43
CA ALA B 348 -29.74 24.65 9.52
C ALA B 348 -29.71 23.90 8.19
N ALA B 349 -28.52 23.84 7.58
CA ALA B 349 -28.35 23.22 6.28
C ALA B 349 -27.24 22.18 6.34
N LEU B 350 -27.29 21.24 5.41
CA LEU B 350 -26.31 20.18 5.28
C LEU B 350 -25.55 20.36 3.98
N ILE B 351 -24.23 20.26 4.05
CA ILE B 351 -23.36 20.41 2.89
C ILE B 351 -23.25 19.06 2.20
N VAL B 352 -23.86 18.93 1.04
CA VAL B 352 -23.81 17.72 0.24
C VAL B 352 -23.29 18.08 -1.14
N ARG B 353 -22.80 17.07 -1.86
CA ARG B 353 -22.33 17.22 -3.23
C ARG B 353 -23.20 16.40 -4.15
N GLU B 354 -23.78 17.07 -5.15
CA GLU B 354 -24.68 16.43 -6.11
C GLU B 354 -24.31 16.85 -7.52
N ASN B 355 -24.09 15.87 -8.39
CA ASN B 355 -23.70 16.09 -9.78
C ASN B 355 -22.50 17.03 -9.88
N GLY B 356 -21.50 16.75 -9.04
CA GLY B 356 -20.26 17.50 -9.05
C GLY B 356 -20.31 18.90 -8.48
N GLN B 357 -21.42 19.25 -7.81
CA GLN B 357 -21.59 20.59 -7.27
C GLN B 357 -21.89 20.50 -5.78
N VAL B 358 -21.03 21.11 -4.97
CA VAL B 358 -21.28 21.19 -3.53
C VAL B 358 -22.26 22.33 -3.28
N LYS B 359 -23.30 22.05 -2.49
CA LYS B 359 -24.34 23.03 -2.21
C LYS B 359 -24.95 22.74 -0.85
N PRO B 360 -25.47 23.75 -0.16
CA PRO B 360 -26.24 23.48 1.07
C PRO B 360 -27.67 23.09 0.77
N VAL B 361 -28.20 22.20 1.61
CA VAL B 361 -29.57 21.69 1.49
C VAL B 361 -30.18 21.70 2.88
N GLN B 362 -31.32 22.40 3.02
CA GLN B 362 -31.93 22.54 4.33
C GLN B 362 -32.23 21.17 4.95
N PHE B 363 -31.98 21.06 6.26
CA PHE B 363 -32.17 19.79 6.96
C PHE B 363 -33.60 19.27 6.77
N LYS B 364 -34.59 20.14 6.92
CA LYS B 364 -35.98 19.71 6.83
C LYS B 364 -36.36 19.26 5.43
N ASP B 365 -35.69 19.80 4.40
CA ASP B 365 -35.94 19.33 3.04
C ASP B 365 -35.51 17.89 2.83
N LEU B 366 -34.61 17.37 3.68
CA LEU B 366 -34.10 16.01 3.54
C LEU B 366 -34.85 15.01 4.41
N LEU B 367 -35.74 15.47 5.27
CA LEU B 367 -36.46 14.59 6.19
C LEU B 367 -37.55 13.82 5.45
N ASP B 368 -37.72 12.57 5.82
CA ASP B 368 -38.87 11.79 5.35
C ASP B 368 -40.07 12.14 6.22
N PRO B 369 -41.14 12.71 5.67
CA PRO B 369 -42.24 13.18 6.54
C PRO B 369 -42.83 12.10 7.42
N ALA B 370 -42.83 10.84 6.99
CA ALA B 370 -43.46 9.79 7.78
C ALA B 370 -42.68 9.45 9.04
N THR B 371 -41.35 9.62 9.01
CA THR B 371 -40.48 9.24 10.11
C THR B 371 -39.94 10.41 10.93
N GLY B 372 -39.75 11.57 10.32
CA GLY B 372 -39.06 12.66 10.97
C GLY B 372 -37.55 12.60 10.93
N ARG B 373 -36.96 11.52 10.41
CA ARG B 373 -35.52 11.43 10.23
C ARG B 373 -35.14 11.44 8.76
N VAL B 374 -33.84 11.62 8.50
CA VAL B 374 -33.33 11.59 7.14
C VAL B 374 -33.58 10.22 6.54
N ARG B 375 -33.95 10.19 5.26
CA ARG B 375 -34.25 8.94 4.60
C ARG B 375 -32.96 8.16 4.32
N THR B 376 -33.04 6.84 4.44
CA THR B 376 -31.89 5.95 4.27
C THR B 376 -31.91 5.35 2.88
N ARG B 377 -30.85 5.56 2.11
CA ARG B 377 -30.72 4.97 0.79
C ARG B 377 -30.04 3.61 0.92
N LEU B 378 -30.77 2.55 0.55
CA LEU B 378 -30.25 1.19 0.55
C LEU B 378 -29.85 0.78 -0.87
N VAL B 379 -29.25 -0.40 -0.97
CA VAL B 379 -28.89 -0.93 -2.27
C VAL B 379 -30.15 -1.14 -3.09
N ASP B 380 -30.15 -0.65 -4.32
CA ASP B 380 -31.25 -0.83 -5.26
C ASP B 380 -31.02 -2.15 -5.97
N VAL B 381 -31.72 -3.20 -5.53
CA VAL B 381 -31.51 -4.53 -6.10
C VAL B 381 -32.21 -4.74 -7.43
N THR B 382 -32.96 -3.76 -7.92
CA THR B 382 -33.50 -3.81 -9.26
C THR B 382 -32.59 -3.11 -10.27
N SER B 383 -31.57 -2.40 -9.81
CA SER B 383 -30.70 -1.66 -10.70
C SER B 383 -29.87 -2.63 -11.54
N GLN B 384 -29.32 -2.11 -12.64
CA GLN B 384 -28.46 -2.93 -13.49
C GLN B 384 -27.16 -3.27 -12.77
N SER B 385 -26.68 -2.37 -11.89
CA SER B 385 -25.43 -2.63 -11.19
C SER B 385 -25.53 -3.87 -10.32
N PHE B 386 -26.64 -4.03 -9.59
CA PHE B 386 -26.81 -5.23 -8.77
C PHE B 386 -26.92 -6.48 -9.64
N LYS B 387 -27.63 -6.38 -10.77
CA LYS B 387 -27.79 -7.54 -11.64
C LYS B 387 -26.45 -7.98 -12.22
N VAL B 388 -25.57 -7.02 -12.52
CA VAL B 388 -24.25 -7.36 -13.05
C VAL B 388 -23.40 -8.01 -11.98
N ALA B 389 -23.38 -7.44 -10.77
CA ALA B 389 -22.64 -8.05 -9.68
C ALA B 389 -23.09 -9.47 -9.42
N ARG B 390 -24.41 -9.71 -9.47
CA ARG B 390 -24.93 -11.05 -9.23
C ARG B 390 -24.45 -12.03 -10.30
N VAL B 391 -24.24 -11.55 -11.53
CA VAL B 391 -23.83 -12.43 -12.62
C VAL B 391 -22.48 -13.09 -12.32
N TYR B 392 -21.57 -12.36 -11.72
CA TYR B 392 -20.22 -12.86 -11.46
C TYR B 392 -20.09 -13.60 -10.13
N MET B 393 -21.21 -13.83 -9.44
CA MET B 393 -21.21 -14.67 -8.26
C MET B 393 -21.49 -16.12 -8.64
N TRP B 394 -21.09 -17.04 -7.77
CA TRP B 394 -21.44 -18.44 -7.90
C TRP B 394 -22.71 -18.69 -7.08
N ARG B 395 -23.76 -19.15 -7.76
CA ARG B 395 -25.05 -19.33 -7.12
C ARG B 395 -25.97 -20.10 -8.06
N MET B 396 -27.08 -20.58 -7.50
CA MET B 396 -28.09 -21.32 -8.26
C MET B 396 -29.26 -20.38 -8.53
N SER B 397 -29.41 -19.97 -9.79
CA SER B 397 -30.51 -19.11 -10.17
C SER B 397 -31.79 -19.94 -10.35
N LYS B 398 -32.88 -19.24 -10.66
CA LYS B 398 -34.11 -19.95 -11.04
C LYS B 398 -33.84 -20.92 -12.16
N LYS B 399 -33.22 -20.42 -13.22
CA LYS B 399 -32.90 -21.24 -14.38
C LYS B 399 -32.01 -22.42 -14.03
N ASP B 400 -31.11 -22.26 -13.07
CA ASP B 400 -30.20 -23.32 -12.68
C ASP B 400 -30.95 -24.48 -12.03
N TYR B 401 -31.91 -24.19 -11.16
CA TYR B 401 -32.65 -25.27 -10.51
C TYR B 401 -33.47 -26.08 -11.49
N GLU B 402 -33.85 -25.50 -12.62
CA GLU B 402 -34.57 -26.23 -13.66
C GLU B 402 -33.64 -27.00 -14.59
N ASN B 403 -32.34 -26.77 -14.51
CA ASN B 403 -31.36 -27.52 -15.30
C ASN B 403 -31.04 -28.81 -14.58
N LYS B 404 -31.57 -29.93 -15.08
CA LYS B 404 -31.41 -31.21 -14.39
C LYS B 404 -29.97 -31.71 -14.45
N ASP B 405 -29.26 -31.45 -15.55
CA ASP B 405 -27.87 -31.88 -15.61
C ASP B 405 -27.04 -31.17 -14.55
N LEU B 406 -27.24 -29.87 -14.38
CA LEU B 406 -26.51 -29.13 -13.35
C LEU B 406 -26.92 -29.58 -11.96
N VAL B 407 -28.23 -29.75 -11.73
CA VAL B 407 -28.71 -30.17 -10.41
C VAL B 407 -28.15 -31.53 -10.04
N ALA B 408 -27.98 -32.42 -11.01
CA ALA B 408 -27.42 -33.73 -10.71
C ALA B 408 -25.95 -33.61 -10.33
N ARG B 409 -25.23 -32.70 -10.97
CA ARG B 409 -23.81 -32.52 -10.66
C ARG B 409 -23.65 -31.96 -9.25
N VAL B 410 -24.48 -30.99 -8.89
CA VAL B 410 -24.36 -30.34 -7.58
C VAL B 410 -24.79 -31.30 -6.47
N ALA B 411 -25.87 -32.05 -6.70
CA ALA B 411 -26.33 -33.01 -5.69
C ALA B 411 -25.26 -34.06 -5.41
N ALA B 412 -24.67 -34.62 -6.46
CA ALA B 412 -23.58 -35.58 -6.27
C ALA B 412 -22.41 -34.96 -5.50
N ALA B 413 -22.15 -33.67 -5.72
CA ALA B 413 -21.09 -33.00 -4.96
C ALA B 413 -21.41 -32.97 -3.48
N GLY B 414 -22.69 -32.84 -3.12
CA GLY B 414 -23.14 -32.87 -1.75
C GLY B 414 -23.50 -34.25 -1.24
N LYS B 415 -23.23 -35.30 -2.01
CA LYS B 415 -23.52 -36.67 -1.59
C LYS B 415 -25.00 -36.82 -1.23
N MET B 416 -25.86 -36.41 -2.15
CA MET B 416 -27.30 -36.50 -1.97
C MET B 416 -27.95 -36.71 -3.32
N THR B 417 -29.20 -37.17 -3.29
CA THR B 417 -29.92 -37.43 -4.52
C THR B 417 -30.38 -36.12 -5.16
N PRO B 418 -30.57 -36.11 -6.49
CA PRO B 418 -31.10 -34.89 -7.12
C PRO B 418 -32.42 -34.45 -6.54
N GLU B 419 -33.28 -35.41 -6.18
CA GLU B 419 -34.58 -35.06 -5.59
C GLU B 419 -34.40 -34.44 -4.20
N ALA B 420 -33.43 -34.94 -3.44
CA ALA B 420 -33.17 -34.37 -2.12
C ALA B 420 -32.62 -32.96 -2.24
N PHE B 421 -31.81 -32.71 -3.26
CA PHE B 421 -31.25 -31.38 -3.48
C PHE B 421 -32.35 -30.38 -3.81
N THR B 422 -33.25 -30.74 -4.72
CA THR B 422 -34.35 -29.85 -5.05
C THR B 422 -35.25 -29.60 -3.85
N GLU B 423 -35.48 -30.63 -3.04
CA GLU B 423 -36.35 -30.47 -1.87
C GLU B 423 -35.76 -29.50 -0.86
N LYS B 424 -34.44 -29.47 -0.72
CA LYS B 424 -33.81 -28.67 0.32
C LYS B 424 -33.58 -27.23 -0.13
N PHE B 425 -33.12 -27.03 -1.37
CA PHE B 425 -32.60 -25.73 -1.79
C PHE B 425 -33.52 -24.98 -2.76
N ALA B 426 -34.43 -25.66 -3.45
CA ALA B 426 -35.17 -25.03 -4.53
C ALA B 426 -36.04 -23.88 -4.03
N HIS B 427 -36.52 -23.97 -2.79
CA HIS B 427 -37.37 -22.90 -2.25
C HIS B 427 -36.64 -21.58 -2.11
N LEU B 428 -35.31 -21.57 -2.18
CA LEU B 428 -34.55 -20.34 -1.98
C LEU B 428 -34.82 -19.31 -3.08
N THR B 429 -35.39 -19.71 -4.21
CA THR B 429 -35.72 -18.75 -5.25
C THR B 429 -36.83 -17.80 -4.82
N ASP B 430 -37.61 -18.16 -3.81
CA ASP B 430 -38.61 -17.28 -3.23
C ASP B 430 -38.09 -16.49 -2.03
N VAL B 431 -36.83 -16.73 -1.65
CA VAL B 431 -36.26 -16.04 -0.49
C VAL B 431 -35.57 -14.75 -0.90
N VAL B 432 -34.91 -14.73 -2.06
CA VAL B 432 -34.18 -13.56 -2.52
C VAL B 432 -34.63 -13.20 -3.93
N VAL B 433 -34.57 -11.90 -4.22
CA VAL B 433 -34.89 -11.42 -5.57
C VAL B 433 -33.91 -12.06 -6.55
N GLU B 434 -34.35 -12.25 -7.78
CA GLU B 434 -33.52 -12.88 -8.80
C GLU B 434 -33.23 -11.89 -9.92
N GLU C 12 17.88 -38.12 -20.98
CA GLU C 12 16.89 -37.09 -20.70
C GLU C 12 17.35 -36.20 -19.54
N ALA C 13 16.74 -35.03 -19.43
CA ALA C 13 17.13 -34.06 -18.40
C ALA C 13 16.62 -34.52 -17.04
N PRO C 14 17.37 -34.22 -15.97
CA PRO C 14 16.90 -34.60 -14.62
C PRO C 14 15.61 -33.89 -14.28
N VAL C 15 14.77 -34.56 -13.49
CA VAL C 15 13.44 -34.06 -13.16
C VAL C 15 13.47 -33.59 -11.71
N LEU C 16 13.11 -32.31 -11.52
CA LEU C 16 12.93 -31.72 -10.21
C LEU C 16 11.43 -31.56 -9.96
N GLY C 17 10.96 -32.15 -8.86
CA GLY C 17 9.56 -32.02 -8.46
C GLY C 17 9.46 -31.19 -7.19
N ILE C 18 8.49 -30.28 -7.16
CA ILE C 18 8.33 -29.33 -6.07
C ILE C 18 6.91 -29.42 -5.54
N LEU C 19 6.77 -29.31 -4.22
CA LEU C 19 5.45 -29.24 -3.60
C LEU C 19 5.53 -28.39 -2.34
N CYS C 20 4.37 -27.89 -1.91
CA CYS C 20 4.22 -27.12 -0.70
C CYS C 20 3.28 -27.84 0.26
N GLY C 21 3.63 -27.83 1.54
CA GLY C 21 2.79 -28.40 2.57
C GLY C 21 2.62 -27.42 3.71
N GLY C 22 1.51 -27.57 4.42
CA GLY C 22 1.22 -26.68 5.53
C GLY C 22 0.58 -25.38 5.08
N GLY C 23 0.43 -24.48 6.03
CA GLY C 23 -0.19 -23.19 5.77
C GLY C 23 0.74 -22.24 5.04
N PRO C 24 0.20 -21.48 4.10
CA PRO C 24 1.06 -20.62 3.28
C PRO C 24 1.75 -19.55 4.12
N ALA C 25 2.86 -19.04 3.61
CA ALA C 25 3.58 -17.91 4.15
C ALA C 25 4.08 -17.07 2.99
N PRO C 26 4.15 -15.74 3.16
CA PRO C 26 4.62 -14.90 2.06
C PRO C 26 6.02 -15.29 1.62
N GLY C 27 6.18 -15.50 0.32
CA GLY C 27 7.46 -15.87 -0.25
C GLY C 27 7.54 -17.29 -0.76
N LEU C 28 6.51 -18.11 -0.54
CA LEU C 28 6.51 -19.47 -1.09
C LEU C 28 6.80 -19.43 -2.59
N ASN C 29 6.13 -18.53 -3.32
CA ASN C 29 6.37 -18.42 -4.75
C ASN C 29 7.81 -18.00 -5.04
N GLY C 30 8.42 -17.24 -4.14
CA GLY C 30 9.82 -16.89 -4.32
C GLY C 30 10.75 -18.10 -4.25
N VAL C 31 10.45 -19.04 -3.36
CA VAL C 31 11.25 -20.26 -3.29
C VAL C 31 11.02 -21.12 -4.53
N ILE C 32 9.78 -21.23 -4.98
CA ILE C 32 9.50 -22.03 -6.18
C ILE C 32 10.21 -21.44 -7.40
N ALA C 33 10.19 -20.11 -7.53
CA ALA C 33 10.76 -19.48 -8.72
C ALA C 33 12.29 -19.46 -8.66
N GLY C 34 12.86 -19.23 -7.49
CA GLY C 34 14.31 -19.27 -7.37
C GLY C 34 14.87 -20.64 -7.74
N ALA C 35 14.22 -21.72 -7.26
CA ALA C 35 14.67 -23.07 -7.58
C ALA C 35 14.41 -23.42 -9.04
N THR C 36 13.24 -23.02 -9.57
CA THR C 36 12.87 -23.41 -10.92
C THR C 36 13.74 -22.70 -11.95
N LEU C 37 13.88 -21.38 -11.83
CA LEU C 37 14.65 -20.63 -12.83
C LEU C 37 16.08 -21.14 -12.92
N TYR C 38 16.73 -21.33 -11.75
CA TYR C 38 18.10 -21.84 -11.77
C TYR C 38 18.17 -23.22 -12.36
N ALA C 39 17.22 -24.10 -12.00
CA ALA C 39 17.22 -25.45 -12.55
C ALA C 39 16.99 -25.44 -14.06
N LEU C 40 16.17 -24.50 -14.55
CA LEU C 40 15.93 -24.44 -15.99
C LEU C 40 17.18 -24.00 -16.75
N ARG C 41 18.02 -23.15 -16.14
CA ARG C 41 19.29 -22.80 -16.76
C ARG C 41 20.24 -23.98 -16.78
N LEU C 42 20.08 -24.93 -15.88
CA LEU C 42 20.87 -26.16 -15.88
C LEU C 42 20.33 -27.20 -16.85
N GLY C 43 19.20 -26.95 -17.49
CA GLY C 43 18.60 -27.90 -18.38
C GLY C 43 17.65 -28.89 -17.76
N TRP C 44 17.35 -28.74 -16.47
CA TRP C 44 16.45 -29.67 -15.80
C TRP C 44 15.00 -29.46 -16.25
N LYS C 45 14.20 -30.51 -16.08
CA LYS C 45 12.75 -30.45 -16.22
C LYS C 45 12.16 -30.27 -14.83
N VAL C 46 11.25 -29.32 -14.67
CA VAL C 46 10.68 -28.98 -13.37
C VAL C 46 9.17 -29.21 -13.42
N ILE C 47 8.65 -29.91 -12.42
CA ILE C 47 7.22 -30.16 -12.30
C ILE C 47 6.78 -29.77 -10.90
N GLY C 48 5.52 -29.37 -10.79
CA GLY C 48 4.96 -28.98 -9.50
C GLY C 48 3.73 -29.78 -9.14
N PHE C 49 3.74 -30.41 -7.97
CA PHE C 49 2.58 -31.14 -7.47
C PHE C 49 1.59 -30.16 -6.82
N MET C 50 0.33 -30.21 -7.25
CA MET C 50 -0.70 -29.37 -6.66
C MET C 50 -1.16 -29.93 -5.33
N GLU C 51 -1.28 -29.07 -4.32
CA GLU C 51 -1.82 -29.42 -3.00
C GLU C 51 -0.94 -30.44 -2.29
N GLY C 52 0.36 -30.20 -2.31
CA GLY C 52 1.27 -30.98 -1.49
C GLY C 52 1.21 -32.46 -1.81
N PHE C 53 1.15 -33.27 -0.76
CA PHE C 53 1.13 -34.72 -0.87
C PHE C 53 -0.26 -35.28 -1.12
N LYS C 54 -1.27 -34.42 -1.26
CA LYS C 54 -2.66 -34.87 -1.30
C LYS C 54 -2.88 -35.95 -2.35
N TYR C 55 -2.46 -35.69 -3.59
CA TYR C 55 -2.71 -36.63 -4.67
C TYR C 55 -1.64 -37.70 -4.81
N LEU C 56 -0.40 -37.40 -4.41
CA LEU C 56 0.63 -38.44 -4.39
C LEU C 56 0.26 -39.57 -3.43
N CYS C 57 -0.55 -39.27 -2.41
CA CYS C 57 -0.97 -40.28 -1.45
C CYS C 57 -1.93 -41.30 -2.05
N THR C 58 -2.63 -40.95 -3.13
CA THR C 58 -3.58 -41.90 -3.71
C THR C 58 -2.87 -43.10 -4.33
N GLY C 59 -1.69 -42.89 -4.89
CA GLY C 59 -0.99 -43.92 -5.62
C GLY C 59 -1.42 -44.08 -7.07
N ASP C 60 -2.51 -43.44 -7.47
CA ASP C 60 -2.98 -43.52 -8.85
C ASP C 60 -2.19 -42.53 -9.70
N VAL C 61 -1.36 -43.04 -10.60
CA VAL C 61 -0.49 -42.16 -11.38
C VAL C 61 -1.29 -41.25 -12.30
N ASP C 62 -2.46 -41.71 -12.76
CA ASP C 62 -3.29 -40.86 -13.61
C ASP C 62 -3.83 -39.68 -12.82
N VAL C 63 -4.25 -39.92 -11.58
CA VAL C 63 -4.75 -38.83 -10.74
C VAL C 63 -3.64 -37.84 -10.44
N VAL C 64 -2.43 -38.34 -10.15
CA VAL C 64 -1.32 -37.44 -9.86
C VAL C 64 -1.03 -36.55 -11.07
N LYS C 65 -0.97 -37.15 -12.26
CA LYS C 65 -0.68 -36.36 -13.45
C LYS C 65 -1.76 -35.32 -13.71
N ALA C 66 -3.01 -35.62 -13.40
CA ALA C 66 -4.08 -34.64 -13.56
C ALA C 66 -3.93 -33.48 -12.59
N HIS C 67 -3.12 -33.63 -11.55
CA HIS C 67 -2.88 -32.58 -10.58
C HIS C 67 -1.39 -32.32 -10.45
N THR C 68 -0.67 -32.40 -11.57
CA THR C 68 0.70 -31.93 -11.67
C THR C 68 0.80 -31.04 -12.89
N ILE C 69 1.65 -30.01 -12.81
CA ILE C 69 1.83 -29.08 -13.90
C ILE C 69 3.33 -28.94 -14.19
N ASP C 70 3.62 -28.52 -15.42
CA ASP C 70 4.99 -28.27 -15.84
C ASP C 70 5.38 -26.85 -15.42
N LEU C 71 6.38 -26.73 -14.57
CA LEU C 71 6.85 -25.44 -14.09
C LEU C 71 7.87 -24.94 -15.12
N THR C 72 7.40 -24.16 -16.08
CA THR C 72 8.22 -23.63 -17.15
C THR C 72 8.67 -22.21 -16.81
N TYR C 73 9.56 -21.68 -17.65
CA TYR C 73 10.03 -20.31 -17.42
C TYR C 73 8.85 -19.34 -17.36
N ASP C 74 7.93 -19.44 -18.30
CA ASP C 74 6.81 -18.52 -18.37
C ASP C 74 5.95 -18.59 -17.12
N ILE C 75 5.82 -19.78 -16.51
CA ILE C 75 4.96 -19.94 -15.35
C ILE C 75 5.54 -19.20 -14.15
N VAL C 76 6.86 -19.26 -13.97
CA VAL C 76 7.48 -18.81 -12.72
C VAL C 76 8.24 -17.51 -12.86
N SER C 77 8.36 -16.93 -14.05
CA SER C 77 9.26 -15.79 -14.24
C SER C 77 8.86 -14.59 -13.41
N ARG C 78 7.59 -14.48 -13.01
CA ARG C 78 7.15 -13.29 -12.28
C ARG C 78 6.30 -13.59 -11.05
N ILE C 79 6.33 -14.82 -10.54
CA ILE C 79 5.57 -15.14 -9.34
C ILE C 79 6.29 -14.69 -8.07
N HIS C 80 7.52 -14.19 -8.17
CA HIS C 80 8.20 -13.64 -7.00
C HIS C 80 7.52 -12.39 -6.44
N PHE C 81 6.62 -11.77 -7.21
CA PHE C 81 5.84 -10.64 -6.71
C PHE C 81 4.60 -11.08 -5.93
N GLN C 82 4.20 -12.35 -6.01
CA GLN C 82 2.89 -12.79 -5.60
C GLN C 82 2.94 -13.57 -4.30
N GLY C 83 2.06 -13.22 -3.38
CA GLY C 83 1.84 -14.07 -2.22
C GLY C 83 1.10 -15.33 -2.59
N GLY C 84 1.00 -16.22 -1.59
CA GLY C 84 0.40 -17.52 -1.84
C GLY C 84 1.38 -18.50 -2.47
N THR C 85 0.83 -19.53 -3.07
CA THR C 85 1.61 -20.50 -3.83
C THR C 85 0.82 -20.94 -5.04
N ILE C 86 1.44 -20.84 -6.22
CA ILE C 86 0.72 -21.19 -7.45
C ILE C 86 0.45 -22.69 -7.54
N ILE C 87 1.19 -23.52 -6.82
CA ILE C 87 0.93 -24.96 -6.79
C ILE C 87 0.15 -25.35 -5.55
N GLN C 88 -0.43 -24.39 -4.84
CA GLN C 88 -1.29 -24.68 -3.70
C GLN C 88 -0.56 -25.49 -2.65
N THR C 89 -1.28 -25.87 -1.60
CA THR C 89 -0.69 -26.59 -0.48
C THR C 89 -1.78 -27.37 0.22
N SER C 90 -1.36 -28.33 1.06
CA SER C 90 -2.29 -29.10 1.87
C SER C 90 -1.52 -29.69 3.03
N ARG C 91 -2.25 -30.09 4.06
CA ARG C 91 -1.68 -30.83 5.17
C ARG C 91 -1.80 -32.33 4.99
N ALA C 92 -2.18 -32.79 3.80
CA ALA C 92 -2.16 -34.21 3.50
C ALA C 92 -0.79 -34.77 3.85
N ASN C 93 -0.77 -35.84 4.63
CA ASN C 93 0.44 -36.28 5.33
C ASN C 93 0.67 -37.77 5.15
N PRO C 94 1.68 -38.17 4.36
CA PRO C 94 1.92 -39.61 4.18
C PRO C 94 2.73 -40.25 5.29
N ARG C 95 3.30 -39.48 6.22
CA ARG C 95 4.17 -40.08 7.22
C ARG C 95 3.45 -41.08 8.10
N LYS C 96 2.12 -40.96 8.21
CA LYS C 96 1.40 -41.85 9.10
C LYS C 96 1.31 -43.27 8.55
N SER C 97 1.25 -43.43 7.22
CA SER C 97 1.07 -44.74 6.62
C SER C 97 2.12 -45.03 5.55
N PRO C 98 2.77 -46.21 5.59
CA PRO C 98 3.66 -46.59 4.48
C PRO C 98 2.90 -46.97 3.23
N GLU C 99 1.62 -47.34 3.36
CA GLU C 99 0.80 -47.48 2.17
C GLU C 99 0.72 -46.16 1.43
N LEU C 100 0.57 -45.06 2.18
CA LEU C 100 0.60 -43.74 1.56
C LEU C 100 2.02 -43.37 1.14
N GLN C 101 3.02 -43.71 1.97
CA GLN C 101 4.41 -43.43 1.59
C GLN C 101 4.79 -44.20 0.33
N GLU C 102 4.34 -45.45 0.22
CA GLU C 102 4.64 -46.25 -0.95
C GLU C 102 3.81 -45.84 -2.15
N ASN C 103 2.63 -45.27 -1.91
CA ASN C 103 1.88 -44.64 -2.99
C ASN C 103 2.66 -43.45 -3.54
N VAL C 104 3.27 -42.67 -2.64
CA VAL C 104 4.10 -41.55 -3.05
C VAL C 104 5.35 -42.05 -3.76
N ARG C 105 5.99 -43.08 -3.22
CA ARG C 105 7.18 -43.63 -3.86
C ARG C 105 6.87 -44.17 -5.25
N LYS C 106 5.69 -44.79 -5.43
CA LYS C 106 5.33 -45.33 -6.74
C LYS C 106 5.16 -44.20 -7.77
N CYS C 107 4.52 -43.11 -7.37
CA CYS C 107 4.28 -42.01 -8.31
C CYS C 107 5.57 -41.25 -8.60
N LEU C 108 6.44 -41.08 -7.59
CA LEU C 108 7.70 -40.39 -7.83
C LEU C 108 8.58 -41.17 -8.80
N ARG C 109 8.65 -42.49 -8.62
CA ARG C 109 9.42 -43.31 -9.56
C ARG C 109 8.81 -43.27 -10.96
N ALA C 110 7.48 -43.30 -11.05
CA ALA C 110 6.82 -43.25 -12.36
C ALA C 110 7.16 -41.96 -13.09
N LEU C 111 7.22 -40.83 -12.37
CA LEU C 111 7.55 -39.55 -12.96
C LEU C 111 9.06 -39.33 -13.07
N LYS C 112 9.86 -40.25 -12.56
CA LYS C 112 11.32 -40.19 -12.69
C LYS C 112 11.89 -38.95 -12.00
N VAL C 113 11.34 -38.62 -10.84
CA VAL C 113 11.82 -37.47 -10.08
C VAL C 113 13.20 -37.82 -9.53
N ARG C 114 14.22 -37.09 -10.01
CA ARG C 114 15.58 -37.25 -9.50
C ARG C 114 15.82 -36.36 -8.27
N TYR C 115 15.25 -35.16 -8.26
CA TYR C 115 15.39 -34.21 -7.17
C TYR C 115 14.00 -33.82 -6.67
N PHE C 116 13.82 -33.84 -5.36
CA PHE C 116 12.50 -33.66 -4.75
C PHE C 116 12.60 -32.58 -3.69
N LEU C 117 11.98 -31.44 -3.95
CA LEU C 117 12.02 -30.29 -3.04
C LEU C 117 10.64 -30.07 -2.45
N THR C 118 10.54 -30.13 -1.13
CA THR C 118 9.32 -29.81 -0.39
C THR C 118 9.52 -28.52 0.39
N ILE C 119 8.50 -27.68 0.41
CA ILE C 119 8.53 -26.41 1.14
C ILE C 119 7.39 -26.45 2.14
N GLY C 120 7.72 -26.61 3.42
CA GLY C 120 6.68 -26.74 4.44
C GLY C 120 7.29 -26.80 5.81
N GLY C 121 6.43 -27.13 6.78
CA GLY C 121 6.82 -27.24 8.17
C GLY C 121 7.35 -28.60 8.53
N ASP C 122 7.22 -28.95 9.81
CA ASP C 122 7.78 -30.21 10.30
C ASP C 122 7.12 -31.42 9.64
N ASP C 123 5.80 -31.39 9.50
CA ASP C 123 5.10 -32.52 8.92
C ASP C 123 5.52 -32.76 7.48
N THR C 124 5.77 -31.69 6.73
CA THR C 124 6.15 -31.83 5.33
C THR C 124 7.56 -32.39 5.19
N ALA C 125 8.49 -31.89 6.00
CA ALA C 125 9.87 -32.38 5.93
C ALA C 125 9.96 -33.84 6.40
N SER C 126 9.28 -34.18 7.50
CA SER C 126 9.30 -35.56 7.98
C SER C 126 8.68 -36.52 6.98
N SER C 127 7.65 -36.08 6.27
CA SER C 127 7.06 -36.92 5.22
C SER C 127 8.04 -37.14 4.08
N ALA C 128 8.80 -36.10 3.71
CA ALA C 128 9.73 -36.25 2.59
C ALA C 128 10.87 -37.19 2.93
N VAL C 129 11.37 -37.14 4.16
CA VAL C 129 12.49 -37.99 4.54
C VAL C 129 12.04 -39.44 4.70
N SER C 130 10.84 -39.65 5.25
CA SER C 130 10.32 -41.00 5.38
C SER C 130 10.11 -41.64 4.02
N VAL C 131 9.69 -40.84 3.03
CA VAL C 131 9.57 -41.36 1.67
C VAL C 131 10.94 -41.65 1.09
N ALA C 132 11.97 -40.90 1.50
CA ALA C 132 13.30 -41.08 0.93
C ALA C 132 14.02 -42.27 1.55
N SER C 133 13.77 -42.55 2.83
CA SER C 133 14.48 -43.63 3.52
C SER C 133 14.19 -44.99 2.90
N GLY C 134 13.12 -45.12 2.14
CA GLY C 134 12.79 -46.38 1.49
C GLY C 134 12.97 -46.33 -0.01
N MET C 135 13.86 -45.44 -0.44
CA MET C 135 14.31 -45.37 -1.82
C MET C 135 15.82 -45.40 -1.83
N ASN C 136 16.40 -45.69 -2.99
CA ASN C 136 17.85 -45.70 -3.13
C ASN C 136 18.37 -44.27 -3.28
N GLY C 137 19.46 -43.97 -2.59
CA GLY C 137 20.04 -42.64 -2.67
C GLY C 137 20.49 -42.24 -4.05
N ASN C 138 20.61 -43.20 -4.97
CA ASN C 138 21.05 -42.89 -6.32
C ASN C 138 19.90 -42.40 -7.21
N GLU C 139 18.67 -42.88 -6.95
CA GLU C 139 17.55 -42.55 -7.82
C GLU C 139 16.84 -41.26 -7.44
N ILE C 140 16.91 -40.85 -6.16
CA ILE C 140 16.21 -39.65 -5.72
C ILE C 140 17.02 -38.99 -4.61
N SER C 141 17.00 -37.66 -4.61
CA SER C 141 17.59 -36.85 -3.55
C SER C 141 16.51 -35.91 -3.05
N VAL C 142 16.39 -35.79 -1.72
CA VAL C 142 15.28 -35.07 -1.10
C VAL C 142 15.83 -33.90 -0.30
N ILE C 143 15.28 -32.71 -0.55
CA ILE C 143 15.63 -31.50 0.18
C ILE C 143 14.34 -30.81 0.57
N SER C 144 14.29 -30.27 1.78
CA SER C 144 13.13 -29.54 2.27
C SER C 144 13.56 -28.16 2.72
N CYS C 145 12.71 -27.18 2.48
CA CYS C 145 12.98 -25.82 2.92
C CYS C 145 12.04 -25.48 4.06
N PRO C 146 12.54 -25.25 5.27
CA PRO C 146 11.63 -25.05 6.42
C PRO C 146 10.89 -23.72 6.34
N LYS C 147 9.58 -23.81 6.55
CA LYS C 147 8.66 -22.68 6.44
C LYS C 147 7.99 -22.42 7.78
N THR C 148 7.89 -21.14 8.13
CA THR C 148 7.11 -20.73 9.28
C THR C 148 7.01 -19.20 9.33
N ILE C 149 5.78 -18.69 9.35
CA ILE C 149 5.52 -17.27 9.53
C ILE C 149 5.72 -16.83 10.97
N ASP C 150 5.83 -17.77 11.91
CA ASP C 150 5.92 -17.46 13.33
C ASP C 150 7.32 -17.11 13.78
N ASN C 151 8.34 -17.29 12.94
CA ASN C 151 9.72 -16.95 13.28
C ASN C 151 10.26 -17.88 14.35
N ASP C 152 9.76 -19.11 14.42
CA ASP C 152 10.09 -20.03 15.50
C ASP C 152 11.07 -21.13 15.06
N LEU C 153 11.82 -20.92 13.98
CA LEU C 153 12.90 -21.84 13.67
C LEU C 153 14.13 -21.48 14.53
N PRO C 154 14.97 -22.49 14.86
CA PRO C 154 16.14 -22.26 15.71
C PRO C 154 17.34 -21.66 14.97
N LEU C 155 17.08 -20.59 14.21
CA LEU C 155 18.15 -19.83 13.60
C LEU C 155 18.89 -19.02 14.65
N PRO C 156 20.09 -18.52 14.35
CA PRO C 156 20.76 -17.61 15.29
C PRO C 156 19.83 -16.49 15.71
N ALA C 157 19.92 -16.11 16.98
CA ALA C 157 18.93 -15.19 17.56
C ALA C 157 18.83 -13.91 16.76
N ASP C 158 17.59 -13.44 16.57
CA ASP C 158 17.20 -12.22 15.90
C ASP C 158 17.18 -12.38 14.37
N GLN C 159 17.63 -13.51 13.83
CA GLN C 159 17.57 -13.75 12.38
C GLN C 159 16.23 -14.38 12.05
N SER C 160 15.54 -13.80 11.07
CA SER C 160 14.15 -14.15 10.81
C SER C 160 14.01 -15.33 9.85
N THR C 161 12.89 -16.03 9.98
CA THR C 161 12.43 -16.97 8.98
C THR C 161 11.73 -16.20 7.86
N PHE C 162 11.67 -16.81 6.67
CA PHE C 162 11.09 -16.09 5.54
C PHE C 162 9.57 -16.00 5.69
N GLY C 163 9.02 -14.87 5.30
CA GLY C 163 7.62 -14.58 5.50
C GLY C 163 7.31 -13.78 6.74
N PHE C 164 8.17 -13.86 7.75
CA PHE C 164 7.91 -13.16 9.01
C PHE C 164 7.93 -11.64 8.82
N HIS C 165 8.88 -11.13 8.04
CA HIS C 165 8.95 -9.67 7.83
C HIS C 165 7.67 -9.15 7.20
N THR C 166 7.15 -9.87 6.21
CA THR C 166 5.91 -9.44 5.55
C THR C 166 4.74 -9.43 6.53
N ALA C 167 4.59 -10.51 7.30
CA ALA C 167 3.48 -10.59 8.25
C ALA C 167 3.58 -9.50 9.31
N ARG C 168 4.78 -9.26 9.82
CA ARG C 168 4.93 -8.24 10.85
C ARG C 168 4.64 -6.84 10.31
N SER C 169 5.04 -6.58 9.06
CA SER C 169 4.87 -5.25 8.49
C SER C 169 3.41 -4.97 8.17
N LEU C 170 2.68 -5.97 7.67
CA LEU C 170 1.25 -5.78 7.43
C LEU C 170 0.51 -5.67 8.76
N GLY C 171 0.91 -6.46 9.75
CA GLY C 171 0.31 -6.33 11.07
C GLY C 171 0.51 -4.94 11.65
N MET C 172 1.67 -4.35 11.43
CA MET C 172 1.91 -2.98 11.88
C MET C 172 0.94 -2.00 11.21
N GLU C 173 0.65 -2.21 9.92
CA GLU C 173 -0.23 -1.28 9.22
C GLU C 173 -1.68 -1.40 9.67
N ILE C 174 -2.13 -2.63 9.94
CA ILE C 174 -3.47 -2.81 10.47
C ILE C 174 -3.59 -2.18 11.85
N ILE C 175 -2.59 -2.41 12.70
CA ILE C 175 -2.63 -1.85 14.05
C ILE C 175 -2.54 -0.33 14.02
N ARG C 176 -1.82 0.23 13.04
CA ARG C 176 -1.79 1.69 12.90
C ARG C 176 -3.19 2.24 12.74
N ASN C 177 -3.98 1.67 11.82
CA ASN C 177 -5.35 2.12 11.66
C ASN C 177 -6.14 2.01 12.96
N LEU C 178 -5.87 0.95 13.74
CA LEU C 178 -6.57 0.78 15.01
C LEU C 178 -6.07 1.74 16.08
N MET C 179 -4.80 2.16 15.99
CA MET C 179 -4.29 3.17 16.92
C MET C 179 -4.92 4.53 16.65
N VAL C 180 -5.06 4.90 15.37
CA VAL C 180 -5.72 6.15 15.02
C VAL C 180 -7.19 6.09 15.42
N ASP C 181 -7.83 4.95 15.23
CA ASP C 181 -9.26 4.85 15.51
C ASP C 181 -9.52 4.87 17.00
N SER C 182 -8.66 4.24 17.80
CA SER C 182 -8.85 4.24 19.24
C SER C 182 -8.66 5.63 19.83
N LYS C 183 -7.78 6.44 19.25
CA LYS C 183 -7.58 7.79 19.73
C LYS C 183 -8.65 8.74 19.22
N SER C 184 -9.08 8.57 17.96
CA SER C 184 -10.11 9.45 17.41
C SER C 184 -11.45 9.26 18.14
N ALA C 185 -11.80 8.02 18.47
CA ALA C 185 -13.02 7.68 19.19
C ALA C 185 -12.61 6.86 20.41
N PRO C 186 -12.29 7.52 21.54
CA PRO C 186 -11.64 6.80 22.66
C PRO C 186 -12.17 5.41 22.94
N ARG C 187 -11.31 4.41 22.81
CA ARG C 187 -11.63 3.03 23.13
C ARG C 187 -10.34 2.25 23.18
N TRP C 188 -10.40 1.07 23.78
CA TRP C 188 -9.30 0.11 23.80
C TRP C 188 -9.62 -1.03 22.84
N PHE C 189 -8.68 -1.36 21.97
CA PHE C 189 -8.74 -2.56 21.15
C PHE C 189 -7.84 -3.60 21.77
N LEU C 190 -8.36 -4.84 21.92
CA LEU C 190 -7.55 -5.99 22.30
C LEU C 190 -7.27 -6.79 21.03
N VAL C 191 -6.11 -6.55 20.42
CA VAL C 191 -5.75 -7.22 19.18
C VAL C 191 -5.14 -8.58 19.53
N GLU C 192 -5.66 -9.63 18.92
CA GLU C 192 -5.18 -10.99 19.14
C GLU C 192 -4.42 -11.43 17.89
N ALA C 193 -3.10 -11.57 18.02
CA ALA C 193 -2.26 -12.06 16.93
C ALA C 193 -2.37 -13.58 16.89
N MET C 194 -3.00 -14.10 15.85
CA MET C 194 -3.19 -15.55 15.75
C MET C 194 -1.84 -16.25 15.62
N GLY C 195 -1.79 -17.48 16.13
CA GLY C 195 -0.57 -18.24 16.19
C GLY C 195 -0.18 -18.54 17.62
N ARG C 196 -0.18 -19.82 17.99
CA ARG C 196 0.01 -20.26 19.37
C ARG C 196 1.41 -20.77 19.64
N SER C 197 2.29 -20.79 18.64
CA SER C 197 3.61 -21.39 18.85
C SER C 197 4.55 -20.48 19.63
N ALA C 198 4.57 -19.19 19.30
CA ALA C 198 5.54 -18.29 19.95
C ALA C 198 4.98 -16.87 19.90
N GLY C 199 5.71 -15.97 20.53
CA GLY C 199 5.32 -14.57 20.64
C GLY C 199 6.06 -13.62 19.75
N HIS C 200 6.85 -14.09 18.79
CA HIS C 200 7.58 -13.19 17.91
C HIS C 200 6.62 -12.28 17.12
N LEU C 201 5.56 -12.88 16.58
CA LEU C 201 4.67 -12.12 15.70
C LEU C 201 3.90 -11.06 16.47
N ALA C 202 3.39 -11.41 17.66
CA ALA C 202 2.66 -10.43 18.46
C ALA C 202 3.58 -9.31 18.91
N LEU C 203 4.77 -9.65 19.41
CA LEU C 203 5.70 -8.63 19.90
C LEU C 203 6.22 -7.75 18.77
N GLY C 204 6.44 -8.33 17.59
CA GLY C 204 6.93 -7.52 16.48
C GLY C 204 5.92 -6.47 16.03
N MET C 205 4.67 -6.90 15.86
CA MET C 205 3.62 -5.95 15.47
C MET C 205 3.45 -4.87 16.54
N ALA C 206 3.49 -5.26 17.81
CA ALA C 206 3.24 -4.32 18.90
C ALA C 206 4.36 -3.29 19.03
N GLU C 207 5.61 -3.74 18.98
CA GLU C 207 6.72 -2.79 19.11
C GLU C 207 6.79 -1.86 17.91
N ALA C 208 6.59 -2.38 16.70
CA ALA C 208 6.66 -1.56 15.52
C ALA C 208 5.54 -0.52 15.51
N SER C 209 4.36 -0.89 15.99
CA SER C 209 3.21 -0.01 15.98
C SER C 209 3.13 0.88 17.22
N GLY C 210 4.03 0.70 18.18
CA GLY C 210 3.95 1.48 19.40
C GLY C 210 2.76 1.13 20.27
N ALA C 211 2.26 -0.09 20.18
CA ALA C 211 1.12 -0.50 20.99
C ALA C 211 1.45 -0.30 22.47
N HIS C 212 0.41 0.01 23.26
CA HIS C 212 0.61 0.34 24.66
C HIS C 212 0.85 -0.87 25.53
N LEU C 213 0.60 -2.08 25.05
CA LEU C 213 0.92 -3.28 25.82
C LEU C 213 1.00 -4.46 24.87
N CYS C 214 1.88 -5.40 25.19
CA CYS C 214 1.93 -6.69 24.53
C CYS C 214 2.13 -7.77 25.57
N LEU C 215 1.35 -8.85 25.46
CA LEU C 215 1.45 -10.00 26.37
C LEU C 215 1.72 -11.25 25.55
N ILE C 216 2.82 -11.92 25.84
CA ILE C 216 3.19 -13.15 25.15
C ILE C 216 3.37 -14.25 26.18
N PRO C 217 3.14 -15.52 25.83
CA PRO C 217 3.30 -16.58 26.84
C PRO C 217 4.70 -16.66 27.42
N GLU C 218 5.72 -16.18 26.69
CA GLU C 218 7.10 -16.36 27.13
C GLU C 218 7.41 -15.56 28.39
N GLU C 219 6.70 -14.46 28.63
CA GLU C 219 7.05 -13.59 29.75
C GLU C 219 6.44 -14.04 31.08
N PHE C 220 5.62 -15.09 31.09
CA PHE C 220 5.05 -15.59 32.32
C PHE C 220 6.00 -16.57 32.98
N LYS C 221 6.30 -16.34 34.26
CA LYS C 221 7.28 -17.16 34.97
C LYS C 221 6.74 -18.57 35.23
N GLN C 222 5.49 -18.67 35.69
CA GLN C 222 4.93 -19.97 36.03
C GLN C 222 4.59 -20.76 34.76
N ASP C 223 4.49 -22.08 34.93
CA ASP C 223 4.24 -22.97 33.80
C ASP C 223 2.80 -22.89 33.30
N GLU C 224 1.86 -22.49 34.15
CA GLU C 224 0.45 -22.39 33.75
C GLU C 224 -0.06 -21.01 34.10
N ILE C 225 -0.71 -20.37 33.13
CA ILE C 225 -1.24 -19.03 33.27
C ILE C 225 -2.66 -19.11 33.81
N GLU C 226 -3.03 -18.12 34.63
CA GLU C 226 -4.38 -18.02 35.18
C GLU C 226 -5.14 -16.92 34.46
N PHE C 227 -6.43 -17.18 34.18
CA PHE C 227 -7.25 -16.20 33.48
C PHE C 227 -7.29 -14.88 34.24
N GLU C 228 -7.36 -14.93 35.57
CA GLU C 228 -7.46 -13.72 36.36
C GLU C 228 -6.22 -12.84 36.17
N ASP C 229 -5.04 -13.44 36.11
CA ASP C 229 -3.81 -12.66 35.98
C ASP C 229 -3.76 -11.91 34.66
N VAL C 230 -4.20 -12.55 33.58
CA VAL C 230 -4.22 -11.87 32.28
C VAL C 230 -5.20 -10.70 32.32
N VAL C 231 -6.37 -10.90 32.91
CA VAL C 231 -7.33 -9.81 33.03
C VAL C 231 -6.72 -8.65 33.80
N GLU C 232 -6.00 -8.94 34.89
CA GLU C 232 -5.47 -7.89 35.74
C GLU C 232 -4.28 -7.18 35.09
N LEU C 233 -3.52 -7.88 34.26
CA LEU C 233 -2.41 -7.23 33.57
C LEU C 233 -2.92 -6.19 32.57
N VAL C 234 -3.99 -6.52 31.84
CA VAL C 234 -4.58 -5.53 30.94
C VAL C 234 -5.27 -4.44 31.75
N GLU C 235 -5.92 -4.84 32.84
CA GLU C 235 -6.62 -3.86 33.67
C GLU C 235 -5.64 -2.81 34.21
N ALA C 236 -4.46 -3.25 34.67
CA ALA C 236 -3.48 -2.32 35.23
C ALA C 236 -2.99 -1.34 34.18
N THR C 237 -2.79 -1.82 32.95
CA THR C 237 -2.35 -0.93 31.88
C THR C 237 -3.41 0.11 31.56
N ILE C 238 -4.68 -0.30 31.51
CA ILE C 238 -5.76 0.63 31.20
C ILE C 238 -5.87 1.67 32.29
N LEU C 239 -5.69 1.25 33.55
CA LEU C 239 -5.84 2.20 34.66
C LEU C 239 -4.68 3.18 34.69
N LYS C 240 -3.46 2.73 34.38
CA LYS C 240 -2.32 3.65 34.37
C LYS C 240 -2.45 4.66 33.25
N ARG C 241 -2.87 4.22 32.06
CA ARG C 241 -3.15 5.17 30.99
C ARG C 241 -4.24 6.14 31.41
N LEU C 242 -5.27 5.65 32.08
CA LEU C 242 -6.36 6.52 32.52
C LEU C 242 -5.88 7.54 33.53
N ALA C 243 -4.89 7.18 34.35
CA ALA C 243 -4.34 8.13 35.32
C ALA C 243 -3.57 9.27 34.65
N TYR C 244 -3.13 9.08 33.41
CA TYR C 244 -2.45 10.12 32.65
C TYR C 244 -3.36 10.77 31.61
N GLY C 245 -4.68 10.65 31.78
CA GLY C 245 -5.61 11.34 30.91
C GLY C 245 -5.91 10.65 29.61
N LYS C 246 -5.59 9.36 29.49
CA LYS C 246 -5.76 8.61 28.25
C LYS C 246 -6.71 7.46 28.52
N ASN C 247 -7.94 7.56 28.05
CA ASN C 247 -8.94 6.51 28.21
C ASN C 247 -9.06 5.66 26.95
N TYR C 248 -7.93 5.36 26.32
CA TYR C 248 -7.92 4.60 25.07
C TYR C 248 -6.55 4.00 24.87
N GLY C 249 -6.47 3.03 23.97
CA GLY C 249 -5.20 2.41 23.66
C GLY C 249 -5.39 1.13 22.87
N VAL C 250 -4.27 0.45 22.66
CA VAL C 250 -4.27 -0.84 21.95
C VAL C 250 -3.36 -1.80 22.72
N CYS C 251 -3.87 -3.00 22.99
CA CYS C 251 -3.12 -4.06 23.62
C CYS C 251 -3.09 -5.25 22.67
N VAL C 252 -1.88 -5.78 22.43
CA VAL C 252 -1.69 -6.95 21.55
C VAL C 252 -1.47 -8.19 22.41
N LEU C 253 -2.13 -9.28 22.05
CA LEU C 253 -2.10 -10.53 22.80
C LEU C 253 -1.73 -11.66 21.85
N ALA C 254 -0.65 -12.37 22.15
CA ALA C 254 -0.32 -13.57 21.41
C ALA C 254 -1.33 -14.67 21.73
N GLU C 255 -1.86 -15.33 20.70
CA GLU C 255 -2.83 -16.39 20.94
C GLU C 255 -2.22 -17.52 21.74
N GLY C 256 -0.89 -17.62 21.79
CA GLY C 256 -0.23 -18.65 22.58
C GLY C 256 -0.53 -18.59 24.06
N LEU C 257 -1.07 -17.46 24.54
CA LEU C 257 -1.49 -17.40 25.94
C LEU C 257 -2.48 -18.51 26.26
N VAL C 258 -3.32 -18.87 25.31
CA VAL C 258 -4.33 -19.90 25.54
C VAL C 258 -3.68 -21.24 25.80
N SER C 259 -2.60 -21.55 25.08
CA SER C 259 -1.95 -22.85 25.22
C SER C 259 -1.13 -22.99 26.49
N LYS C 260 -0.92 -21.90 27.23
CA LYS C 260 -0.26 -21.98 28.52
C LYS C 260 -1.24 -21.94 29.68
N MET C 261 -2.52 -21.72 29.43
CA MET C 261 -3.48 -21.57 30.51
C MET C 261 -3.76 -22.90 31.18
N SER C 262 -4.04 -22.85 32.48
CA SER C 262 -4.35 -24.04 33.25
C SER C 262 -5.75 -24.55 32.89
N LYS C 263 -6.09 -25.71 33.44
CA LYS C 263 -7.43 -26.26 33.22
C LYS C 263 -8.49 -25.31 33.77
N LYS C 264 -8.25 -24.74 34.94
CA LYS C 264 -9.20 -23.79 35.53
C LYS C 264 -9.33 -22.55 34.64
N ALA C 265 -8.19 -22.04 34.15
CA ALA C 265 -8.24 -20.85 33.30
C ALA C 265 -9.04 -21.10 32.04
N LEU C 266 -8.87 -22.29 31.43
CA LEU C 266 -9.63 -22.61 30.24
C LEU C 266 -11.12 -22.75 30.53
N TYR C 267 -11.47 -23.22 31.74
CA TYR C 267 -12.87 -23.33 32.11
C TYR C 267 -13.53 -21.95 32.08
N LYS C 268 -12.90 -20.95 32.69
CA LYS C 268 -13.42 -19.59 32.62
C LYS C 268 -13.36 -19.04 31.22
N LEU C 269 -12.33 -19.41 30.44
CA LEU C 269 -12.16 -18.85 29.11
C LEU C 269 -13.33 -19.21 28.21
N PHE C 270 -13.80 -20.45 28.27
CA PHE C 270 -14.90 -20.91 27.44
C PHE C 270 -16.26 -20.61 28.04
N GLY C 271 -16.36 -19.61 28.92
CA GLY C 271 -17.63 -19.26 29.50
C GLY C 271 -18.04 -20.07 30.69
N ASN C 272 -17.07 -20.46 31.54
CA ASN C 272 -17.35 -21.37 32.64
C ASN C 272 -18.01 -22.65 32.15
N ARG C 273 -17.61 -23.09 30.96
CA ARG C 273 -18.08 -24.33 30.37
C ARG C 273 -16.93 -25.34 30.33
N GLU C 274 -17.30 -26.59 30.10
CA GLU C 274 -16.29 -27.60 29.80
C GLU C 274 -15.67 -27.29 28.44
N PRO C 275 -14.35 -27.19 28.34
CA PRO C 275 -13.74 -26.84 27.04
C PRO C 275 -14.20 -27.76 25.94
N PRO C 276 -14.48 -27.24 24.75
CA PRO C 276 -14.85 -28.10 23.63
C PRO C 276 -13.74 -29.09 23.33
N THR C 277 -14.12 -30.21 22.70
CA THR C 277 -13.19 -31.29 22.44
C THR C 277 -13.52 -31.96 21.12
N ASP C 278 -12.49 -32.52 20.49
CA ASP C 278 -12.64 -33.26 19.24
C ASP C 278 -13.06 -34.69 19.59
N PRO C 279 -13.26 -35.54 18.57
CA PRO C 279 -13.61 -36.94 18.87
C PRO C 279 -12.57 -37.67 19.70
N HIS C 280 -11.28 -37.35 19.55
CA HIS C 280 -10.24 -38.05 20.28
C HIS C 280 -10.06 -37.53 21.71
N GLY C 281 -10.86 -36.55 22.14
CA GLY C 281 -10.79 -36.05 23.49
C GLY C 281 -9.89 -34.86 23.71
N HIS C 282 -9.11 -34.47 22.70
CA HIS C 282 -8.21 -33.33 22.84
C HIS C 282 -8.98 -32.01 22.78
N ILE C 283 -8.47 -31.02 23.50
CA ILE C 283 -9.15 -29.73 23.56
C ILE C 283 -9.03 -29.00 22.23
N LEU C 284 -10.08 -28.28 21.86
CA LEU C 284 -10.11 -27.51 20.62
C LEU C 284 -9.88 -26.04 20.94
N LEU C 285 -8.61 -25.66 21.05
CA LEU C 285 -8.26 -24.29 21.41
C LEU C 285 -8.63 -23.30 20.31
N ASP C 286 -8.82 -23.77 19.07
CA ASP C 286 -9.22 -22.85 18.00
C ASP C 286 -10.57 -22.20 18.30
N ASP C 287 -11.46 -22.92 19.00
CA ASP C 287 -12.76 -22.37 19.33
C ASP C 287 -12.70 -21.31 20.43
N ALA C 288 -11.56 -21.16 21.10
CA ALA C 288 -11.42 -20.14 22.12
C ALA C 288 -11.39 -18.76 21.48
N GLU C 289 -11.95 -17.78 22.20
CA GLU C 289 -11.98 -16.39 21.76
C GLU C 289 -11.33 -15.56 22.86
N LEU C 290 -10.00 -15.56 22.90
CA LEU C 290 -9.29 -14.93 24.00
C LEU C 290 -9.62 -13.44 24.10
N ALA C 291 -9.49 -12.71 22.99
CA ALA C 291 -9.73 -11.27 23.03
C ALA C 291 -11.18 -10.96 23.40
N ARG C 292 -12.13 -11.76 22.92
CA ARG C 292 -13.53 -11.51 23.22
C ARG C 292 -13.81 -11.71 24.71
N SER C 293 -13.30 -12.80 25.29
CA SER C 293 -13.58 -13.08 26.70
C SER C 293 -12.96 -12.03 27.61
N LEU C 294 -11.73 -11.61 27.30
CA LEU C 294 -11.10 -10.56 28.10
C LEU C 294 -11.85 -9.24 27.98
N SER C 295 -12.38 -8.95 26.78
CA SER C 295 -13.12 -7.70 26.59
C SER C 295 -14.38 -7.68 27.43
N GLU C 296 -15.12 -8.79 27.48
CA GLU C 296 -16.32 -8.85 28.28
C GLU C 296 -16.01 -8.67 29.77
N GLU C 297 -15.03 -9.41 30.27
CA GLU C 297 -14.68 -9.29 31.68
C GLU C 297 -14.22 -7.88 32.03
N LEU C 298 -13.38 -7.29 31.18
CA LEU C 298 -12.84 -5.97 31.46
C LEU C 298 -13.92 -4.90 31.37
N LEU C 299 -14.93 -5.10 30.53
CA LEU C 299 -16.03 -4.13 30.45
C LEU C 299 -16.88 -4.16 31.72
N LYS C 300 -17.00 -5.34 32.35
CA LYS C 300 -17.72 -5.40 33.62
C LYS C 300 -17.01 -4.57 34.68
N ARG C 301 -15.66 -4.60 34.65
CA ARG C 301 -14.89 -3.97 35.73
C ARG C 301 -14.64 -2.49 35.46
N LEU C 302 -14.56 -2.08 34.19
CA LEU C 302 -14.08 -0.75 33.84
C LEU C 302 -15.12 0.08 33.10
N GLY C 303 -16.28 -0.48 32.78
CA GLY C 303 -17.28 0.28 32.06
C GLY C 303 -17.73 1.52 32.81
N ASN C 304 -17.80 1.43 34.13
CA ASN C 304 -18.18 2.58 34.94
C ASN C 304 -17.17 3.71 34.82
N LEU C 305 -15.91 3.40 34.47
CA LEU C 305 -14.88 4.42 34.32
C LEU C 305 -14.93 5.13 32.96
N GLY C 306 -15.86 4.78 32.09
CA GLY C 306 -15.88 5.33 30.76
C GLY C 306 -15.02 4.61 29.74
N ILE C 307 -14.68 3.35 30.01
CA ILE C 307 -13.81 2.57 29.14
C ILE C 307 -14.64 1.68 28.24
N ARG C 308 -14.34 1.70 26.95
CA ARG C 308 -14.89 0.76 25.98
C ARG C 308 -13.77 -0.18 25.54
N ILE C 309 -14.10 -1.45 25.31
CA ILE C 309 -13.12 -2.45 24.93
C ILE C 309 -13.72 -3.30 23.82
N THR C 310 -12.91 -3.56 22.78
CA THR C 310 -13.35 -4.28 21.59
C THR C 310 -12.28 -5.25 21.15
N PRO C 311 -12.63 -6.51 20.87
CA PRO C 311 -11.64 -7.46 20.35
C PRO C 311 -11.44 -7.32 18.85
N LYS C 312 -10.28 -7.80 18.38
CA LYS C 312 -9.93 -7.73 16.97
C LYS C 312 -8.84 -8.76 16.68
N LYS C 313 -9.09 -9.66 15.74
CA LYS C 313 -8.13 -10.70 15.38
C LYS C 313 -7.36 -10.31 14.13
N ILE C 314 -6.07 -10.63 14.12
CA ILE C 314 -5.19 -10.46 12.98
C ILE C 314 -4.53 -11.81 12.73
N GLY C 315 -4.81 -12.41 11.58
CA GLY C 315 -4.27 -13.73 11.28
C GLY C 315 -4.23 -14.10 9.81
N TYR C 316 -5.37 -14.53 9.25
CA TYR C 316 -5.36 -15.13 7.93
C TYR C 316 -5.00 -14.13 6.84
N GLU C 317 -5.27 -12.83 7.07
CA GLU C 317 -4.96 -11.83 6.06
C GLU C 317 -3.45 -11.58 5.92
N LEU C 318 -2.62 -12.18 6.77
CA LEU C 318 -1.19 -12.01 6.67
C LEU C 318 -0.52 -13.08 5.82
N ARG C 319 -1.13 -14.26 5.70
CA ARG C 319 -0.40 -15.44 5.22
C ARG C 319 -0.08 -15.35 3.74
N CYS C 320 -0.88 -14.64 2.96
CA CYS C 320 -0.67 -14.59 1.51
C CYS C 320 -0.55 -13.16 1.01
N ALA C 321 -0.22 -12.21 1.89
CA ALA C 321 0.17 -10.89 1.42
C ALA C 321 1.41 -11.00 0.53
N ASP C 322 1.49 -10.11 -0.47
CA ASP C 322 2.66 -10.10 -1.33
C ASP C 322 3.92 -9.88 -0.51
N PRO C 323 5.01 -10.57 -0.81
CA PRO C 323 6.21 -10.45 0.04
C PRO C 323 6.87 -9.09 -0.10
N VAL C 324 7.35 -8.57 1.03
CA VAL C 324 8.15 -7.34 1.03
C VAL C 324 9.54 -7.70 0.49
N ALA C 325 10.33 -6.66 0.18
CA ALA C 325 11.59 -6.87 -0.53
C ALA C 325 12.51 -7.80 0.25
N PHE C 326 12.54 -7.69 1.59
CA PHE C 326 13.40 -8.56 2.37
C PHE C 326 13.07 -10.02 2.13
N ASP C 327 11.79 -10.37 2.09
CA ASP C 327 11.39 -11.75 1.87
C ASP C 327 11.55 -12.18 0.42
N ALA C 328 11.47 -11.24 -0.53
CA ALA C 328 11.71 -11.59 -1.93
C ALA C 328 13.17 -11.99 -2.15
N VAL C 329 14.10 -11.20 -1.60
CA VAL C 329 15.52 -11.57 -1.68
C VAL C 329 15.78 -12.85 -0.92
N TYR C 330 15.16 -12.98 0.27
CA TYR C 330 15.35 -14.16 1.12
C TYR C 330 14.97 -15.43 0.37
N THR C 331 13.77 -15.47 -0.22
CA THR C 331 13.29 -16.71 -0.82
C THR C 331 13.99 -16.97 -2.15
N ARG C 332 14.47 -15.93 -2.81
CA ARG C 332 15.29 -16.13 -4.00
C ARG C 332 16.56 -16.88 -3.63
N GLU C 333 17.22 -16.48 -2.55
CA GLU C 333 18.45 -17.14 -2.14
C GLU C 333 18.19 -18.56 -1.66
N LEU C 334 17.03 -18.81 -1.04
CA LEU C 334 16.74 -20.16 -0.58
C LEU C 334 16.50 -21.10 -1.75
N GLY C 335 15.74 -20.66 -2.74
CA GLY C 335 15.53 -21.47 -3.92
C GLY C 335 16.82 -21.81 -4.64
N TYR C 336 17.69 -20.81 -4.83
CA TYR C 336 19.00 -21.07 -5.40
C TYR C 336 19.77 -22.08 -4.56
N GLY C 337 19.76 -21.88 -3.24
CA GLY C 337 20.51 -22.77 -2.35
C GLY C 337 20.02 -24.20 -2.39
N ALA C 338 18.73 -24.40 -2.67
CA ALA C 338 18.21 -25.76 -2.78
C ALA C 338 18.80 -26.48 -3.99
N ILE C 339 18.88 -25.79 -5.12
CA ILE C 339 19.48 -26.39 -6.31
C ILE C 339 20.96 -26.66 -6.10
N ASP C 340 21.65 -25.72 -5.45
CA ASP C 340 23.06 -25.91 -5.17
C ASP C 340 23.27 -27.12 -4.27
N ALA C 341 22.35 -27.34 -3.32
CA ALA C 341 22.45 -28.50 -2.45
C ALA C 341 22.23 -29.80 -3.22
N PHE C 342 21.28 -29.80 -4.16
CA PHE C 342 21.11 -30.96 -5.04
C PHE C 342 22.38 -31.24 -5.84
N LEU C 343 23.00 -30.18 -6.39
CA LEU C 343 24.20 -30.36 -7.20
C LEU C 343 25.35 -30.95 -6.40
N ASN C 344 25.43 -30.65 -5.10
CA ASN C 344 26.53 -31.13 -4.27
C ASN C 344 26.21 -32.42 -3.56
N GLY C 345 25.16 -33.12 -3.98
CA GLY C 345 24.89 -34.45 -3.48
C GLY C 345 24.20 -34.53 -2.15
N HIS C 346 23.69 -33.42 -1.62
CA HIS C 346 23.01 -33.43 -0.33
C HIS C 346 21.62 -34.04 -0.44
N SER C 347 21.20 -34.68 0.65
CA SER C 347 19.85 -35.26 0.73
C SER C 347 19.47 -35.38 2.20
N ALA C 348 18.16 -35.46 2.45
CA ALA C 348 17.65 -35.45 3.82
C ALA C 348 18.19 -34.25 4.58
N ALA C 349 18.20 -33.09 3.92
CA ALA C 349 18.75 -31.87 4.48
C ALA C 349 17.71 -30.76 4.39
N LEU C 350 17.89 -29.75 5.23
CA LEU C 350 17.01 -28.59 5.29
C LEU C 350 17.79 -27.36 4.83
N ILE C 351 17.22 -26.62 3.90
CA ILE C 351 17.86 -25.43 3.35
C ILE C 351 17.46 -24.23 4.22
N VAL C 352 18.41 -23.73 5.00
CA VAL C 352 18.19 -22.59 5.88
C VAL C 352 19.24 -21.54 5.56
N ARG C 353 18.99 -20.32 6.05
CA ARG C 353 19.92 -19.21 5.92
C ARG C 353 20.41 -18.84 7.31
N GLU C 354 21.73 -18.87 7.51
CA GLU C 354 22.33 -18.60 8.80
C GLU C 354 23.54 -17.70 8.59
N ASN C 355 23.55 -16.56 9.27
CA ASN C 355 24.67 -15.62 9.17
C ASN C 355 24.93 -15.21 7.72
N GLY C 356 23.84 -14.93 6.99
CA GLY C 356 23.93 -14.47 5.62
C GLY C 356 24.31 -15.50 4.59
N GLN C 357 24.34 -16.78 4.95
CA GLN C 357 24.76 -17.84 4.05
C GLN C 357 23.67 -18.91 4.01
N VAL C 358 23.15 -19.17 2.83
CA VAL C 358 22.22 -20.28 2.64
C VAL C 358 23.05 -21.56 2.58
N LYS C 359 22.64 -22.56 3.36
CA LYS C 359 23.41 -23.79 3.47
C LYS C 359 22.45 -24.93 3.75
N PRO C 360 22.78 -26.16 3.36
CA PRO C 360 22.00 -27.32 3.82
C PRO C 360 22.44 -27.70 5.22
N VAL C 361 21.47 -28.11 6.03
CA VAL C 361 21.71 -28.50 7.42
C VAL C 361 20.98 -29.81 7.68
N GLN C 362 21.72 -30.82 8.09
CA GLN C 362 21.14 -32.14 8.29
C GLN C 362 20.00 -32.09 9.28
N PHE C 363 18.98 -32.92 9.03
CA PHE C 363 17.78 -32.92 9.86
C PHE C 363 18.15 -33.05 11.34
N LYS C 364 19.13 -33.91 11.65
CA LYS C 364 19.39 -34.22 13.04
C LYS C 364 19.89 -33.00 13.82
N ASP C 365 20.59 -32.08 13.14
CA ASP C 365 21.13 -30.92 13.84
C ASP C 365 20.03 -30.00 14.36
N LEU C 366 18.85 -30.03 13.74
CA LEU C 366 17.77 -29.14 14.14
C LEU C 366 16.72 -29.80 15.02
N LEU C 367 16.72 -31.12 15.13
CA LEU C 367 15.69 -31.79 15.92
C LEU C 367 16.03 -31.70 17.40
N ASP C 368 15.03 -31.38 18.21
CA ASP C 368 15.15 -31.49 19.66
C ASP C 368 14.70 -32.89 20.08
N PRO C 369 15.55 -33.70 20.71
CA PRO C 369 15.15 -35.09 20.99
C PRO C 369 13.84 -35.23 21.74
N ALA C 370 13.47 -34.26 22.57
CA ALA C 370 12.26 -34.38 23.37
C ALA C 370 11.01 -34.34 22.49
N THR C 371 11.08 -33.70 21.34
CA THR C 371 9.92 -33.53 20.47
C THR C 371 9.92 -34.47 19.27
N GLY C 372 11.10 -34.81 18.75
CA GLY C 372 11.22 -35.53 17.51
C GLY C 372 11.02 -34.67 16.29
N ARG C 373 10.57 -33.44 16.46
CA ARG C 373 10.43 -32.45 15.40
C ARG C 373 11.40 -31.30 15.66
N VAL C 374 11.46 -30.39 14.68
CA VAL C 374 12.39 -29.27 14.80
C VAL C 374 12.14 -28.50 16.08
N ARG C 375 13.22 -28.00 16.67
CA ARG C 375 13.14 -27.26 17.92
C ARG C 375 12.44 -25.93 17.71
N THR C 376 11.69 -25.49 18.71
CA THR C 376 10.92 -24.26 18.64
C THR C 376 11.71 -23.16 19.32
N ARG C 377 12.03 -22.11 18.56
CA ARG C 377 12.70 -20.93 19.10
C ARG C 377 11.63 -19.95 19.56
N LEU C 378 11.61 -19.67 20.86
CA LEU C 378 10.67 -18.73 21.45
C LEU C 378 11.35 -17.37 21.64
N VAL C 379 10.54 -16.39 22.04
CA VAL C 379 11.08 -15.07 22.37
C VAL C 379 11.96 -15.20 23.61
N ASP C 380 13.17 -14.64 23.54
CA ASP C 380 14.09 -14.60 24.66
C ASP C 380 13.79 -13.37 25.49
N VAL C 381 13.06 -13.57 26.60
CA VAL C 381 12.63 -12.43 27.43
C VAL C 381 13.75 -11.88 28.30
N THR C 382 14.94 -12.51 28.26
CA THR C 382 16.12 -11.94 28.92
C THR C 382 16.96 -11.08 27.97
N SER C 383 16.67 -11.11 26.68
CA SER C 383 17.45 -10.36 25.70
C SER C 383 17.23 -8.86 25.86
N GLN C 384 18.17 -8.10 25.28
CA GLN C 384 18.04 -6.64 25.31
C GLN C 384 16.87 -6.17 24.46
N SER C 385 16.57 -6.87 23.36
CA SER C 385 15.47 -6.45 22.50
C SER C 385 14.15 -6.48 23.24
N PHE C 386 13.90 -7.53 24.03
CA PHE C 386 12.65 -7.61 24.77
C PHE C 386 12.56 -6.53 25.85
N LYS C 387 13.67 -6.26 26.53
CA LYS C 387 13.66 -5.23 27.57
C LYS C 387 13.40 -3.85 26.97
N VAL C 388 13.91 -3.58 25.77
CA VAL C 388 13.65 -2.31 25.13
C VAL C 388 12.19 -2.18 24.74
N ALA C 389 11.63 -3.23 24.13
CA ALA C 389 10.22 -3.21 23.76
C ALA C 389 9.35 -2.96 24.99
N ARG C 390 9.71 -3.57 26.13
CA ARG C 390 8.96 -3.39 27.36
C ARG C 390 9.03 -1.96 27.86
N VAL C 391 10.13 -1.25 27.60
CA VAL C 391 10.28 0.12 28.08
C VAL C 391 9.18 1.02 27.52
N TYR C 392 8.82 0.83 26.25
CA TYR C 392 7.87 1.70 25.59
C TYR C 392 6.42 1.25 25.76
N MET C 393 6.17 0.26 26.59
CA MET C 393 4.81 -0.12 26.94
C MET C 393 4.35 0.65 28.18
N TRP C 394 3.03 0.74 28.33
CA TRP C 394 2.42 1.27 29.54
C TRP C 394 2.11 0.11 30.46
N ARG C 395 2.67 0.14 31.67
CA ARG C 395 2.53 -0.97 32.60
C ARG C 395 3.07 -0.55 33.95
N MET C 396 2.75 -1.33 34.98
CA MET C 396 3.20 -1.09 36.34
C MET C 396 4.34 -2.03 36.64
N SER C 397 5.55 -1.49 36.74
CA SER C 397 6.73 -2.27 37.08
C SER C 397 6.80 -2.49 38.60
N LYS C 398 7.83 -3.22 39.04
CA LYS C 398 8.05 -3.39 40.47
C LYS C 398 8.15 -2.04 41.17
N LYS C 399 9.02 -1.17 40.65
CA LYS C 399 9.23 0.13 41.27
C LYS C 399 7.96 0.98 41.24
N ASP C 400 7.12 0.81 40.23
CA ASP C 400 5.89 1.59 40.15
C ASP C 400 4.96 1.27 41.32
N TYR C 401 4.88 0.00 41.70
CA TYR C 401 4.04 -0.37 42.84
C TYR C 401 4.59 0.20 44.14
N GLU C 402 5.90 0.47 44.21
CA GLU C 402 6.51 1.08 45.38
C GLU C 402 6.39 2.60 45.38
N ASN C 403 5.97 3.19 44.27
CA ASN C 403 5.79 4.64 44.17
C ASN C 403 4.40 4.99 44.73
N LYS C 404 4.37 5.58 45.92
CA LYS C 404 3.09 5.83 46.56
C LYS C 404 2.28 6.88 45.82
N ASP C 405 2.94 7.91 45.28
CA ASP C 405 2.22 8.94 44.54
C ASP C 405 1.60 8.36 43.27
N LEU C 406 2.34 7.52 42.55
CA LEU C 406 1.81 6.91 41.34
C LEU C 406 0.65 5.99 41.67
N VAL C 407 0.81 5.16 42.70
CA VAL C 407 -0.25 4.22 43.08
C VAL C 407 -1.51 4.96 43.46
N ALA C 408 -1.38 6.15 44.06
CA ALA C 408 -2.56 6.91 44.43
C ALA C 408 -3.30 7.42 43.20
N ARG C 409 -2.56 7.83 42.17
CA ARG C 409 -3.21 8.30 40.94
C ARG C 409 -3.88 7.15 40.20
N VAL C 410 -3.21 5.99 40.11
CA VAL C 410 -3.76 4.88 39.35
C VAL C 410 -4.96 4.30 40.09
N ALA C 411 -4.86 4.13 41.40
CA ALA C 411 -5.99 3.63 42.18
C ALA C 411 -7.18 4.58 42.07
N ALA C 412 -6.94 5.88 42.23
CA ALA C 412 -8.01 6.86 42.08
C ALA C 412 -8.61 6.79 40.68
N ALA C 413 -7.79 6.51 39.66
CA ALA C 413 -8.33 6.35 38.31
C ALA C 413 -9.31 5.19 38.23
N GLY C 414 -9.04 4.12 38.98
CA GLY C 414 -9.93 2.99 39.08
C GLY C 414 -10.99 3.11 40.15
N LYS C 415 -11.10 4.28 40.80
CA LYS C 415 -12.08 4.51 41.85
C LYS C 415 -11.95 3.50 42.97
N MET C 416 -10.74 3.38 43.51
CA MET C 416 -10.47 2.51 44.63
C MET C 416 -9.34 3.12 45.47
N THR C 417 -9.21 2.64 46.70
CA THR C 417 -8.19 3.15 47.59
C THR C 417 -6.81 2.61 47.21
N PRO C 418 -5.74 3.33 47.57
CA PRO C 418 -4.39 2.80 47.28
C PRO C 418 -4.14 1.43 47.87
N GLU C 419 -4.69 1.15 49.07
CA GLU C 419 -4.49 -0.16 49.67
C GLU C 419 -5.21 -1.24 48.89
N ALA C 420 -6.40 -0.94 48.36
CA ALA C 420 -7.12 -1.93 47.56
C ALA C 420 -6.40 -2.21 46.26
N PHE C 421 -5.79 -1.19 45.65
CA PHE C 421 -5.06 -1.38 44.41
C PHE C 421 -3.81 -2.24 44.64
N THR C 422 -3.03 -1.91 45.66
CA THR C 422 -1.83 -2.69 45.95
C THR C 422 -2.18 -4.13 46.30
N GLU C 423 -3.26 -4.32 47.08
CA GLU C 423 -3.65 -5.68 47.48
C GLU C 423 -4.06 -6.53 46.28
N LYS C 424 -4.65 -5.91 45.26
CA LYS C 424 -5.13 -6.66 44.10
C LYS C 424 -4.05 -6.90 43.05
N PHE C 425 -3.24 -5.88 42.77
CA PHE C 425 -2.35 -5.90 41.61
C PHE C 425 -0.88 -6.13 41.92
N ALA C 426 -0.44 -5.91 43.16
CA ALA C 426 0.98 -5.96 43.45
C ALA C 426 1.58 -7.33 43.16
N HIS C 427 0.79 -8.40 43.34
CA HIS C 427 1.30 -9.74 43.09
C HIS C 427 1.67 -9.98 41.63
N LEU C 428 1.25 -9.11 40.72
CA LEU C 428 1.54 -9.32 39.31
C LEU C 428 3.03 -9.24 39.00
N THR C 429 3.82 -8.66 39.92
CA THR C 429 5.27 -8.61 39.71
C THR C 429 5.91 -9.98 39.78
N ASP C 430 5.24 -10.96 40.41
CA ASP C 430 5.71 -12.34 40.43
C ASP C 430 5.09 -13.19 39.33
N VAL C 431 4.20 -12.62 38.52
CA VAL C 431 3.55 -13.39 37.46
C VAL C 431 4.33 -13.30 36.16
N VAL C 432 4.91 -12.14 35.85
CA VAL C 432 5.66 -11.94 34.62
C VAL C 432 7.05 -11.45 34.97
N VAL C 433 8.02 -11.79 34.12
CA VAL C 433 9.37 -11.33 34.33
C VAL C 433 9.42 -9.80 34.32
N GLU C 434 10.35 -9.25 35.07
CA GLU C 434 10.51 -7.80 35.19
C GLU C 434 11.84 -7.35 34.61
N ALA D 13 -19.86 -23.20 -31.14
CA ALA D 13 -20.16 -22.01 -30.36
C ALA D 13 -19.52 -20.77 -30.99
N PRO D 14 -20.19 -19.62 -30.88
CA PRO D 14 -19.62 -18.40 -31.49
C PRO D 14 -18.31 -18.02 -30.84
N VAL D 15 -17.44 -17.41 -31.63
CA VAL D 15 -16.09 -17.06 -31.21
C VAL D 15 -16.00 -15.55 -30.96
N LEU D 16 -15.59 -15.20 -29.75
CA LEU D 16 -15.31 -13.81 -29.39
C LEU D 16 -13.79 -13.64 -29.34
N GLY D 17 -13.29 -12.67 -30.09
CA GLY D 17 -11.87 -12.33 -30.08
C GLY D 17 -11.67 -10.95 -29.46
N ILE D 18 -10.65 -10.83 -28.61
CA ILE D 18 -10.39 -9.60 -27.85
C ILE D 18 -8.95 -9.18 -28.08
N LEU D 19 -8.73 -7.88 -28.20
CA LEU D 19 -7.37 -7.34 -28.28
C LEU D 19 -7.33 -5.98 -27.60
N CYS D 20 -6.11 -5.55 -27.25
CA CYS D 20 -5.88 -4.26 -26.63
C CYS D 20 -4.99 -3.40 -27.51
N GLY D 21 -5.29 -2.12 -27.59
CA GLY D 21 -4.48 -1.18 -28.33
C GLY D 21 -4.18 0.06 -27.51
N GLY D 22 -3.07 0.71 -27.84
CA GLY D 22 -2.63 1.89 -27.12
C GLY D 22 -1.87 1.55 -25.85
N GLY D 23 -1.50 2.60 -25.11
CA GLY D 23 -0.77 2.44 -23.87
C GLY D 23 -1.65 2.00 -22.73
N PRO D 24 -1.19 1.05 -21.93
CA PRO D 24 -2.07 0.46 -20.91
C PRO D 24 -2.59 1.47 -19.91
N ALA D 25 -3.70 1.12 -19.27
CA ALA D 25 -4.29 1.85 -18.16
C ALA D 25 -4.82 0.83 -17.15
N PRO D 26 -4.79 1.16 -15.86
CA PRO D 26 -5.27 0.20 -14.86
C PRO D 26 -6.72 -0.17 -15.10
N GLY D 27 -6.98 -1.47 -15.15
CA GLY D 27 -8.31 -2.00 -15.39
C GLY D 27 -8.48 -2.71 -16.70
N LEU D 28 -7.47 -2.70 -17.57
CA LEU D 28 -7.56 -3.45 -18.84
C LEU D 28 -7.94 -4.90 -18.59
N ASN D 29 -7.26 -5.55 -17.63
CA ASN D 29 -7.58 -6.95 -17.34
C ASN D 29 -9.00 -7.08 -16.82
N GLY D 30 -9.52 -6.05 -16.14
CA GLY D 30 -10.89 -6.11 -15.67
C GLY D 30 -11.89 -6.16 -16.80
N VAL D 31 -11.65 -5.42 -17.88
CA VAL D 31 -12.54 -5.48 -19.04
C VAL D 31 -12.43 -6.84 -19.72
N ILE D 32 -11.20 -7.36 -19.85
CA ILE D 32 -11.02 -8.66 -20.48
C ILE D 32 -11.74 -9.74 -19.70
N ALA D 33 -11.66 -9.69 -18.37
CA ALA D 33 -12.24 -10.73 -17.53
C ALA D 33 -13.77 -10.60 -17.45
N GLY D 34 -14.28 -9.37 -17.39
CA GLY D 34 -15.72 -9.19 -17.39
C GLY D 34 -16.36 -9.71 -18.66
N ALA D 35 -15.76 -9.42 -19.81
CA ALA D 35 -16.30 -9.91 -21.07
C ALA D 35 -16.10 -11.41 -21.21
N THR D 36 -14.93 -11.91 -20.80
CA THR D 36 -14.61 -13.32 -21.02
C THR D 36 -15.45 -14.22 -20.13
N LEU D 37 -15.50 -13.93 -18.83
CA LEU D 37 -16.24 -14.79 -17.91
C LEU D 37 -17.71 -14.86 -18.29
N TYR D 38 -18.32 -13.72 -18.60
CA TYR D 38 -19.73 -13.71 -18.99
C TYR D 38 -19.93 -14.48 -20.30
N ALA D 39 -19.02 -14.29 -21.26
CA ALA D 39 -19.15 -15.00 -22.54
C ALA D 39 -19.01 -16.50 -22.35
N LEU D 40 -18.17 -16.93 -21.41
CA LEU D 40 -18.00 -18.36 -21.18
C LEU D 40 -19.25 -18.98 -20.57
N ARG D 41 -19.98 -18.21 -19.75
CA ARG D 41 -21.25 -18.71 -19.22
C ARG D 41 -22.30 -18.82 -20.31
N LEU D 42 -22.17 -18.05 -21.39
CA LEU D 42 -23.05 -18.16 -22.54
C LEU D 42 -22.65 -19.28 -23.48
N GLY D 43 -21.54 -19.96 -23.20
CA GLY D 43 -21.07 -21.02 -24.06
C GLY D 43 -20.14 -20.59 -25.17
N TRP D 44 -19.74 -19.32 -25.20
CA TRP D 44 -18.88 -18.83 -26.26
C TRP D 44 -17.46 -19.36 -26.07
N LYS D 45 -16.73 -19.41 -27.18
CA LYS D 45 -15.28 -19.64 -27.18
C LYS D 45 -14.60 -18.28 -27.27
N VAL D 46 -13.60 -18.05 -26.42
CA VAL D 46 -12.95 -16.74 -26.33
C VAL D 46 -11.47 -16.90 -26.65
N ILE D 47 -10.97 -16.02 -27.52
CA ILE D 47 -9.55 -15.98 -27.89
C ILE D 47 -9.07 -14.55 -27.73
N GLY D 48 -7.78 -14.42 -27.45
CA GLY D 48 -7.17 -13.10 -27.30
C GLY D 48 -5.97 -12.90 -28.21
N PHE D 49 -6.00 -11.84 -29.00
CA PHE D 49 -4.87 -11.51 -29.86
C PHE D 49 -3.79 -10.77 -29.06
N MET D 50 -2.57 -11.27 -29.12
CA MET D 50 -1.47 -10.64 -28.43
C MET D 50 -0.98 -9.41 -29.18
N GLU D 51 -0.75 -8.32 -28.44
CA GLU D 51 -0.16 -7.10 -28.99
C GLU D 51 -1.06 -6.47 -30.04
N GLY D 52 -2.35 -6.37 -29.71
CA GLY D 52 -3.28 -5.61 -30.53
C GLY D 52 -3.34 -6.10 -31.96
N PHE D 53 -3.29 -5.14 -32.89
CA PHE D 53 -3.38 -5.43 -34.32
C PHE D 53 -2.04 -5.82 -34.93
N LYS D 54 -0.98 -5.91 -34.14
CA LYS D 54 0.37 -6.06 -34.69
C LYS D 54 0.45 -7.23 -35.67
N TYR D 55 0.00 -8.41 -35.23
CA TYR D 55 0.13 -9.62 -36.04
C TYR D 55 -1.04 -9.82 -36.99
N LEU D 56 -2.23 -9.32 -36.65
CA LEU D 56 -3.34 -9.37 -37.58
C LEU D 56 -3.07 -8.55 -38.84
N CYS D 57 -2.18 -7.56 -38.76
CA CYS D 57 -1.88 -6.74 -39.91
C CYS D 57 -1.08 -7.48 -40.97
N THR D 58 -0.36 -8.53 -40.60
CA THR D 58 0.44 -9.27 -41.56
C THR D 58 -0.44 -10.02 -42.56
N GLY D 59 -1.60 -10.51 -42.12
CA GLY D 59 -2.44 -11.35 -42.93
C GLY D 59 -2.06 -12.82 -42.95
N ASP D 60 -0.91 -13.18 -42.40
CA ASP D 60 -0.46 -14.57 -42.36
C ASP D 60 -1.14 -15.26 -41.19
N VAL D 61 -2.04 -16.20 -41.50
CA VAL D 61 -2.82 -16.85 -40.44
C VAL D 61 -1.92 -17.69 -39.52
N ASP D 62 -0.82 -18.22 -40.03
CA ASP D 62 0.08 -18.98 -39.17
C ASP D 62 0.75 -18.07 -38.15
N VAL D 63 1.15 -16.88 -38.57
CA VAL D 63 1.77 -15.94 -37.64
C VAL D 63 0.76 -15.50 -36.59
N VAL D 64 -0.48 -15.22 -37.00
CA VAL D 64 -1.52 -14.82 -36.06
C VAL D 64 -1.76 -15.91 -35.03
N LYS D 65 -1.86 -17.16 -35.49
CA LYS D 65 -2.13 -18.27 -34.57
C LYS D 65 -1.03 -18.41 -33.53
N ALA D 66 0.23 -18.14 -33.93
CA ALA D 66 1.33 -18.21 -32.99
C ALA D 66 1.25 -17.11 -31.94
N HIS D 67 0.47 -16.07 -32.18
CA HIS D 67 0.31 -14.96 -31.25
C HIS D 67 -1.16 -14.73 -30.90
N THR D 68 -1.90 -15.82 -30.76
CA THR D 68 -3.24 -15.80 -30.18
C THR D 68 -3.31 -16.90 -29.12
N ILE D 69 -4.08 -16.64 -28.07
CA ILE D 69 -4.21 -17.56 -26.95
C ILE D 69 -5.68 -17.79 -26.67
N ASP D 70 -5.97 -18.92 -26.03
CA ASP D 70 -7.33 -19.25 -25.62
C ASP D 70 -7.60 -18.61 -24.27
N LEU D 71 -8.57 -17.69 -24.22
CA LEU D 71 -8.95 -17.02 -22.98
C LEU D 71 -9.95 -17.92 -22.27
N THR D 72 -9.44 -18.76 -21.37
CA THR D 72 -10.25 -19.72 -20.65
C THR D 72 -10.61 -19.18 -19.26
N TYR D 73 -11.50 -19.89 -18.58
CA TYR D 73 -11.90 -19.47 -17.24
C TYR D 73 -10.68 -19.37 -16.33
N ASP D 74 -9.82 -20.38 -16.34
CA ASP D 74 -8.67 -20.38 -15.44
C ASP D 74 -7.74 -19.20 -15.71
N ILE D 75 -7.62 -18.78 -16.98
CA ILE D 75 -6.70 -17.70 -17.31
C ILE D 75 -7.18 -16.36 -16.73
N VAL D 76 -8.49 -16.11 -16.78
CA VAL D 76 -9.03 -14.78 -16.49
C VAL D 76 -9.74 -14.71 -15.15
N SER D 77 -9.87 -15.83 -14.43
CA SER D 77 -10.70 -15.84 -13.23
C SER D 77 -10.22 -14.85 -12.17
N ARG D 78 -8.94 -14.49 -12.16
CA ARG D 78 -8.43 -13.62 -11.11
C ARG D 78 -7.53 -12.50 -11.63
N ILE D 79 -7.60 -12.18 -12.92
CA ILE D 79 -6.81 -11.07 -13.45
C ILE D 79 -7.43 -9.72 -13.15
N HIS D 80 -8.61 -9.68 -12.55
CA HIS D 80 -9.21 -8.40 -12.17
C HIS D 80 -8.43 -7.71 -11.06
N PHE D 81 -7.54 -8.44 -10.37
CA PHE D 81 -6.67 -7.82 -9.38
C PHE D 81 -5.43 -7.18 -9.98
N GLN D 82 -5.13 -7.44 -11.25
CA GLN D 82 -3.82 -7.16 -11.83
C GLN D 82 -3.87 -5.99 -12.79
N GLY D 83 -2.90 -5.08 -12.64
CA GLY D 83 -2.68 -4.07 -13.64
C GLY D 83 -2.07 -4.67 -14.89
N GLY D 84 -1.95 -3.83 -15.93
CA GLY D 84 -1.45 -4.30 -17.20
C GLY D 84 -2.53 -4.97 -18.03
N THR D 85 -2.07 -5.77 -18.99
CA THR D 85 -2.97 -6.56 -19.82
C THR D 85 -2.28 -7.87 -20.15
N ILE D 86 -2.97 -8.98 -19.87
CA ILE D 86 -2.36 -10.29 -20.10
C ILE D 86 -2.16 -10.60 -21.57
N ILE D 87 -2.91 -9.94 -22.46
CA ILE D 87 -2.72 -10.12 -23.90
C ILE D 87 -1.90 -8.99 -24.49
N GLN D 88 -1.23 -8.19 -23.67
CA GLN D 88 -0.34 -7.14 -24.14
C GLN D 88 -1.07 -6.14 -25.02
N THR D 89 -0.35 -5.19 -25.58
CA THR D 89 -0.95 -4.14 -26.39
C THR D 89 0.09 -3.60 -27.35
N SER D 90 -0.38 -2.88 -28.37
CA SER D 90 0.48 -2.25 -29.35
C SER D 90 -0.29 -1.12 -30.00
N ARG D 91 0.45 -0.19 -30.61
CA ARG D 91 -0.13 0.90 -31.38
C ARG D 91 -0.19 0.59 -32.86
N ALA D 92 0.07 -0.66 -33.25
CA ALA D 92 -0.11 -1.07 -34.63
C ALA D 92 -1.51 -0.72 -35.11
N ASN D 93 -1.60 -0.08 -36.27
CA ASN D 93 -2.82 0.56 -36.72
C ASN D 93 -3.12 0.16 -38.15
N PRO D 94 -4.14 -0.67 -38.40
CA PRO D 94 -4.44 -1.09 -39.78
C PRO D 94 -5.25 -0.10 -40.59
N ARG D 95 -5.84 0.93 -39.98
CA ARG D 95 -6.71 1.82 -40.71
C ARG D 95 -5.98 2.63 -41.78
N LYS D 96 -4.65 2.78 -41.66
CA LYS D 96 -3.93 3.65 -42.58
C LYS D 96 -3.89 3.08 -43.99
N SER D 97 -3.92 1.77 -44.15
CA SER D 97 -3.76 1.12 -45.44
C SER D 97 -4.94 0.20 -45.70
N PRO D 98 -5.55 0.23 -46.89
CA PRO D 98 -6.62 -0.74 -47.18
C PRO D 98 -6.11 -2.17 -47.30
N GLU D 99 -4.84 -2.36 -47.66
CA GLU D 99 -4.27 -3.70 -47.66
C GLU D 99 -4.20 -4.26 -46.23
N LEU D 100 -3.86 -3.41 -45.27
CA LEU D 100 -3.81 -3.88 -43.89
C LEU D 100 -5.20 -4.20 -43.36
N GLN D 101 -6.19 -3.38 -43.70
CA GLN D 101 -7.55 -3.64 -43.25
C GLN D 101 -8.05 -4.98 -43.80
N GLU D 102 -7.69 -5.31 -45.03
CA GLU D 102 -8.13 -6.58 -45.61
C GLU D 102 -7.34 -7.75 -45.05
N ASN D 103 -6.10 -7.52 -44.61
CA ASN D 103 -5.36 -8.56 -43.92
C ASN D 103 -6.02 -8.91 -42.58
N VAL D 104 -6.50 -7.89 -41.87
CA VAL D 104 -7.21 -8.13 -40.61
C VAL D 104 -8.51 -8.87 -40.87
N ARG D 105 -9.27 -8.45 -41.89
CA ARG D 105 -10.50 -9.14 -42.23
C ARG D 105 -10.23 -10.58 -42.64
N LYS D 106 -9.12 -10.81 -43.34
CA LYS D 106 -8.81 -12.17 -43.78
C LYS D 106 -8.54 -13.09 -42.61
N CYS D 107 -7.81 -12.61 -41.59
CA CYS D 107 -7.50 -13.45 -40.45
C CYS D 107 -8.72 -13.64 -39.55
N LEU D 108 -9.56 -12.60 -39.42
CA LEU D 108 -10.75 -12.73 -38.61
C LEU D 108 -11.73 -13.74 -39.21
N ARG D 109 -11.90 -13.73 -40.53
CA ARG D 109 -12.75 -14.72 -41.17
C ARG D 109 -12.18 -16.13 -40.99
N ALA D 110 -10.86 -16.27 -41.11
CA ALA D 110 -10.23 -17.57 -40.96
C ALA D 110 -10.48 -18.17 -39.59
N LEU D 111 -10.46 -17.32 -38.55
CA LEU D 111 -10.69 -17.77 -37.18
C LEU D 111 -12.16 -17.85 -36.81
N LYS D 112 -13.07 -17.48 -37.72
CA LYS D 112 -14.51 -17.56 -37.48
C LYS D 112 -14.91 -16.67 -36.31
N VAL D 113 -14.29 -15.50 -36.21
CA VAL D 113 -14.62 -14.55 -35.15
C VAL D 113 -16.00 -13.98 -35.45
N ARG D 114 -16.98 -14.30 -34.59
CA ARG D 114 -18.31 -13.72 -34.70
C ARG D 114 -18.41 -12.37 -33.99
N TYR D 115 -17.75 -12.23 -32.84
CA TYR D 115 -17.77 -11.02 -32.05
C TYR D 115 -16.34 -10.54 -31.84
N PHE D 116 -16.10 -9.26 -32.04
CA PHE D 116 -14.76 -8.68 -32.04
C PHE D 116 -14.74 -7.49 -31.10
N LEU D 117 -14.06 -7.64 -29.96
CA LEU D 117 -13.99 -6.62 -28.93
C LEU D 117 -12.57 -6.06 -28.87
N THR D 118 -12.45 -4.75 -29.09
CA THR D 118 -11.18 -4.05 -28.95
C THR D 118 -11.25 -3.14 -27.74
N ILE D 119 -10.17 -3.08 -26.98
CA ILE D 119 -10.06 -2.24 -25.79
C ILE D 119 -8.89 -1.32 -26.03
N GLY D 120 -9.17 -0.05 -26.29
CA GLY D 120 -8.11 0.90 -26.60
C GLY D 120 -8.66 2.30 -26.76
N GLY D 121 -7.81 3.20 -27.23
CA GLY D 121 -8.19 4.58 -27.40
C GLY D 121 -8.89 4.83 -28.71
N ASP D 122 -8.82 6.09 -29.16
CA ASP D 122 -9.53 6.47 -30.37
C ASP D 122 -8.97 5.76 -31.60
N ASP D 123 -7.64 5.67 -31.70
CA ASP D 123 -7.05 5.03 -32.87
C ASP D 123 -7.43 3.55 -32.93
N THR D 124 -7.55 2.90 -31.77
CA THR D 124 -7.91 1.48 -31.76
C THR D 124 -9.37 1.29 -32.17
N ALA D 125 -10.27 2.14 -31.68
CA ALA D 125 -11.68 2.03 -32.06
C ALA D 125 -11.87 2.31 -33.54
N SER D 126 -11.18 3.32 -34.07
CA SER D 126 -11.29 3.64 -35.49
C SER D 126 -10.79 2.50 -36.36
N SER D 127 -9.77 1.77 -35.90
CA SER D 127 -9.31 0.61 -36.64
C SER D 127 -10.36 -0.49 -36.65
N ALA D 128 -11.06 -0.68 -35.53
CA ALA D 128 -12.05 -1.75 -35.45
C ALA D 128 -13.23 -1.47 -36.36
N VAL D 129 -13.66 -0.21 -36.44
CA VAL D 129 -14.82 0.12 -37.27
C VAL D 129 -14.45 0.06 -38.75
N SER D 130 -13.23 0.50 -39.09
CA SER D 130 -12.81 0.44 -40.48
C SER D 130 -12.71 -1.00 -40.98
N VAL D 131 -12.31 -1.93 -40.11
CA VAL D 131 -12.29 -3.33 -40.48
C VAL D 131 -13.72 -3.84 -40.68
N ALA D 132 -14.67 -3.29 -39.93
CA ALA D 132 -16.05 -3.76 -40.03
C ALA D 132 -16.77 -3.15 -41.22
N SER D 133 -16.44 -1.90 -41.57
CA SER D 133 -17.15 -1.21 -42.64
C SER D 133 -17.01 -1.90 -43.99
N GLY D 134 -15.96 -2.73 -44.15
CA GLY D 134 -15.77 -3.48 -45.37
C GLY D 134 -15.95 -4.96 -45.14
N MET D 135 -16.86 -5.30 -44.23
CA MET D 135 -17.10 -6.66 -43.80
C MET D 135 -18.59 -6.84 -43.59
N ASN D 136 -19.11 -7.99 -44.00
CA ASN D 136 -20.54 -8.24 -43.90
C ASN D 136 -20.99 -8.17 -42.44
N GLY D 137 -22.10 -7.47 -42.20
CA GLY D 137 -22.60 -7.27 -40.85
C GLY D 137 -23.14 -8.51 -40.18
N ASN D 138 -23.38 -9.58 -40.94
CA ASN D 138 -23.92 -10.81 -40.36
C ASN D 138 -22.82 -11.75 -39.89
N GLU D 139 -21.65 -11.72 -40.53
CA GLU D 139 -20.57 -12.62 -40.13
C GLU D 139 -19.80 -12.09 -38.92
N ILE D 140 -19.73 -10.77 -38.75
CA ILE D 140 -18.91 -10.16 -37.71
C ILE D 140 -19.67 -8.99 -37.10
N SER D 141 -19.52 -8.83 -35.79
CA SER D 141 -20.02 -7.69 -35.05
C SER D 141 -18.85 -7.12 -34.26
N VAL D 142 -18.67 -5.81 -34.29
CA VAL D 142 -17.50 -5.16 -33.71
C VAL D 142 -17.94 -4.20 -32.63
N ILE D 143 -17.30 -4.31 -31.45
CA ILE D 143 -17.55 -3.42 -30.32
C ILE D 143 -16.20 -2.99 -29.78
N SER D 144 -16.08 -1.73 -29.40
CA SER D 144 -14.86 -1.20 -28.83
C SER D 144 -15.19 -0.55 -27.49
N CYS D 145 -14.24 -0.66 -26.55
CA CYS D 145 -14.38 -0.04 -25.24
C CYS D 145 -13.38 1.11 -25.16
N PRO D 146 -13.81 2.35 -25.00
CA PRO D 146 -12.86 3.48 -25.06
C PRO D 146 -11.95 3.50 -23.84
N LYS D 147 -10.65 3.64 -24.10
CA LYS D 147 -9.62 3.57 -23.09
C LYS D 147 -8.89 4.89 -22.99
N THR D 148 -8.69 5.37 -21.76
CA THR D 148 -7.84 6.52 -21.52
C THR D 148 -7.67 6.82 -20.02
N ILE D 149 -6.41 6.91 -19.58
CA ILE D 149 -6.10 7.32 -18.21
C ILE D 149 -6.25 8.81 -18.00
N ASP D 150 -6.40 9.59 -19.07
CA ASP D 150 -6.41 11.04 -18.99
C ASP D 150 -7.76 11.63 -18.62
N ASN D 151 -8.82 10.82 -18.56
CA ASN D 151 -10.14 11.29 -18.15
C ASN D 151 -10.73 12.25 -19.16
N ASP D 152 -10.36 12.11 -20.43
CA ASP D 152 -10.75 13.06 -21.47
C ASP D 152 -11.83 12.52 -22.40
N LEU D 153 -12.59 11.51 -21.96
CA LEU D 153 -13.76 11.13 -22.74
C LEU D 153 -14.91 12.09 -22.43
N PRO D 154 -15.84 12.30 -23.39
CA PRO D 154 -16.96 13.23 -23.21
C PRO D 154 -18.11 12.67 -22.39
N LEU D 155 -17.78 12.08 -21.25
CA LEU D 155 -18.81 11.63 -20.31
C LEU D 155 -19.41 12.84 -19.61
N PRO D 156 -20.59 12.68 -18.98
CA PRO D 156 -21.15 13.78 -18.18
C PRO D 156 -20.11 14.28 -17.18
N ALA D 157 -20.11 15.59 -16.95
CA ALA D 157 -19.06 16.21 -16.15
C ALA D 157 -18.97 15.54 -14.79
N ASP D 158 -17.74 15.34 -14.33
CA ASP D 158 -17.36 14.74 -13.05
C ASP D 158 -17.39 13.21 -13.11
N GLN D 159 -17.87 12.61 -14.19
CA GLN D 159 -17.84 11.16 -14.34
C GLN D 159 -16.52 10.75 -14.98
N SER D 160 -15.82 9.81 -14.35
CA SER D 160 -14.46 9.47 -14.73
C SER D 160 -14.41 8.37 -15.79
N THR D 161 -13.32 8.35 -16.53
CA THR D 161 -12.94 7.22 -17.35
C THR D 161 -12.24 6.17 -16.48
N PHE D 162 -12.26 4.91 -16.94
CA PHE D 162 -11.68 3.84 -16.14
C PHE D 162 -10.15 3.93 -16.19
N GLY D 163 -9.52 3.67 -15.05
CA GLY D 163 -8.10 3.83 -14.88
C GLY D 163 -7.69 5.16 -14.29
N PHE D 164 -8.52 6.19 -14.44
CA PHE D 164 -8.17 7.51 -13.93
C PHE D 164 -8.10 7.51 -12.40
N HIS D 165 -9.06 6.86 -11.73
CA HIS D 165 -9.03 6.83 -10.28
C HIS D 165 -7.76 6.16 -9.75
N THR D 166 -7.33 5.06 -10.37
CA THR D 166 -6.11 4.40 -9.94
C THR D 166 -4.89 5.32 -10.14
N ALA D 167 -4.77 5.94 -11.32
CA ALA D 167 -3.62 6.78 -11.61
C ALA D 167 -3.57 7.98 -10.67
N ARG D 168 -4.72 8.59 -10.40
CA ARG D 168 -4.76 9.77 -9.54
C ARG D 168 -4.41 9.41 -8.11
N SER D 169 -4.85 8.24 -7.64
CA SER D 169 -4.62 7.89 -6.24
C SER D 169 -3.15 7.52 -6.01
N LEU D 170 -2.56 6.79 -6.94
CA LEU D 170 -1.13 6.50 -6.80
C LEU D 170 -0.31 7.77 -6.95
N GLY D 171 -0.70 8.65 -7.88
CA GLY D 171 -0.01 9.92 -8.00
C GLY D 171 -0.07 10.74 -6.73
N MET D 172 -1.22 10.70 -6.03
CA MET D 172 -1.33 11.38 -4.74
C MET D 172 -0.33 10.82 -3.74
N GLU D 173 -0.13 9.50 -3.76
CA GLU D 173 0.76 8.87 -2.78
C GLU D 173 2.21 9.20 -3.06
N ILE D 174 2.58 9.25 -4.34
CA ILE D 174 3.95 9.66 -4.70
C ILE D 174 4.19 11.10 -4.31
N ILE D 175 3.22 11.98 -4.61
CA ILE D 175 3.40 13.38 -4.27
C ILE D 175 3.41 13.59 -2.76
N ARG D 176 2.68 12.75 -2.01
CA ARG D 176 2.73 12.84 -0.55
C ARG D 176 4.17 12.66 -0.06
N ASN D 177 4.85 11.62 -0.54
CA ASN D 177 6.24 11.44 -0.17
C ASN D 177 7.09 12.64 -0.56
N LEU D 178 6.81 13.26 -1.70
CA LEU D 178 7.58 14.43 -2.12
C LEU D 178 7.23 15.66 -1.31
N MET D 179 5.99 15.74 -0.78
CA MET D 179 5.62 16.84 0.10
C MET D 179 6.32 16.72 1.46
N VAL D 180 6.38 15.50 2.01
CA VAL D 180 7.09 15.30 3.27
C VAL D 180 8.59 15.54 3.08
N ASP D 181 9.14 15.13 1.95
CA ASP D 181 10.57 15.30 1.72
C ASP D 181 10.93 16.76 1.46
N SER D 182 10.07 17.51 0.76
CA SER D 182 10.36 18.90 0.50
C SER D 182 10.34 19.74 1.78
N LYS D 183 9.48 19.38 2.74
CA LYS D 183 9.43 20.10 4.00
C LYS D 183 10.53 19.64 4.95
N SER D 184 10.82 18.34 4.97
CA SER D 184 11.88 17.84 5.85
C SER D 184 13.25 18.39 5.44
N ALA D 185 13.50 18.48 4.15
CA ALA D 185 14.76 19.02 3.60
C ALA D 185 14.38 20.13 2.63
N PRO D 186 14.18 21.37 3.13
CA PRO D 186 13.56 22.42 2.30
C PRO D 186 14.01 22.46 0.84
N ARG D 187 13.06 22.25 -0.06
CA ARG D 187 13.29 22.33 -1.50
C ARG D 187 11.94 22.40 -2.19
N TRP D 188 11.95 22.79 -3.46
CA TRP D 188 10.78 22.77 -4.31
C TRP D 188 10.91 21.64 -5.33
N PHE D 189 9.86 20.83 -5.47
CA PHE D 189 9.77 19.85 -6.53
C PHE D 189 8.84 20.39 -7.62
N LEU D 190 9.28 20.31 -8.87
CA LEU D 190 8.42 20.59 -10.02
C LEU D 190 8.04 19.22 -10.61
N VAL D 191 6.87 18.72 -10.20
CA VAL D 191 6.39 17.43 -10.65
C VAL D 191 5.72 17.61 -12.02
N GLU D 192 6.12 16.79 -12.98
CA GLU D 192 5.55 16.82 -14.33
C GLU D 192 4.67 15.59 -14.51
N ALA D 193 3.36 15.80 -14.59
CA ALA D 193 2.42 14.72 -14.84
C ALA D 193 2.40 14.40 -16.33
N MET D 194 2.84 13.20 -16.68
CA MET D 194 2.87 12.79 -18.08
C MET D 194 1.46 12.79 -18.66
N GLY D 195 1.36 13.08 -19.96
CA GLY D 195 0.08 13.19 -20.63
C GLY D 195 -0.17 14.59 -21.14
N ARG D 196 -0.25 14.75 -22.47
CA ARG D 196 -0.42 16.06 -23.07
C ARG D 196 -1.86 16.35 -23.47
N SER D 197 -2.78 15.41 -23.27
CA SER D 197 -4.13 15.58 -23.82
C SER D 197 -4.96 16.55 -23.00
N ALA D 198 -4.92 16.45 -21.67
CA ALA D 198 -5.77 17.28 -20.82
C ALA D 198 -5.10 17.43 -19.46
N GLY D 199 -5.71 18.25 -18.61
CA GLY D 199 -5.19 18.53 -17.29
C GLY D 199 -5.90 17.82 -16.15
N HIS D 200 -6.77 16.85 -16.44
CA HIS D 200 -7.47 16.15 -15.37
C HIS D 200 -6.50 15.45 -14.44
N LEU D 201 -5.49 14.78 -14.99
CA LEU D 201 -4.60 13.99 -14.15
C LEU D 201 -3.73 14.89 -13.27
N ALA D 202 -3.16 15.95 -13.85
CA ALA D 202 -2.29 16.84 -13.08
C ALA D 202 -3.08 17.53 -11.97
N LEU D 203 -4.26 18.07 -12.32
CA LEU D 203 -5.06 18.77 -11.31
C LEU D 203 -5.60 17.82 -10.24
N GLY D 204 -5.93 16.58 -10.63
CA GLY D 204 -6.43 15.63 -9.64
C GLY D 204 -5.39 15.25 -8.61
N MET D 205 -4.19 14.91 -9.07
CA MET D 205 -3.10 14.59 -8.16
C MET D 205 -2.77 15.79 -7.27
N ALA D 206 -2.76 17.00 -7.85
CA ALA D 206 -2.39 18.19 -7.11
C ALA D 206 -3.41 18.54 -6.04
N GLU D 207 -4.69 18.48 -6.36
CA GLU D 207 -5.71 18.82 -5.38
C GLU D 207 -5.76 17.80 -4.24
N ALA D 208 -5.66 16.50 -4.58
CA ALA D 208 -5.71 15.46 -3.55
C ALA D 208 -4.53 15.56 -2.61
N SER D 209 -3.34 15.89 -3.13
CA SER D 209 -2.13 15.97 -2.32
C SER D 209 -1.93 17.33 -1.67
N GLY D 210 -2.78 18.30 -1.96
CA GLY D 210 -2.58 19.63 -1.42
C GLY D 210 -1.37 20.35 -1.97
N ALA D 211 -0.96 20.01 -3.19
CA ALA D 211 0.17 20.69 -3.81
C ALA D 211 -0.04 22.21 -3.84
N HIS D 212 1.05 22.94 -3.71
CA HIS D 212 0.97 24.39 -3.59
C HIS D 212 0.69 25.11 -4.90
N LEU D 213 0.82 24.42 -6.03
CA LEU D 213 0.47 25.03 -7.30
C LEU D 213 0.23 23.92 -8.31
N CYS D 214 -0.68 24.18 -9.24
CA CYS D 214 -0.88 23.30 -10.38
C CYS D 214 -1.08 24.19 -11.61
N LEU D 215 -0.40 23.85 -12.70
CA LEU D 215 -0.51 24.58 -13.96
C LEU D 215 -0.96 23.61 -15.04
N ILE D 216 -2.09 23.91 -15.67
CA ILE D 216 -2.64 23.08 -16.74
C ILE D 216 -2.85 23.96 -17.96
N PRO D 217 -2.78 23.41 -19.18
CA PRO D 217 -2.99 24.25 -20.37
C PRO D 217 -4.36 24.93 -20.42
N GLU D 218 -5.37 24.34 -19.76
CA GLU D 218 -6.72 24.84 -19.89
C GLU D 218 -6.89 26.22 -19.27
N GLU D 219 -6.07 26.58 -18.29
CA GLU D 219 -6.27 27.84 -17.58
C GLU D 219 -5.63 29.04 -18.26
N PHE D 220 -4.95 28.85 -19.38
CA PHE D 220 -4.33 29.95 -20.10
C PHE D 220 -5.32 30.54 -21.10
N LYS D 221 -5.51 31.86 -21.01
CA LYS D 221 -6.53 32.51 -21.83
C LYS D 221 -6.10 32.56 -23.30
N GLN D 222 -4.85 32.93 -23.57
CA GLN D 222 -4.39 33.03 -24.94
C GLN D 222 -4.20 31.64 -25.55
N ASP D 223 -4.20 31.59 -26.87
CA ASP D 223 -4.11 30.31 -27.57
C ASP D 223 -2.71 29.71 -27.50
N GLU D 224 -1.67 30.52 -27.30
CA GLU D 224 -0.30 30.03 -27.26
C GLU D 224 0.38 30.52 -25.99
N ILE D 225 1.04 29.59 -25.30
CA ILE D 225 1.73 29.88 -24.05
C ILE D 225 3.14 30.34 -24.34
N GLU D 226 3.64 31.27 -23.52
CA GLU D 226 5.02 31.74 -23.60
C GLU D 226 5.83 31.16 -22.44
N PHE D 227 7.06 30.74 -22.75
CA PHE D 227 7.93 30.16 -21.73
C PHE D 227 8.10 31.10 -20.55
N GLU D 228 8.23 32.39 -20.81
CA GLU D 228 8.44 33.37 -19.74
C GLU D 228 7.26 33.37 -18.77
N ASP D 229 6.04 33.24 -19.29
CA ASP D 229 4.86 33.29 -18.42
C ASP D 229 4.83 32.11 -17.46
N VAL D 230 5.20 30.92 -17.93
CA VAL D 230 5.20 29.75 -17.05
C VAL D 230 6.24 29.92 -15.95
N VAL D 231 7.42 30.40 -16.30
CA VAL D 231 8.47 30.62 -15.31
C VAL D 231 7.99 31.59 -14.23
N GLU D 232 7.34 32.68 -14.65
CA GLU D 232 6.94 33.70 -13.69
C GLU D 232 5.76 33.25 -12.83
N LEU D 233 4.91 32.37 -13.36
CA LEU D 233 3.82 31.85 -12.55
C LEU D 233 4.35 31.00 -11.40
N VAL D 234 5.34 30.17 -11.68
CA VAL D 234 5.97 29.38 -10.61
C VAL D 234 6.78 30.29 -9.70
N GLU D 235 7.45 31.29 -10.28
CA GLU D 235 8.26 32.19 -9.47
C GLU D 235 7.42 32.94 -8.44
N ALA D 236 6.23 33.40 -8.83
CA ALA D 236 5.39 34.15 -7.92
C ALA D 236 4.94 33.28 -6.74
N THR D 237 4.62 32.01 -7.01
CA THR D 237 4.22 31.13 -5.92
C THR D 237 5.37 30.88 -4.96
N ILE D 238 6.59 30.68 -5.48
CA ILE D 238 7.72 30.44 -4.60
C ILE D 238 7.97 31.66 -3.72
N LEU D 239 7.84 32.85 -4.29
CA LEU D 239 8.12 34.06 -3.52
C LEU D 239 7.03 34.31 -2.47
N LYS D 240 5.77 34.04 -2.81
CA LYS D 240 4.71 34.28 -1.84
C LYS D 240 4.83 33.36 -0.63
N ARG D 241 5.09 32.07 -0.85
CA ARG D 241 5.34 31.16 0.27
C ARG D 241 6.59 31.58 1.04
N LEU D 242 7.63 32.04 0.32
CA LEU D 242 8.83 32.49 1.00
C LEU D 242 8.54 33.72 1.87
N ALA D 243 7.60 34.56 1.46
CA ALA D 243 7.21 35.70 2.28
C ALA D 243 6.50 35.28 3.56
N TYR D 244 5.95 34.07 3.59
CA TYR D 244 5.31 33.51 4.78
C TYR D 244 6.22 32.52 5.50
N GLY D 245 7.52 32.57 5.25
CA GLY D 245 8.48 31.79 6.00
C GLY D 245 8.70 30.37 5.52
N LYS D 246 8.26 30.04 4.31
CA LYS D 246 8.34 28.68 3.78
C LYS D 246 9.11 28.70 2.46
N ASN D 247 10.34 28.18 2.49
CA ASN D 247 11.20 28.11 1.31
C ASN D 247 11.14 26.74 0.66
N TYR D 248 9.96 26.15 0.56
CA TYR D 248 9.81 24.82 0.01
C TYR D 248 8.37 24.63 -0.46
N GLY D 249 8.17 23.59 -1.26
CA GLY D 249 6.83 23.29 -1.72
C GLY D 249 6.88 22.29 -2.86
N VAL D 250 5.70 22.06 -3.45
CA VAL D 250 5.56 21.19 -4.60
C VAL D 250 4.63 21.87 -5.60
N CYS D 251 5.05 21.91 -6.87
CA CYS D 251 4.26 22.45 -7.96
C CYS D 251 4.08 21.34 -9.00
N VAL D 252 2.84 21.12 -9.40
CA VAL D 252 2.50 20.08 -10.37
C VAL D 252 2.26 20.76 -11.72
N LEU D 253 2.80 20.16 -12.78
CA LEU D 253 2.74 20.73 -14.12
C LEU D 253 2.18 19.68 -15.06
N ALA D 254 1.08 20.01 -15.74
CA ALA D 254 0.58 19.13 -16.78
C ALA D 254 1.49 19.21 -18.00
N GLU D 255 1.89 18.06 -18.53
CA GLU D 255 2.74 18.07 -19.70
C GLU D 255 2.06 18.71 -20.90
N GLY D 256 0.73 18.83 -20.89
CA GLY D 256 0.03 19.50 -21.97
C GLY D 256 0.43 20.95 -22.17
N LEU D 257 1.08 21.55 -21.18
CA LEU D 257 1.59 22.90 -21.35
C LEU D 257 2.53 22.99 -22.55
N VAL D 258 3.29 21.92 -22.81
CA VAL D 258 4.26 21.94 -23.89
C VAL D 258 3.56 22.03 -25.24
N SER D 259 2.45 21.33 -25.41
CA SER D 259 1.77 21.30 -26.70
C SER D 259 0.99 22.58 -26.98
N LYS D 260 0.86 23.47 -25.99
CA LYS D 260 0.23 24.76 -26.21
C LYS D 260 1.24 25.88 -26.38
N MET D 261 2.53 25.60 -26.22
CA MET D 261 3.55 26.64 -26.29
C MET D 261 3.78 27.08 -27.74
N SER D 262 4.13 28.35 -27.89
CA SER D 262 4.41 28.90 -29.23
C SER D 262 5.73 28.35 -29.75
N LYS D 263 6.01 28.64 -31.03
CA LYS D 263 7.26 28.22 -31.63
C LYS D 263 8.45 28.84 -30.91
N LYS D 264 8.36 30.13 -30.57
CA LYS D 264 9.44 30.79 -29.85
C LYS D 264 9.62 30.17 -28.45
N ALA D 265 8.52 29.88 -27.77
CA ALA D 265 8.60 29.29 -26.44
C ALA D 265 9.30 27.93 -26.48
N LEU D 266 8.99 27.12 -27.50
CA LEU D 266 9.63 25.82 -27.63
C LEU D 266 11.12 25.96 -27.89
N TYR D 267 11.53 27.02 -28.60
CA TYR D 267 12.96 27.25 -28.84
C TYR D 267 13.69 27.44 -27.52
N LYS D 268 13.14 28.29 -26.63
CA LYS D 268 13.74 28.45 -25.30
C LYS D 268 13.63 27.18 -24.48
N LEU D 269 12.56 26.41 -24.66
CA LEU D 269 12.36 25.21 -23.86
C LEU D 269 13.49 24.21 -24.07
N PHE D 270 13.92 24.04 -25.31
CA PHE D 270 14.98 23.10 -25.64
C PHE D 270 16.37 23.70 -25.44
N GLY D 271 16.50 24.69 -24.58
CA GLY D 271 17.81 25.24 -24.27
C GLY D 271 18.27 26.29 -25.27
N ASN D 272 17.35 27.11 -25.78
CA ASN D 272 17.69 28.05 -26.85
C ASN D 272 18.30 27.31 -28.03
N ARG D 273 17.83 26.10 -28.26
CA ARG D 273 18.20 25.25 -29.38
C ARG D 273 17.05 25.13 -30.36
N GLU D 274 17.36 24.65 -31.56
CA GLU D 274 16.31 24.33 -32.52
C GLU D 274 15.56 23.10 -32.03
N PRO D 275 14.24 23.15 -31.86
CA PRO D 275 13.50 21.98 -31.38
C PRO D 275 13.70 20.79 -32.31
N PRO D 276 13.90 19.58 -31.77
CA PRO D 276 14.03 18.41 -32.63
C PRO D 276 12.77 18.18 -33.45
N THR D 277 12.94 17.46 -34.56
CA THR D 277 11.86 17.20 -35.49
C THR D 277 12.01 15.81 -36.07
N ASP D 278 10.89 15.22 -36.48
CA ASP D 278 10.90 13.90 -37.09
C ASP D 278 11.24 13.96 -38.57
N LEU D 284 8.97 16.94 -32.13
CA LEU D 284 9.15 15.80 -31.23
C LEU D 284 9.04 16.27 -29.78
N LEU D 285 7.79 16.40 -29.29
CA LEU D 285 7.55 16.92 -27.96
C LEU D 285 7.98 15.96 -26.86
N ASP D 286 8.12 14.67 -27.16
CA ASP D 286 8.54 13.72 -26.13
C ASP D 286 9.94 14.03 -25.60
N ASP D 287 10.82 14.55 -26.44
CA ASP D 287 12.18 14.86 -26.01
C ASP D 287 12.26 16.11 -25.14
N ALA D 288 11.17 16.88 -25.05
CA ALA D 288 11.17 18.05 -24.19
C ALA D 288 11.19 17.64 -22.72
N GLU D 289 11.84 18.47 -21.90
CA GLU D 289 11.95 18.26 -20.47
C GLU D 289 11.40 19.53 -19.79
N LEU D 290 10.08 19.63 -19.71
CA LEU D 290 9.45 20.86 -19.22
C LEU D 290 9.90 21.16 -17.80
N ALA D 291 9.75 20.19 -16.90
CA ALA D 291 10.09 20.42 -15.50
C ALA D 291 11.57 20.75 -15.35
N ARG D 292 12.43 20.11 -16.14
CA ARG D 292 13.86 20.34 -16.02
C ARG D 292 14.23 21.75 -16.45
N SER D 293 13.69 22.21 -17.58
CA SER D 293 14.04 23.54 -18.08
C SER D 293 13.56 24.62 -17.12
N LEU D 294 12.36 24.47 -16.57
CA LEU D 294 11.85 25.46 -15.63
C LEU D 294 12.69 25.48 -14.36
N SER D 295 13.18 24.30 -13.92
CA SER D 295 14.01 24.26 -12.73
C SER D 295 15.32 25.02 -12.93
N GLU D 296 15.94 24.88 -14.10
CA GLU D 296 17.18 25.61 -14.37
C GLU D 296 16.95 27.11 -14.35
N GLU D 297 15.94 27.59 -15.10
CA GLU D 297 15.68 29.03 -15.15
C GLU D 297 15.36 29.58 -13.77
N LEU D 298 14.55 28.86 -12.99
CA LEU D 298 14.15 29.37 -11.68
C LEU D 298 15.32 29.39 -10.71
N LEU D 299 16.25 28.45 -10.86
CA LEU D 299 17.46 28.49 -10.04
C LEU D 299 18.34 29.69 -10.37
N LYS D 300 18.34 30.10 -11.63
CA LYS D 300 19.06 31.30 -12.01
C LYS D 300 18.52 32.52 -11.27
N ARG D 301 17.19 32.58 -11.10
CA ARG D 301 16.54 33.78 -10.56
C ARG D 301 16.44 33.74 -9.04
N LEU D 302 16.29 32.54 -8.46
CA LEU D 302 15.92 32.42 -7.05
C LEU D 302 16.94 31.67 -6.22
N GLY D 303 18.00 31.13 -6.83
CA GLY D 303 18.98 30.38 -6.07
C GLY D 303 19.65 31.23 -5.01
N ASN D 304 19.88 32.52 -5.31
CA ASN D 304 20.48 33.43 -4.34
C ASN D 304 19.60 33.60 -3.10
N LEU D 305 18.30 33.36 -3.21
CA LEU D 305 17.40 33.48 -2.08
C LEU D 305 17.44 32.25 -1.18
N GLY D 306 18.27 31.27 -1.49
CA GLY D 306 18.28 30.02 -0.75
C GLY D 306 17.29 28.98 -1.22
N ILE D 307 16.79 29.11 -2.45
CA ILE D 307 15.80 28.17 -3.00
C ILE D 307 16.52 27.19 -3.89
N ARG D 308 16.29 25.90 -3.66
CA ARG D 308 16.72 24.84 -4.58
C ARG D 308 15.48 24.20 -5.17
N ILE D 309 15.57 23.80 -6.44
CA ILE D 309 14.45 23.28 -7.19
C ILE D 309 14.89 22.03 -7.94
N THR D 310 14.03 21.01 -7.94
CA THR D 310 14.35 19.71 -8.52
C THR D 310 13.17 19.20 -9.33
N PRO D 311 13.40 18.76 -10.58
CA PRO D 311 12.31 18.17 -11.36
C PRO D 311 12.10 16.71 -11.02
N LYS D 312 10.89 16.22 -11.33
CA LYS D 312 10.50 14.84 -11.05
C LYS D 312 9.33 14.50 -11.94
N LYS D 313 9.44 13.46 -12.75
CA LYS D 313 8.37 13.06 -13.64
C LYS D 313 7.52 11.96 -12.98
N ILE D 314 6.21 12.00 -13.20
CA ILE D 314 5.29 10.96 -12.75
C ILE D 314 4.50 10.54 -13.98
N GLY D 315 4.66 9.27 -14.39
CA GLY D 315 3.99 8.80 -15.59
C GLY D 315 3.88 7.30 -15.75
N TYR D 316 4.97 6.65 -16.16
CA TYR D 316 4.88 5.26 -16.55
C TYR D 316 4.55 4.34 -15.39
N GLU D 317 4.92 4.73 -14.17
CA GLU D 317 4.63 3.90 -13.01
C GLU D 317 3.15 3.87 -12.66
N LEU D 318 2.33 4.69 -13.30
CA LEU D 318 0.89 4.71 -13.05
C LEU D 318 0.11 3.77 -13.96
N ARG D 319 0.65 3.46 -15.14
CA ARG D 319 -0.17 2.89 -16.19
C ARG D 319 -0.59 1.45 -15.89
N CYS D 320 0.21 0.71 -15.12
CA CYS D 320 -0.07 -0.69 -14.85
C CYS D 320 -0.12 -0.99 -13.35
N ALA D 321 -0.39 0.03 -12.53
CA ALA D 321 -0.71 -0.23 -11.13
C ALA D 321 -1.98 -1.08 -11.04
N ASP D 322 -2.06 -1.89 -10.00
CA ASP D 322 -3.27 -2.69 -9.78
C ASP D 322 -4.47 -1.78 -9.60
N PRO D 323 -5.63 -2.13 -10.16
CA PRO D 323 -6.76 -1.21 -10.11
C PRO D 323 -7.31 -1.06 -8.70
N VAL D 324 -7.69 0.18 -8.35
CA VAL D 324 -8.38 0.43 -7.09
C VAL D 324 -9.81 -0.06 -7.23
N ALA D 325 -10.54 -0.16 -6.13
CA ALA D 325 -11.85 -0.78 -6.16
C ALA D 325 -12.80 -0.10 -7.13
N PHE D 326 -12.74 1.23 -7.22
CA PHE D 326 -13.63 1.92 -8.15
C PHE D 326 -13.42 1.43 -9.59
N ASP D 327 -12.17 1.26 -9.99
CA ASP D 327 -11.87 0.82 -11.35
C ASP D 327 -12.13 -0.66 -11.54
N ALA D 328 -12.04 -1.48 -10.49
CA ALA D 328 -12.37 -2.89 -10.62
C ALA D 328 -13.86 -3.08 -10.91
N VAL D 329 -14.71 -2.38 -10.16
CA VAL D 329 -16.14 -2.42 -10.42
C VAL D 329 -16.44 -1.82 -11.78
N TYR D 330 -15.76 -0.72 -12.12
CA TYR D 330 -15.99 -0.05 -13.39
C TYR D 330 -15.76 -0.99 -14.56
N THR D 331 -14.60 -1.64 -14.62
CA THR D 331 -14.24 -2.44 -15.77
C THR D 331 -14.99 -3.77 -15.81
N ARG D 332 -15.40 -4.28 -14.65
CA ARG D 332 -16.28 -5.45 -14.65
C ARG D 332 -17.59 -5.11 -15.35
N GLU D 333 -18.17 -3.95 -15.04
CA GLU D 333 -19.42 -3.57 -15.69
C GLU D 333 -19.22 -3.27 -17.17
N LEU D 334 -18.05 -2.78 -17.56
CA LEU D 334 -17.79 -2.50 -18.97
C LEU D 334 -17.69 -3.78 -19.77
N GLY D 335 -16.96 -4.78 -19.25
CA GLY D 335 -16.88 -6.06 -19.94
C GLY D 335 -18.24 -6.71 -20.11
N TYR D 336 -19.05 -6.69 -19.06
CA TYR D 336 -20.41 -7.21 -19.16
C TYR D 336 -21.19 -6.48 -20.25
N GLY D 337 -21.12 -5.15 -20.26
CA GLY D 337 -21.88 -4.37 -21.23
C GLY D 337 -21.46 -4.63 -22.66
N ALA D 338 -20.21 -5.02 -22.88
CA ALA D 338 -19.79 -5.36 -24.23
C ALA D 338 -20.48 -6.63 -24.72
N ILE D 339 -20.55 -7.65 -23.85
CA ILE D 339 -21.22 -8.89 -24.22
C ILE D 339 -22.71 -8.66 -24.42
N ASP D 340 -23.32 -7.86 -23.55
CA ASP D 340 -24.73 -7.55 -23.70
C ASP D 340 -25.01 -6.84 -25.02
N ALA D 341 -24.09 -5.97 -25.45
CA ALA D 341 -24.25 -5.29 -26.73
C ALA D 341 -24.16 -6.27 -27.88
N PHE D 342 -23.24 -7.25 -27.79
CA PHE D 342 -23.20 -8.30 -28.80
C PHE D 342 -24.52 -9.06 -28.86
N LEU D 343 -25.08 -9.40 -27.69
CA LEU D 343 -26.31 -10.17 -27.66
C LEU D 343 -27.48 -9.40 -28.29
N ASN D 344 -27.48 -8.08 -28.17
CA ASN D 344 -28.57 -7.25 -28.69
C ASN D 344 -28.31 -6.75 -30.10
N GLY D 345 -27.32 -7.30 -30.80
CA GLY D 345 -27.12 -6.99 -32.20
C GLY D 345 -26.40 -5.70 -32.50
N HIS D 346 -25.80 -5.06 -31.49
CA HIS D 346 -25.10 -3.81 -31.72
C HIS D 346 -23.75 -4.05 -32.41
N SER D 347 -23.33 -3.07 -33.19
CA SER D 347 -22.04 -3.11 -33.86
C SER D 347 -21.60 -1.68 -34.17
N ALA D 348 -20.30 -1.51 -34.34
CA ALA D 348 -19.71 -0.18 -34.52
C ALA D 348 -20.14 0.76 -33.39
N ALA D 349 -20.11 0.24 -32.16
CA ALA D 349 -20.54 0.96 -30.98
C ALA D 349 -19.45 0.97 -29.93
N LEU D 350 -19.53 1.94 -29.04
CA LEU D 350 -18.57 2.11 -27.95
C LEU D 350 -19.28 1.85 -26.63
N ILE D 351 -18.66 1.03 -25.78
CA ILE D 351 -19.22 0.70 -24.48
C ILE D 351 -18.76 1.75 -23.48
N VAL D 352 -19.68 2.63 -23.06
CA VAL D 352 -19.40 3.67 -22.09
C VAL D 352 -20.39 3.53 -20.94
N ARG D 353 -20.06 4.14 -19.81
CA ARG D 353 -20.93 4.15 -18.64
C ARG D 353 -21.32 5.59 -18.36
N GLU D 354 -22.63 5.83 -18.32
CA GLU D 354 -23.17 7.18 -18.15
C GLU D 354 -24.26 7.12 -17.09
N ASN D 355 -24.11 7.95 -16.05
CA ASN D 355 -25.09 8.01 -14.97
C ASN D 355 -25.32 6.62 -14.39
N GLY D 356 -24.23 5.89 -14.17
CA GLY D 356 -24.29 4.58 -13.57
C GLY D 356 -24.83 3.48 -14.45
N GLN D 357 -24.97 3.72 -15.75
CA GLN D 357 -25.55 2.77 -16.67
C GLN D 357 -24.58 2.50 -17.82
N VAL D 358 -24.16 1.25 -17.98
CA VAL D 358 -23.35 0.86 -19.13
C VAL D 358 -24.26 0.67 -20.33
N LYS D 359 -23.91 1.29 -21.44
CA LYS D 359 -24.73 1.27 -22.65
C LYS D 359 -23.87 1.43 -23.87
N PRO D 360 -24.27 0.88 -25.02
CA PRO D 360 -23.54 1.13 -26.26
C PRO D 360 -23.92 2.47 -26.88
N VAL D 361 -22.93 3.13 -27.47
CA VAL D 361 -23.11 4.44 -28.10
C VAL D 361 -22.41 4.40 -29.45
N GLN D 362 -23.14 4.64 -30.53
CA GLN D 362 -22.55 4.54 -31.86
C GLN D 362 -21.33 5.43 -31.98
N PHE D 363 -20.31 4.93 -32.69
CA PHE D 363 -19.03 5.63 -32.78
C PHE D 363 -19.22 7.06 -33.27
N LYS D 364 -20.05 7.26 -34.28
CA LYS D 364 -20.19 8.60 -34.85
C LYS D 364 -20.86 9.57 -33.88
N ASP D 365 -21.70 9.07 -32.97
CA ASP D 365 -22.36 9.96 -32.04
C ASP D 365 -21.38 10.66 -31.11
N LEU D 366 -20.20 10.08 -30.90
CA LEU D 366 -19.19 10.64 -30.02
C LEU D 366 -18.11 11.43 -30.76
N LEU D 367 -18.10 11.38 -32.09
CA LEU D 367 -17.06 12.04 -32.86
C LEU D 367 -17.27 13.55 -32.92
N ASP D 368 -16.16 14.27 -32.82
CA ASP D 368 -16.17 15.70 -33.07
C ASP D 368 -16.02 15.94 -34.57
N PRO D 369 -16.99 16.57 -35.23
CA PRO D 369 -16.88 16.71 -36.70
C PRO D 369 -15.61 17.40 -37.16
N ALA D 370 -15.06 18.32 -36.36
CA ALA D 370 -13.90 19.08 -36.79
C ALA D 370 -12.64 18.22 -36.83
N THR D 371 -12.54 17.19 -35.99
CA THR D 371 -11.34 16.39 -35.88
C THR D 371 -11.44 15.02 -36.54
N GLY D 372 -12.64 14.43 -36.60
CA GLY D 372 -12.80 13.07 -37.05
C GLY D 372 -12.54 12.00 -36.01
N ARG D 373 -12.06 12.38 -34.83
CA ARG D 373 -11.87 11.46 -33.71
C ARG D 373 -12.85 11.82 -32.60
N VAL D 374 -12.93 10.95 -31.60
CA VAL D 374 -13.83 11.18 -30.47
C VAL D 374 -13.46 12.50 -29.82
N ARG D 375 -14.48 13.24 -29.35
CA ARG D 375 -14.24 14.54 -28.77
C ARG D 375 -13.49 14.42 -27.44
N THR D 376 -12.63 15.41 -27.18
CA THR D 376 -11.81 15.43 -25.98
C THR D 376 -12.45 16.35 -24.95
N ARG D 377 -12.75 15.80 -23.77
CA ARG D 377 -13.28 16.57 -22.66
C ARG D 377 -12.08 17.10 -21.86
N LEU D 378 -11.94 18.41 -21.79
CA LEU D 378 -10.85 19.05 -21.06
C LEU D 378 -11.36 19.53 -19.71
N VAL D 379 -10.43 20.00 -18.88
CA VAL D 379 -10.80 20.55 -17.59
C VAL D 379 -11.61 21.82 -17.82
N ASP D 380 -12.75 21.93 -17.15
CA ASP D 380 -13.60 23.12 -17.21
C ASP D 380 -13.12 24.09 -16.14
N VAL D 381 -12.34 25.09 -16.57
CA VAL D 381 -11.77 26.04 -15.61
C VAL D 381 -12.77 27.09 -15.16
N THR D 382 -14.00 27.07 -15.67
CA THR D 382 -15.05 27.92 -15.13
C THR D 382 -15.89 27.22 -14.06
N SER D 383 -15.72 25.91 -13.89
CA SER D 383 -16.51 25.18 -12.91
C SER D 383 -16.12 25.59 -11.49
N GLN D 384 -17.01 25.30 -10.54
CA GLN D 384 -16.70 25.59 -9.15
C GLN D 384 -15.57 24.69 -8.63
N SER D 385 -15.48 23.47 -9.14
CA SER D 385 -14.42 22.56 -8.68
C SER D 385 -13.04 23.15 -8.96
N PHE D 386 -12.86 23.75 -10.14
CA PHE D 386 -11.56 24.35 -10.46
C PHE D 386 -11.29 25.54 -9.56
N LYS D 387 -12.30 26.36 -9.27
CA LYS D 387 -12.07 27.49 -8.37
C LYS D 387 -11.77 27.03 -6.95
N VAL D 388 -12.36 25.92 -6.51
CA VAL D 388 -12.07 25.40 -5.18
C VAL D 388 -10.64 24.92 -5.09
N ALA D 389 -10.20 24.16 -6.09
CA ALA D 389 -8.80 23.72 -6.13
C ALA D 389 -7.86 24.93 -6.12
N ARG D 390 -8.21 25.97 -6.87
CA ARG D 390 -7.38 27.16 -6.92
C ARG D 390 -7.30 27.85 -5.57
N VAL D 391 -8.36 27.76 -4.77
CA VAL D 391 -8.38 28.43 -3.47
C VAL D 391 -7.28 27.90 -2.55
N TYR D 392 -7.03 26.60 -2.59
CA TYR D 392 -6.06 25.98 -1.70
C TYR D 392 -4.65 25.97 -2.29
N MET D 393 -4.42 26.63 -3.42
CA MET D 393 -3.10 26.85 -3.95
C MET D 393 -2.52 28.16 -3.42
N TRP D 394 -1.20 28.27 -3.45
CA TRP D 394 -0.50 29.51 -3.14
C TRP D 394 -0.25 30.26 -4.44
N ARG D 395 -0.76 31.48 -4.54
CA ARG D 395 -0.65 32.25 -5.77
C ARG D 395 -1.08 33.68 -5.51
N MET D 396 -0.75 34.56 -6.46
CA MET D 396 -1.09 35.96 -6.38
C MET D 396 -2.27 36.21 -7.32
N SER D 397 -3.45 36.48 -6.74
CA SER D 397 -4.63 36.81 -7.51
C SER D 397 -4.62 38.29 -7.88
N LYS D 398 -5.63 38.72 -8.63
CA LYS D 398 -5.79 40.14 -8.91
C LYS D 398 -5.86 40.94 -7.63
N LYS D 399 -6.72 40.52 -6.69
CA LYS D 399 -6.85 41.24 -5.43
C LYS D 399 -5.55 41.28 -4.67
N ASP D 400 -4.73 40.22 -4.77
CA ASP D 400 -3.46 40.19 -4.05
C ASP D 400 -2.51 41.26 -4.57
N TYR D 401 -2.47 41.47 -5.88
CA TYR D 401 -1.61 42.51 -6.43
C TYR D 401 -2.08 43.90 -6.00
N GLU D 402 -3.36 44.05 -5.69
CA GLU D 402 -3.89 45.31 -5.20
C GLU D 402 -3.72 45.48 -3.70
N ASN D 403 -3.34 44.42 -2.98
CA ASN D 403 -3.06 44.52 -1.55
C ASN D 403 -1.62 44.98 -1.39
N LYS D 404 -1.41 46.25 -1.04
CA LYS D 404 -0.07 46.82 -1.03
C LYS D 404 0.79 46.23 0.08
N ASP D 405 0.19 45.91 1.24
CA ASP D 405 0.95 45.30 2.31
C ASP D 405 1.47 43.93 1.88
N LEU D 406 0.62 43.14 1.21
CA LEU D 406 1.06 41.84 0.73
C LEU D 406 2.15 41.97 -0.34
N VAL D 407 1.94 42.86 -1.30
CA VAL D 407 2.92 43.04 -2.36
C VAL D 407 4.27 43.47 -1.79
N ALA D 408 4.26 44.27 -0.73
CA ALA D 408 5.51 44.71 -0.14
C ALA D 408 6.25 43.55 0.52
N ARG D 409 5.52 42.65 1.19
CA ARG D 409 6.19 41.51 1.81
C ARG D 409 6.75 40.55 0.77
N VAL D 410 5.99 40.29 -0.29
CA VAL D 410 6.43 39.34 -1.30
C VAL D 410 7.63 39.89 -2.07
N ALA D 411 7.57 41.18 -2.43
CA ALA D 411 8.71 41.79 -3.12
C ALA D 411 9.96 41.74 -2.27
N ALA D 412 9.83 42.11 -0.98
CA ALA D 412 10.97 42.04 -0.08
C ALA D 412 11.51 40.62 0.04
N ALA D 413 10.63 39.61 -0.03
CA ALA D 413 11.09 38.23 0.01
C ALA D 413 11.98 37.92 -1.18
N GLY D 414 11.68 38.51 -2.34
CA GLY D 414 12.50 38.37 -3.52
C GLY D 414 13.59 39.41 -3.64
N LYS D 415 13.79 40.22 -2.60
CA LYS D 415 14.84 41.25 -2.60
C LYS D 415 14.69 42.18 -3.80
N MET D 416 13.50 42.75 -3.94
CA MET D 416 13.21 43.70 -5.00
C MET D 416 12.21 44.71 -4.45
N THR D 417 12.12 45.86 -5.11
CA THR D 417 11.20 46.88 -4.66
C THR D 417 9.77 46.50 -5.02
N PRO D 418 8.79 47.01 -4.26
CA PRO D 418 7.38 46.73 -4.62
C PRO D 418 7.06 47.11 -6.06
N GLU D 419 7.66 48.21 -6.55
CA GLU D 419 7.39 48.63 -7.92
C GLU D 419 7.99 47.64 -8.92
N ALA D 420 9.17 47.09 -8.64
CA ALA D 420 9.77 46.11 -9.52
C ALA D 420 8.98 44.81 -9.54
N PHE D 421 8.44 44.41 -8.39
CA PHE D 421 7.64 43.18 -8.33
C PHE D 421 6.37 43.34 -9.15
N THR D 422 5.65 44.45 -8.96
CA THR D 422 4.43 44.70 -9.73
C THR D 422 4.75 44.80 -11.21
N GLU D 423 5.90 45.40 -11.55
CA GLU D 423 6.27 45.58 -12.95
C GLU D 423 6.47 44.24 -13.65
N LYS D 424 6.99 43.25 -12.93
CA LYS D 424 7.32 41.96 -13.53
C LYS D 424 6.15 40.98 -13.54
N PHE D 425 5.39 40.91 -12.44
CA PHE D 425 4.45 39.81 -12.24
C PHE D 425 2.99 40.20 -12.37
N ALA D 426 2.65 41.48 -12.25
CA ALA D 426 1.24 41.87 -12.17
C ALA D 426 0.47 41.52 -13.43
N HIS D 427 1.13 41.55 -14.58
CA HIS D 427 0.46 41.23 -15.84
C HIS D 427 -0.04 39.79 -15.92
N LEU D 428 0.42 38.91 -15.03
CA LEU D 428 0.04 37.51 -15.11
C LEU D 428 -1.45 37.28 -14.86
N THR D 429 -2.16 38.25 -14.29
CA THR D 429 -3.60 38.10 -14.08
C THR D 429 -4.37 38.07 -15.39
N ASP D 430 -3.77 38.58 -16.47
CA ASP D 430 -4.36 38.50 -17.80
C ASP D 430 -3.88 37.28 -18.58
N VAL D 431 -2.97 36.50 -18.02
CA VAL D 431 -2.45 35.33 -18.72
C VAL D 431 -3.27 34.07 -18.39
N VAL D 432 -3.75 33.96 -17.15
CA VAL D 432 -4.52 32.82 -16.70
C VAL D 432 -5.84 33.31 -16.12
N VAL D 433 -6.87 32.47 -16.24
CA VAL D 433 -8.16 32.80 -15.66
C VAL D 433 -8.01 33.00 -14.16
N GLU D 434 -8.88 33.82 -13.59
CA GLU D 434 -8.83 34.11 -12.15
C GLU D 434 -10.05 33.55 -11.43
#